data_6FG2
#
_entry.id   6FG2
#
_cell.length_a   105.404
_cell.length_b   66.619
_cell.length_c   199.502
_cell.angle_alpha   90.00
_cell.angle_beta   98.97
_cell.angle_gamma   90.00
#
_symmetry.space_group_name_H-M   'P 1 21 1'
#
loop_
_entity.id
_entity.type
_entity.pdbx_description
1 polymer 'HEAVY CHAIN FAB NAA84'
2 polymer 'LIGHT CHAIN FAB NAA84'
3 polymer 'HEAVY CHAIN FAB NATALIZUMAB'
4 polymer 'LIGHT CHAIN FAB NATALIZUMAB'
5 branched 2-acetamido-2-deoxy-beta-D-glucopyranose-(1-4)-2-acetamido-2-deoxy-beta-D-glucopyranose
#
loop_
_entity_poly.entity_id
_entity_poly.type
_entity_poly.pdbx_seq_one_letter_code
_entity_poly.pdbx_strand_id
1 'polypeptide(L)'
;EVQLVESGGGLVKPGGSLRLSCAASGFTFSSYSMSWVRQAPGKGLEWVSSISRSTPYIYYADSVKGRFTISRDNAKNSLY
LQMNSLRAEDTAVYYCARDLWSPDSNYYDQSAFDIWGQGTMVTVSSASTKGPSVFPLAPSSKSTSGGTAALGCLVKDYFP
EPVTVSWNSGALTSGVHTFPAVLQSSGLYSLSSVVTVPSSSLGTQTYICNVNHKPSNTKVDKKVEPKSCDKTHTENLYFQ
;
D,F
2 'polypeptide(L)'
;SSELTQDPAVSVALGQTVRITCQGDSLRSNYASWYQQKPGQAPLLVIYGKNYRPSGIPDRFSGSYSGNTASLTISGAQAE
DEADYYCNSRDSSGDHPVVFGGGTNLTVLGQPKAAPSVTLFPPSSEELQANKATLVCLISDFYPGAVTVAWKADSSPVKA
GVETTTPSKQSNNKYAASSYLSLTPEQWKSHRSYSCQVTHEGSTVEKTVAPTECS
;
E,G
3 'polypeptide(L)'
;QVQLVQSGAEVKKPGASVKVSCKASGFNIKDTYIHWVRQAPGQRLEWMGRIDPANGYTKYDPKFQGRVTITADTSASTAY
MELSSLRSEDEAVYYCAREGYYGNYGVYAMDYWGQGTLVTVSSASTKGPSVFPLAPCSRSTSESTAALGCLVKDYFPEPV
TVSWNSGALTSGVHTFPAVLQSSGLYSLSSVVTVPSSSLGTKTYTCNVDHKPSNTKVDKRVESKYGPPENLYFQ
;
H,I
4 'polypeptide(L)'
;DIQMTQSPSSLSASVGDRVTITCKTSQDINKYMAWYQQTPGKAPRLLIHYTSALQPGIPSRFSGSGSGRDYTFTISSLQP
EDIATYYCLQYDNLWTFGQGTKVEIKRTVAAPSVFIFPPSDEQLKSGTASVVCLLNNFYPREAKVQWKVDNALQSGNSQE
SVTEQDSKDSTYSLSSTLTLSKADYEKHKVYACEVTHQGLSSPVTKSFNRG
;
L,M
#
# COMPACT_ATOMS: atom_id res chain seq x y z
N VAL A 2 24.67 -21.54 -6.43
CA VAL A 2 23.26 -21.19 -6.57
C VAL A 2 23.06 -20.09 -7.63
N GLN A 3 22.32 -20.42 -8.70
CA GLN A 3 22.07 -19.51 -9.82
C GLN A 3 20.65 -19.58 -10.40
N LEU A 4 20.23 -18.47 -11.04
CA LEU A 4 18.97 -18.29 -11.76
C LEU A 4 19.30 -17.69 -13.11
N VAL A 5 19.02 -18.41 -14.20
CA VAL A 5 19.31 -17.93 -15.55
C VAL A 5 18.05 -17.92 -16.42
N GLU A 6 17.58 -16.72 -16.75
CA GLU A 6 16.40 -16.59 -17.61
C GLU A 6 16.80 -16.40 -19.06
N SER A 7 15.99 -16.98 -19.95
CA SER A 7 16.17 -16.95 -21.39
C SER A 7 14.80 -16.93 -22.06
N GLY A 8 14.75 -16.38 -23.26
CA GLY A 8 13.51 -16.31 -24.03
C GLY A 8 13.18 -14.92 -24.52
N GLY A 9 13.72 -13.91 -23.86
CA GLY A 9 13.51 -12.51 -24.20
C GLY A 9 14.20 -12.08 -25.49
N GLY A 10 13.56 -11.16 -26.18
CA GLY A 10 14.05 -10.58 -27.43
C GLY A 10 13.06 -9.63 -28.03
N LEU A 11 12.96 -9.63 -29.36
CA LEU A 11 12.04 -8.77 -30.08
C LEU A 11 10.72 -9.46 -30.38
N VAL A 12 9.63 -8.73 -30.19
CA VAL A 12 8.26 -9.19 -30.44
C VAL A 12 7.46 -8.01 -30.97
N LYS A 13 6.66 -8.25 -32.01
CA LYS A 13 5.83 -7.17 -32.55
C LYS A 13 4.57 -6.99 -31.68
N PRO A 14 3.94 -5.79 -31.61
CA PRO A 14 2.76 -5.62 -30.73
C PRO A 14 1.63 -6.60 -31.04
N GLY A 15 1.05 -7.18 -29.98
CA GLY A 15 -0.02 -8.15 -30.09
C GLY A 15 0.45 -9.60 -30.05
N GLY A 16 1.76 -9.79 -30.24
CA GLY A 16 2.40 -11.10 -30.25
C GLY A 16 2.53 -11.77 -28.89
N SER A 17 3.47 -12.73 -28.77
CA SER A 17 3.69 -13.46 -27.52
C SER A 17 5.09 -14.06 -27.34
N LEU A 18 5.49 -14.22 -26.06
CA LEU A 18 6.74 -14.82 -25.57
C LEU A 18 6.35 -15.72 -24.34
N ARG A 19 7.03 -16.86 -23.96
CA ARG A 19 8.26 -17.58 -24.36
C ARG A 19 9.40 -17.39 -23.34
N LEU A 20 9.08 -16.84 -22.14
CA LEU A 20 10.05 -16.55 -21.07
C LEU A 20 10.25 -17.71 -20.08
N SER A 21 11.50 -18.21 -19.98
CA SER A 21 11.85 -19.34 -19.11
C SER A 21 13.08 -19.07 -18.23
N CYS A 22 12.97 -19.35 -16.92
CA CYS A 22 14.02 -19.17 -15.92
C CYS A 22 14.48 -20.53 -15.43
N ALA A 23 15.80 -20.80 -15.46
CA ALA A 23 16.37 -22.08 -15.02
C ALA A 23 17.10 -21.95 -13.68
N ALA A 24 16.63 -22.72 -12.69
CA ALA A 24 17.18 -22.72 -11.34
C ALA A 24 18.16 -23.87 -11.11
N SER A 25 19.28 -23.56 -10.42
CA SER A 25 20.34 -24.51 -10.08
C SER A 25 20.95 -24.18 -8.72
N GLY A 26 21.49 -25.20 -8.05
CA GLY A 26 22.15 -25.07 -6.75
C GLY A 26 21.27 -25.28 -5.54
N PHE A 27 19.94 -25.26 -5.72
CA PHE A 27 18.97 -25.44 -4.62
C PHE A 27 17.77 -26.29 -5.06
N THR A 28 16.93 -26.69 -4.09
CA THR A 28 15.71 -27.48 -4.35
C THR A 28 14.63 -26.50 -4.84
N PHE A 29 14.37 -26.49 -6.18
CA PHE A 29 13.38 -25.62 -6.83
C PHE A 29 12.00 -25.70 -6.14
N SER A 30 11.46 -26.92 -5.97
CA SER A 30 10.20 -27.13 -5.25
C SER A 30 10.56 -26.95 -3.77
N SER A 31 9.72 -26.19 -3.03
CA SER A 31 9.86 -25.75 -1.62
C SER A 31 10.26 -24.25 -1.59
N TYR A 32 10.26 -23.61 -2.78
CA TYR A 32 10.60 -22.20 -2.95
C TYR A 32 9.59 -21.51 -3.86
N SER A 33 9.07 -20.36 -3.41
CA SER A 33 8.11 -19.56 -4.16
C SER A 33 8.86 -18.65 -5.14
N MET A 34 8.45 -18.70 -6.42
CA MET A 34 9.10 -17.92 -7.49
C MET A 34 8.22 -16.80 -8.02
N SER A 35 8.86 -15.71 -8.47
CA SER A 35 8.14 -14.56 -9.00
C SER A 35 8.96 -13.77 -10.03
N TRP A 36 8.27 -13.18 -11.03
CA TRP A 36 8.89 -12.35 -12.07
C TRP A 36 8.72 -10.87 -11.71
N VAL A 37 9.78 -10.06 -11.92
CA VAL A 37 9.83 -8.61 -11.67
C VAL A 37 10.45 -7.96 -12.92
N ARG A 38 9.70 -7.07 -13.60
CA ARG A 38 10.19 -6.38 -14.79
C ARG A 38 10.72 -4.99 -14.47
N GLN A 39 11.55 -4.45 -15.38
CA GLN A 39 12.10 -3.11 -15.23
C GLN A 39 12.23 -2.42 -16.58
N ALA A 40 11.36 -1.41 -16.83
CA ALA A 40 11.37 -0.63 -18.06
C ALA A 40 12.63 0.25 -18.07
N PRO A 41 13.27 0.47 -19.25
CA PRO A 41 14.52 1.26 -19.25
C PRO A 41 14.37 2.66 -18.69
N GLY A 42 15.23 2.98 -17.71
CA GLY A 42 15.23 4.26 -17.00
C GLY A 42 14.25 4.33 -15.85
N LYS A 43 13.31 3.36 -15.80
CA LYS A 43 12.26 3.25 -14.78
C LYS A 43 12.66 2.27 -13.69
N GLY A 44 11.83 2.20 -12.63
CA GLY A 44 12.06 1.34 -11.48
C GLY A 44 11.52 -0.06 -11.63
N LEU A 45 11.72 -0.89 -10.59
CA LEU A 45 11.26 -2.28 -10.52
C LEU A 45 9.75 -2.35 -10.41
N GLU A 46 9.13 -3.29 -11.12
CA GLU A 46 7.68 -3.53 -11.11
C GLU A 46 7.44 -5.03 -11.06
N TRP A 47 6.70 -5.46 -10.03
CA TRP A 47 6.34 -6.87 -9.85
C TRP A 47 5.34 -7.29 -10.94
N VAL A 48 5.54 -8.48 -11.52
CA VAL A 48 4.69 -9.00 -12.59
C VAL A 48 3.77 -10.11 -12.07
N SER A 49 4.36 -11.24 -11.67
CA SER A 49 3.60 -12.39 -11.21
C SER A 49 4.31 -13.12 -10.07
N SER A 50 3.63 -14.11 -9.45
CA SER A 50 4.14 -14.93 -8.36
C SER A 50 3.50 -16.32 -8.35
N ILE A 51 4.28 -17.34 -7.95
CA ILE A 51 3.88 -18.74 -7.88
C ILE A 51 4.44 -19.36 -6.58
N SER A 52 3.54 -19.80 -5.67
CA SER A 52 3.91 -20.37 -4.36
C SER A 52 4.59 -21.73 -4.47
N ARG A 53 5.33 -22.13 -3.40
CA ARG A 53 6.11 -23.37 -3.23
C ARG A 53 5.85 -24.49 -4.26
N SER A 54 4.61 -25.03 -4.26
CA SER A 54 4.11 -26.11 -5.12
C SER A 54 2.59 -26.26 -4.88
N THR A 55 2.01 -25.34 -4.07
CA THR A 55 0.61 -25.29 -3.60
C THR A 55 -0.43 -25.67 -4.70
N PRO A 56 -0.51 -25.10 -5.94
CA PRO A 56 0.29 -24.06 -6.61
C PRO A 56 -0.50 -22.75 -6.80
N TYR A 57 -0.48 -21.86 -5.79
CA TYR A 57 -1.20 -20.58 -5.88
C TYR A 57 -0.51 -19.58 -6.80
N ILE A 58 -1.31 -18.83 -7.60
CA ILE A 58 -0.85 -17.89 -8.61
C ILE A 58 -1.41 -16.47 -8.42
N TYR A 59 -0.55 -15.43 -8.62
CA TYR A 59 -0.87 -14.01 -8.47
C TYR A 59 -0.35 -13.18 -9.65
N TYR A 60 -1.16 -12.24 -10.17
CA TYR A 60 -0.74 -11.36 -11.27
C TYR A 60 -0.94 -9.89 -10.92
N ALA A 61 -0.10 -9.00 -11.48
CA ALA A 61 -0.22 -7.55 -11.30
C ALA A 61 -1.34 -7.07 -12.21
N ASP A 62 -2.14 -6.08 -11.74
CA ASP A 62 -3.30 -5.52 -12.45
C ASP A 62 -3.08 -5.25 -13.94
N SER A 63 -1.91 -4.70 -14.31
CA SER A 63 -1.56 -4.38 -15.70
C SER A 63 -1.40 -5.60 -16.60
N VAL A 64 -0.86 -6.71 -16.07
CA VAL A 64 -0.62 -7.93 -16.84
C VAL A 64 -1.70 -9.01 -16.63
N LYS A 65 -2.80 -8.68 -15.91
CA LYS A 65 -3.90 -9.61 -15.65
C LYS A 65 -4.64 -10.00 -16.93
N GLY A 66 -4.83 -11.30 -17.10
CA GLY A 66 -5.51 -11.89 -18.24
C GLY A 66 -4.77 -11.78 -19.56
N ARG A 67 -3.41 -11.74 -19.51
CA ARG A 67 -2.54 -11.65 -20.68
C ARG A 67 -1.33 -12.55 -20.48
N PHE A 68 -0.68 -12.43 -19.31
CA PHE A 68 0.50 -13.18 -18.91
C PHE A 68 0.07 -14.40 -18.07
N THR A 69 0.79 -15.53 -18.23
CA THR A 69 0.48 -16.76 -17.49
C THR A 69 1.74 -17.40 -16.89
N ILE A 70 1.80 -17.47 -15.56
CA ILE A 70 2.91 -18.06 -14.80
C ILE A 70 2.70 -19.57 -14.63
N SER A 71 3.76 -20.36 -14.82
CA SER A 71 3.77 -21.82 -14.72
C SER A 71 5.16 -22.30 -14.28
N ARG A 72 5.22 -23.45 -13.60
CA ARG A 72 6.50 -24.00 -13.15
C ARG A 72 6.60 -25.51 -13.34
N ASP A 73 7.74 -25.97 -13.90
CA ASP A 73 8.02 -27.39 -14.10
C ASP A 73 9.02 -27.79 -13.02
N ASN A 74 8.50 -28.24 -11.87
CA ASN A 74 9.30 -28.65 -10.71
C ASN A 74 10.27 -29.80 -11.01
N ALA A 75 9.95 -30.61 -12.04
CA ALA A 75 10.78 -31.72 -12.49
C ALA A 75 11.97 -31.22 -13.31
N LYS A 76 11.73 -30.23 -14.18
CA LYS A 76 12.73 -29.62 -15.06
C LYS A 76 13.46 -28.42 -14.43
N ASN A 77 13.16 -28.11 -13.13
CA ASN A 77 13.71 -26.97 -12.36
C ASN A 77 13.59 -25.64 -13.14
N SER A 78 12.39 -25.41 -13.71
CA SER A 78 12.13 -24.24 -14.53
C SER A 78 10.85 -23.49 -14.20
N LEU A 79 10.93 -22.15 -14.34
CA LEU A 79 9.84 -21.20 -14.16
C LEU A 79 9.54 -20.63 -15.53
N TYR A 80 8.26 -20.45 -15.86
CA TYR A 80 7.85 -19.94 -17.16
C TYR A 80 6.91 -18.74 -17.06
N LEU A 81 6.75 -18.00 -18.16
CA LEU A 81 5.84 -16.86 -18.28
C LEU A 81 5.35 -16.76 -19.72
N GLN A 82 4.04 -17.01 -19.94
CA GLN A 82 3.41 -16.95 -21.26
C GLN A 82 2.71 -15.58 -21.46
N MET A 83 3.53 -14.57 -21.81
CA MET A 83 3.09 -13.20 -22.03
C MET A 83 2.45 -13.01 -23.42
N ASN A 84 1.10 -13.05 -23.46
CA ASN A 84 0.30 -12.90 -24.67
C ASN A 84 -0.17 -11.46 -24.86
N SER A 85 -0.66 -11.12 -26.10
CA SER A 85 -1.16 -9.81 -26.53
C SER A 85 -0.34 -8.66 -25.91
N LEU A 86 0.95 -8.64 -26.25
CA LEU A 86 1.93 -7.69 -25.73
C LEU A 86 1.76 -6.28 -26.27
N ARG A 87 1.66 -5.33 -25.34
CA ARG A 87 1.55 -3.90 -25.62
C ARG A 87 2.97 -3.34 -25.67
N ALA A 88 3.18 -2.21 -26.37
CA ALA A 88 4.49 -1.56 -26.51
C ALA A 88 5.15 -1.25 -25.16
N GLU A 89 4.35 -0.89 -24.14
CA GLU A 89 4.80 -0.54 -22.79
C GLU A 89 5.38 -1.71 -22.01
N ASP A 90 5.13 -2.96 -22.45
CA ASP A 90 5.66 -4.17 -21.81
C ASP A 90 7.18 -4.31 -22.02
N THR A 91 7.80 -3.41 -22.82
CA THR A 91 9.23 -3.36 -23.10
C THR A 91 9.97 -3.14 -21.78
N ALA A 92 10.67 -4.20 -21.31
CA ALA A 92 11.42 -4.18 -20.06
C ALA A 92 12.44 -5.34 -19.98
N VAL A 93 13.32 -5.29 -18.94
CA VAL A 93 14.30 -6.33 -18.59
C VAL A 93 13.54 -7.16 -17.57
N TYR A 94 13.34 -8.45 -17.85
CA TYR A 94 12.55 -9.31 -16.98
C TYR A 94 13.40 -10.18 -16.08
N TYR A 95 13.30 -9.93 -14.76
CA TYR A 95 14.04 -10.64 -13.73
C TYR A 95 13.24 -11.75 -13.09
N CYS A 96 13.92 -12.85 -12.82
CA CYS A 96 13.40 -14.05 -12.17
C CYS A 96 14.01 -14.04 -10.77
N ALA A 97 13.15 -13.93 -9.73
CA ALA A 97 13.57 -13.82 -8.33
C ALA A 97 13.00 -14.89 -7.41
N ARG A 98 13.84 -15.36 -6.46
CA ARG A 98 13.55 -16.38 -5.46
C ARG A 98 13.00 -15.69 -4.21
N ASP A 99 11.70 -15.91 -3.90
CA ASP A 99 11.03 -15.26 -2.75
C ASP A 99 11.49 -15.80 -1.38
N LEU A 100 12.10 -17.01 -1.30
CA LEU A 100 12.62 -17.62 -0.07
C LEU A 100 11.49 -18.13 0.89
N TRP A 101 10.43 -17.33 1.12
CA TRP A 101 9.29 -17.76 1.93
C TRP A 101 8.03 -17.73 1.06
N SER A 102 7.23 -18.80 1.10
CA SER A 102 5.98 -18.92 0.33
C SER A 102 4.86 -18.06 0.93
N PRO A 103 3.91 -17.51 0.12
CA PRO A 103 2.81 -16.74 0.71
C PRO A 103 1.95 -17.53 1.69
N ASP A 104 1.84 -18.87 1.49
CA ASP A 104 1.08 -19.80 2.35
C ASP A 104 1.81 -20.16 3.66
N SER A 105 3.14 -20.08 3.65
CA SER A 105 3.98 -20.39 4.81
C SER A 105 3.94 -19.26 5.87
N ASN A 106 4.48 -19.55 7.06
CA ASN A 106 4.61 -18.58 8.16
C ASN A 106 5.82 -17.67 7.81
N TYR A 107 6.08 -16.64 8.65
CA TYR A 107 7.18 -15.66 8.50
C TYR A 107 7.28 -15.01 7.09
N TYR A 108 6.19 -15.05 6.28
CA TYR A 108 6.14 -14.45 4.95
C TYR A 108 6.20 -12.93 5.05
N ASP A 109 5.99 -12.40 6.27
CA ASP A 109 6.08 -10.99 6.63
C ASP A 109 7.54 -10.54 6.61
N GLN A 110 8.46 -11.49 6.83
CA GLN A 110 9.91 -11.26 6.87
C GLN A 110 10.63 -11.83 5.64
N SER A 111 9.88 -12.10 4.56
CA SER A 111 10.41 -12.64 3.31
C SER A 111 11.17 -11.58 2.48
N ALA A 112 11.87 -12.04 1.42
CA ALA A 112 12.65 -11.19 0.51
C ALA A 112 13.18 -11.97 -0.70
N PHE A 113 13.55 -11.24 -1.77
CA PHE A 113 14.12 -11.81 -2.98
C PHE A 113 15.65 -11.85 -2.78
N ASP A 114 16.14 -12.96 -2.21
CA ASP A 114 17.57 -13.15 -1.91
C ASP A 114 18.42 -13.40 -3.15
N ILE A 115 17.94 -14.27 -4.05
CA ILE A 115 18.62 -14.64 -5.29
C ILE A 115 17.80 -14.16 -6.50
N TRP A 116 18.47 -13.41 -7.38
CA TRP A 116 17.91 -12.81 -8.59
C TRP A 116 18.62 -13.33 -9.83
N GLY A 117 17.92 -13.25 -10.96
CA GLY A 117 18.45 -13.64 -12.26
C GLY A 117 19.16 -12.50 -12.97
N GLN A 118 19.87 -12.82 -14.06
CA GLN A 118 20.62 -11.87 -14.88
C GLN A 118 19.71 -10.85 -15.60
N GLY A 119 18.50 -11.30 -15.95
CA GLY A 119 17.50 -10.50 -16.63
C GLY A 119 17.52 -10.76 -18.12
N THR A 120 16.34 -10.94 -18.72
CA THR A 120 16.25 -11.16 -20.16
C THR A 120 15.46 -10.00 -20.78
N MET A 121 16.15 -9.22 -21.62
CA MET A 121 15.62 -8.04 -22.29
C MET A 121 14.51 -8.43 -23.27
N VAL A 122 13.30 -7.86 -23.10
CA VAL A 122 12.18 -8.05 -24.01
C VAL A 122 11.78 -6.67 -24.54
N THR A 123 11.72 -6.56 -25.88
CA THR A 123 11.39 -5.33 -26.59
C THR A 123 10.14 -5.55 -27.43
N VAL A 124 9.09 -4.74 -27.19
CA VAL A 124 7.83 -4.82 -27.94
C VAL A 124 7.83 -3.69 -28.94
N SER A 125 8.14 -4.00 -30.22
CA SER A 125 8.20 -3.01 -31.29
C SER A 125 7.82 -3.57 -32.65
N SER A 126 7.13 -2.73 -33.44
CA SER A 126 6.69 -3.03 -34.81
C SER A 126 7.89 -3.13 -35.76
N ALA A 127 8.99 -2.43 -35.44
CA ALA A 127 10.24 -2.45 -36.21
C ALA A 127 10.88 -3.86 -36.21
N SER A 128 11.48 -4.26 -37.33
CA SER A 128 12.10 -5.58 -37.53
C SER A 128 13.51 -5.68 -36.94
N THR A 129 13.91 -6.90 -36.52
CA THR A 129 15.24 -7.20 -35.95
C THR A 129 16.36 -6.95 -36.97
N LYS A 130 17.58 -6.64 -36.50
CA LYS A 130 18.73 -6.36 -37.35
C LYS A 130 20.04 -6.75 -36.67
N GLY A 131 20.87 -7.50 -37.41
CA GLY A 131 22.16 -7.99 -36.95
C GLY A 131 23.26 -6.95 -37.02
N PRO A 132 24.35 -7.10 -36.24
CA PRO A 132 25.41 -6.09 -36.25
C PRO A 132 26.46 -6.27 -37.34
N SER A 133 27.08 -5.16 -37.72
CA SER A 133 28.18 -5.11 -38.68
C SER A 133 29.41 -4.78 -37.83
N VAL A 134 30.27 -5.77 -37.63
CA VAL A 134 31.47 -5.60 -36.80
C VAL A 134 32.67 -5.19 -37.65
N PHE A 135 33.35 -4.11 -37.24
CA PHE A 135 34.53 -3.57 -37.91
C PHE A 135 35.69 -3.47 -36.93
N PRO A 136 36.94 -3.78 -37.35
CA PRO A 136 38.05 -3.68 -36.39
C PRO A 136 38.64 -2.28 -36.28
N LEU A 137 38.76 -1.81 -35.03
CA LEU A 137 39.34 -0.52 -34.71
C LEU A 137 40.82 -0.76 -34.44
N ALA A 138 41.66 -0.56 -35.49
CA ALA A 138 43.11 -0.75 -35.52
C ALA A 138 43.83 -0.17 -34.29
N PRO A 139 44.86 -0.87 -33.73
CA PRO A 139 45.54 -0.34 -32.53
C PRO A 139 46.11 1.07 -32.66
N SER A 140 45.82 1.91 -31.64
CA SER A 140 46.23 3.31 -31.57
C SER A 140 47.11 3.59 -30.36
N SER A 141 48.39 3.89 -30.62
CA SER A 141 49.37 4.25 -29.61
C SER A 141 49.33 5.75 -29.48
N LYS A 142 48.60 6.21 -28.46
CA LYS A 142 48.34 7.60 -28.07
C LYS A 142 47.92 7.59 -26.59
N SER A 143 47.52 6.40 -26.10
CA SER A 143 47.06 6.07 -24.75
C SER A 143 47.08 4.54 -24.56
N THR A 144 47.41 4.00 -23.36
CA THR A 144 47.71 4.70 -22.11
C THR A 144 49.23 4.93 -21.91
N SER A 145 50.09 4.27 -22.72
CA SER A 145 51.55 4.38 -22.64
C SER A 145 52.23 4.31 -24.03
N GLY A 146 53.57 4.26 -24.01
CA GLY A 146 54.41 4.11 -25.20
C GLY A 146 54.61 2.64 -25.47
N GLY A 147 54.46 1.86 -24.39
CA GLY A 147 54.50 0.40 -24.37
C GLY A 147 53.11 -0.21 -24.33
N THR A 148 52.06 0.62 -24.47
CA THR A 148 50.64 0.22 -24.48
C THR A 148 49.92 0.90 -25.66
N ALA A 149 49.00 0.16 -26.30
CA ALA A 149 48.19 0.63 -27.41
C ALA A 149 46.74 0.19 -27.26
N ALA A 150 45.79 1.02 -27.74
CA ALA A 150 44.37 0.76 -27.64
C ALA A 150 43.75 0.30 -28.96
N LEU A 151 43.23 -0.95 -28.98
CA LEU A 151 42.54 -1.54 -30.12
C LEU A 151 41.12 -1.93 -29.74
N GLY A 152 40.21 -1.89 -30.70
CA GLY A 152 38.82 -2.21 -30.43
C GLY A 152 37.99 -2.82 -31.54
N CYS A 153 36.68 -2.94 -31.27
CA CYS A 153 35.66 -3.48 -32.16
C CYS A 153 34.49 -2.54 -32.23
N LEU A 154 34.02 -2.26 -33.45
CA LEU A 154 32.87 -1.41 -33.66
C LEU A 154 31.68 -2.28 -33.99
N VAL A 155 30.69 -2.31 -33.10
CA VAL A 155 29.46 -3.05 -33.27
C VAL A 155 28.47 -2.04 -33.87
N LYS A 156 28.53 -1.89 -35.21
CA LYS A 156 27.73 -0.93 -35.97
C LYS A 156 26.37 -1.47 -36.38
N ASP A 157 25.33 -0.62 -36.22
CA ASP A 157 23.91 -0.78 -36.57
C ASP A 157 23.33 -2.17 -36.29
N TYR A 158 22.66 -2.29 -35.13
CA TYR A 158 21.98 -3.51 -34.67
C TYR A 158 20.68 -3.15 -33.94
N PHE A 159 19.85 -4.16 -33.63
CA PHE A 159 18.57 -3.99 -32.94
C PHE A 159 17.99 -5.35 -32.52
N PRO A 160 17.48 -5.53 -31.27
CA PRO A 160 17.45 -4.61 -30.13
C PRO A 160 18.79 -4.52 -29.39
N GLU A 161 18.82 -3.72 -28.30
CA GLU A 161 19.96 -3.37 -27.44
C GLU A 161 20.89 -4.53 -26.94
N PRO A 162 20.42 -5.74 -26.53
CA PRO A 162 21.36 -6.74 -25.96
C PRO A 162 22.46 -7.28 -26.90
N VAL A 163 23.70 -6.75 -26.76
CA VAL A 163 24.91 -7.20 -27.47
C VAL A 163 26.02 -7.54 -26.46
N THR A 164 26.60 -8.75 -26.58
CA THR A 164 27.63 -9.27 -25.68
C THR A 164 29.00 -9.27 -26.34
N VAL A 165 29.97 -8.57 -25.75
CA VAL A 165 31.34 -8.51 -26.29
C VAL A 165 32.39 -8.95 -25.26
N SER A 166 33.23 -9.92 -25.66
CA SER A 166 34.37 -10.42 -24.88
C SER A 166 35.62 -10.38 -25.78
N TRP A 167 36.81 -10.58 -25.21
CA TRP A 167 38.06 -10.56 -25.99
C TRP A 167 38.84 -11.84 -25.84
N ASN A 168 39.36 -12.36 -26.96
CA ASN A 168 40.10 -13.63 -27.08
C ASN A 168 39.36 -14.77 -26.38
N SER A 169 38.06 -14.92 -26.73
CA SER A 169 37.11 -15.91 -26.21
C SER A 169 37.12 -16.01 -24.66
N GLY A 170 37.05 -14.83 -24.02
CA GLY A 170 37.01 -14.72 -22.57
C GLY A 170 38.34 -14.66 -21.85
N ALA A 171 39.46 -15.01 -22.52
CA ALA A 171 40.80 -14.99 -21.92
C ALA A 171 41.24 -13.58 -21.54
N LEU A 172 41.20 -12.63 -22.49
CA LEU A 172 41.57 -11.24 -22.27
C LEU A 172 40.47 -10.49 -21.52
N THR A 173 40.78 -10.07 -20.28
CA THR A 173 39.87 -9.34 -19.39
C THR A 173 40.45 -8.00 -18.95
N SER A 174 41.80 -7.94 -18.80
CA SER A 174 42.52 -6.75 -18.38
C SER A 174 42.55 -5.67 -19.47
N GLY A 175 42.00 -4.51 -19.14
CA GLY A 175 41.94 -3.36 -20.03
C GLY A 175 40.70 -3.29 -20.91
N VAL A 176 39.85 -4.33 -20.84
CA VAL A 176 38.62 -4.43 -21.63
C VAL A 176 37.61 -3.40 -21.11
N HIS A 177 37.15 -2.53 -22.01
CA HIS A 177 36.14 -1.51 -21.70
C HIS A 177 35.12 -1.52 -22.83
N THR A 178 33.94 -2.09 -22.57
CA THR A 178 32.84 -2.19 -23.54
C THR A 178 31.87 -1.04 -23.28
N PHE A 179 31.98 0.03 -24.09
CA PHE A 179 31.19 1.26 -23.99
C PHE A 179 29.69 1.04 -24.17
N PRO A 180 28.80 1.88 -23.58
CA PRO A 180 27.36 1.72 -23.81
C PRO A 180 26.99 2.19 -25.22
N ALA A 181 25.92 1.64 -25.80
CA ALA A 181 25.51 1.96 -27.16
C ALA A 181 24.67 3.22 -27.32
N VAL A 182 24.79 3.86 -28.50
CA VAL A 182 24.04 5.05 -28.88
C VAL A 182 22.75 4.63 -29.57
N LEU A 183 21.64 5.36 -29.34
CA LEU A 183 20.41 5.09 -30.07
C LEU A 183 20.43 6.11 -31.18
N GLN A 184 20.79 5.67 -32.39
CA GLN A 184 20.93 6.53 -33.56
C GLN A 184 19.61 7.09 -34.10
N SER A 185 19.71 8.05 -35.05
CA SER A 185 18.61 8.69 -35.78
C SER A 185 17.80 7.63 -36.54
N SER A 186 18.51 6.61 -37.08
CA SER A 186 17.95 5.48 -37.80
C SER A 186 17.05 4.62 -36.90
N GLY A 187 17.34 4.64 -35.60
CA GLY A 187 16.63 3.87 -34.59
C GLY A 187 17.43 2.64 -34.18
N LEU A 188 18.57 2.42 -34.86
CA LEU A 188 19.50 1.31 -34.67
C LEU A 188 20.62 1.66 -33.71
N TYR A 189 21.01 0.70 -32.85
CA TYR A 189 22.08 0.88 -31.87
C TYR A 189 23.47 0.69 -32.47
N SER A 190 24.47 1.34 -31.87
CA SER A 190 25.88 1.22 -32.27
C SER A 190 26.73 1.27 -31.01
N LEU A 191 27.48 0.20 -30.76
CA LEU A 191 28.30 0.00 -29.56
C LEU A 191 29.79 -0.17 -29.94
N SER A 192 30.70 0.04 -28.96
CA SER A 192 32.14 -0.12 -29.17
C SER A 192 32.80 -0.76 -27.95
N SER A 193 33.85 -1.54 -28.17
CA SER A 193 34.59 -2.21 -27.10
C SER A 193 36.08 -2.11 -27.38
N VAL A 194 36.85 -1.51 -26.46
CA VAL A 194 38.29 -1.31 -26.60
C VAL A 194 39.09 -1.93 -25.46
N VAL A 195 40.31 -2.40 -25.77
CA VAL A 195 41.21 -3.01 -24.79
C VAL A 195 42.66 -2.51 -24.97
N THR A 196 43.24 -1.99 -23.87
CA THR A 196 44.62 -1.49 -23.87
C THR A 196 45.57 -2.66 -23.63
N VAL A 197 46.38 -2.97 -24.64
CA VAL A 197 47.32 -4.10 -24.68
C VAL A 197 48.79 -3.65 -24.92
N PRO A 198 49.81 -4.48 -24.60
CA PRO A 198 51.21 -4.04 -24.83
C PRO A 198 51.61 -3.86 -26.28
N SER A 199 52.40 -2.80 -26.55
CA SER A 199 52.93 -2.45 -27.86
C SER A 199 54.00 -3.46 -28.28
N SER A 200 54.66 -4.09 -27.30
CA SER A 200 55.68 -5.10 -27.49
C SER A 200 55.05 -6.37 -28.09
N SER A 201 53.97 -6.88 -27.45
CA SER A 201 53.24 -8.07 -27.87
C SER A 201 52.21 -7.82 -28.99
N LEU A 202 52.20 -6.62 -29.59
CA LEU A 202 51.28 -6.23 -30.65
C LEU A 202 51.47 -7.05 -31.95
N GLY A 203 52.72 -7.43 -32.24
CA GLY A 203 53.05 -8.23 -33.41
C GLY A 203 52.96 -9.72 -33.18
N THR A 204 53.28 -10.17 -31.95
CA THR A 204 53.29 -11.59 -31.58
C THR A 204 51.90 -12.13 -31.18
N GLN A 205 51.16 -11.40 -30.32
CA GLN A 205 49.84 -11.80 -29.84
C GLN A 205 48.71 -11.42 -30.79
N THR A 206 47.70 -12.30 -30.89
CA THR A 206 46.52 -12.13 -31.74
C THR A 206 45.35 -11.63 -30.90
N TYR A 207 44.65 -10.58 -31.37
CA TYR A 207 43.50 -10.00 -30.66
C TYR A 207 42.22 -10.08 -31.48
N ILE A 208 41.29 -10.96 -31.05
CA ILE A 208 40.00 -11.25 -31.68
C ILE A 208 38.88 -10.96 -30.68
N CYS A 209 37.86 -10.19 -31.09
CA CYS A 209 36.74 -9.88 -30.21
C CYS A 209 35.53 -10.77 -30.51
N ASN A 210 34.92 -11.33 -29.47
CA ASN A 210 33.76 -12.20 -29.60
C ASN A 210 32.43 -11.45 -29.40
N VAL A 211 31.90 -10.89 -30.49
CA VAL A 211 30.62 -10.17 -30.51
C VAL A 211 29.49 -11.20 -30.64
N ASN A 212 28.44 -11.06 -29.83
CA ASN A 212 27.27 -11.94 -29.84
C ASN A 212 25.97 -11.15 -29.73
N HIS A 213 25.14 -11.20 -30.78
CA HIS A 213 23.84 -10.54 -30.79
C HIS A 213 22.77 -11.60 -30.67
N LYS A 214 22.39 -11.88 -29.42
CA LYS A 214 21.40 -12.89 -29.03
C LYS A 214 20.08 -12.81 -29.84
N PRO A 215 19.40 -11.63 -29.99
CA PRO A 215 18.12 -11.61 -30.72
C PRO A 215 18.18 -11.81 -32.25
N SER A 216 19.37 -11.74 -32.86
CA SER A 216 19.50 -11.98 -34.31
C SER A 216 20.35 -13.25 -34.58
N ASN A 217 20.78 -13.93 -33.48
CA ASN A 217 21.57 -15.18 -33.42
C ASN A 217 22.93 -15.06 -34.14
N THR A 218 23.35 -13.82 -34.44
CA THR A 218 24.63 -13.49 -35.08
C THR A 218 25.74 -13.59 -34.03
N LYS A 219 26.88 -14.15 -34.43
CA LYS A 219 28.06 -14.28 -33.59
C LYS A 219 29.29 -13.96 -34.43
N VAL A 220 29.88 -12.77 -34.23
CA VAL A 220 31.05 -12.33 -34.98
C VAL A 220 32.32 -12.46 -34.13
N ASP A 221 33.36 -13.07 -34.72
CA ASP A 221 34.66 -13.25 -34.08
C ASP A 221 35.70 -12.54 -34.94
N LYS A 222 35.71 -11.19 -34.90
CA LYS A 222 36.61 -10.35 -35.69
C LYS A 222 37.97 -10.11 -35.06
N LYS A 223 39.03 -10.34 -35.85
CA LYS A 223 40.43 -10.16 -35.49
C LYS A 223 40.86 -8.73 -35.84
N VAL A 224 41.55 -8.05 -34.90
CA VAL A 224 42.05 -6.69 -35.09
C VAL A 224 43.57 -6.74 -35.34
N GLU A 225 44.03 -6.10 -36.42
CA GLU A 225 45.43 -6.08 -36.84
C GLU A 225 45.94 -4.66 -37.12
N PRO A 226 47.24 -4.36 -36.87
CA PRO A 226 47.74 -2.98 -37.15
C PRO A 226 47.83 -2.64 -38.64
N SER B 2 -1.57 -1.60 -2.04
CA SER B 2 -0.86 -1.79 -3.30
C SER B 2 0.04 -0.58 -3.66
N GLU B 3 0.49 0.17 -2.64
CA GLU B 3 1.34 1.36 -2.79
C GLU B 3 2.49 1.43 -1.78
N LEU B 4 3.70 1.73 -2.29
CA LEU B 4 4.91 1.88 -1.47
C LEU B 4 5.66 3.10 -2.00
N THR B 5 5.65 4.18 -1.20
CA THR B 5 6.26 5.46 -1.61
C THR B 5 7.58 5.76 -0.94
N GLN B 6 8.57 6.14 -1.76
CA GLN B 6 9.89 6.57 -1.31
C GLN B 6 10.39 7.77 -2.14
N ASP B 7 11.35 8.52 -1.55
CA ASP B 7 11.94 9.72 -2.14
C ASP B 7 12.63 9.39 -3.46
N PRO B 8 12.26 10.05 -4.58
CA PRO B 8 12.88 9.71 -5.88
C PRO B 8 14.40 9.91 -5.95
N ALA B 9 14.96 10.84 -5.14
CA ALA B 9 16.39 11.15 -5.06
C ALA B 9 16.78 11.69 -3.69
N VAL B 10 17.92 11.21 -3.15
CA VAL B 10 18.50 11.60 -1.84
C VAL B 10 20.02 11.79 -2.00
N SER B 11 20.57 12.91 -1.46
CA SER B 11 21.99 13.22 -1.57
C SER B 11 22.73 13.25 -0.22
N VAL B 12 23.92 12.59 -0.17
CA VAL B 12 24.81 12.46 0.98
C VAL B 12 26.16 13.14 0.74
N ALA B 13 27.08 12.92 1.69
CA ALA B 13 28.47 13.37 1.71
C ALA B 13 29.28 12.14 2.13
N LEU B 14 30.58 12.09 1.76
CA LEU B 14 31.44 10.97 2.11
C LEU B 14 31.69 10.93 3.62
N GLY B 15 31.43 9.78 4.23
CA GLY B 15 31.58 9.58 5.66
C GLY B 15 30.32 9.89 6.46
N GLN B 16 29.41 10.70 5.87
CA GLN B 16 28.13 11.10 6.47
C GLN B 16 27.16 9.91 6.58
N THR B 17 26.10 10.04 7.40
CA THR B 17 25.09 9.00 7.58
C THR B 17 23.78 9.42 6.90
N VAL B 18 23.21 8.52 6.08
CA VAL B 18 21.97 8.76 5.35
C VAL B 18 20.89 7.74 5.72
N ARG B 19 19.63 8.18 5.69
CA ARG B 19 18.47 7.37 6.02
C ARG B 19 17.43 7.46 4.90
N ILE B 20 17.19 6.35 4.20
CA ILE B 20 16.20 6.28 3.11
C ILE B 20 14.89 5.76 3.72
N THR B 21 13.80 6.53 3.57
CA THR B 21 12.49 6.19 4.13
C THR B 21 11.53 5.60 3.11
N CYS B 22 10.73 4.62 3.55
CA CYS B 22 9.70 3.94 2.76
C CYS B 22 8.43 3.96 3.58
N GLN B 23 7.31 4.38 2.98
CA GLN B 23 6.01 4.47 3.65
C GLN B 23 4.93 3.69 2.89
N GLY B 24 4.34 2.70 3.55
CA GLY B 24 3.29 1.85 2.97
C GLY B 24 2.37 1.24 4.00
N ASP B 25 1.12 0.89 3.58
CA ASP B 25 0.12 0.28 4.46
C ASP B 25 0.49 -1.16 4.83
N SER B 26 1.17 -1.86 3.91
CA SER B 26 1.61 -3.24 4.11
C SER B 26 2.75 -3.34 5.12
N LEU B 27 3.45 -2.22 5.38
CA LEU B 27 4.58 -2.10 6.31
C LEU B 27 4.15 -2.22 7.78
N ARG B 28 2.84 -2.09 8.06
CA ARG B 28 2.27 -2.22 9.39
C ARG B 28 2.29 -3.70 9.76
N SER B 29 1.79 -4.57 8.86
CA SER B 29 1.70 -6.03 9.01
C SER B 29 2.97 -6.79 8.59
N ASN B 30 3.76 -6.24 7.63
CA ASN B 30 4.97 -6.90 7.12
C ASN B 30 6.24 -6.04 7.25
N TYR B 31 7.40 -6.67 7.05
CA TYR B 31 8.71 -6.03 7.16
C TYR B 31 9.32 -5.79 5.79
N ALA B 32 9.92 -4.61 5.65
CA ALA B 32 10.52 -4.15 4.41
C ALA B 32 11.86 -4.80 4.10
N SER B 33 12.06 -5.11 2.81
CA SER B 33 13.29 -5.67 2.25
C SER B 33 13.83 -4.65 1.23
N TRP B 34 15.10 -4.25 1.40
CA TRP B 34 15.75 -3.25 0.55
C TRP B 34 16.68 -3.89 -0.47
N TYR B 35 16.76 -3.29 -1.67
CA TYR B 35 17.62 -3.77 -2.76
C TYR B 35 18.46 -2.64 -3.32
N GLN B 36 19.75 -2.91 -3.52
CA GLN B 36 20.72 -1.99 -4.12
C GLN B 36 20.84 -2.34 -5.61
N GLN B 37 20.71 -1.32 -6.49
CA GLN B 37 20.84 -1.53 -7.91
C GLN B 37 21.70 -0.47 -8.58
N LYS B 38 22.81 -0.92 -9.16
CA LYS B 38 23.77 -0.09 -9.88
C LYS B 38 23.40 -0.12 -11.38
N PRO B 39 23.88 0.80 -12.25
CA PRO B 39 23.47 0.74 -13.67
C PRO B 39 23.94 -0.53 -14.37
N GLY B 40 23.02 -1.14 -15.12
CA GLY B 40 23.24 -2.38 -15.86
C GLY B 40 23.61 -3.54 -14.96
N GLN B 41 23.00 -3.56 -13.76
CA GLN B 41 23.24 -4.56 -12.73
C GLN B 41 21.89 -5.10 -12.23
N ALA B 42 21.89 -6.36 -11.79
CA ALA B 42 20.71 -7.01 -11.22
C ALA B 42 20.55 -6.50 -9.77
N PRO B 43 19.33 -6.43 -9.19
CA PRO B 43 19.21 -5.93 -7.80
C PRO B 43 19.89 -6.84 -6.78
N LEU B 44 20.41 -6.24 -5.70
CA LEU B 44 21.14 -6.96 -4.65
C LEU B 44 20.48 -6.71 -3.29
N LEU B 45 20.13 -7.78 -2.57
CA LEU B 45 19.51 -7.69 -1.25
C LEU B 45 20.54 -7.20 -0.23
N VAL B 46 20.23 -6.09 0.44
CA VAL B 46 21.11 -5.47 1.44
C VAL B 46 20.58 -5.65 2.87
N ILE B 47 19.28 -5.39 3.11
CA ILE B 47 18.62 -5.52 4.42
C ILE B 47 17.22 -6.11 4.21
N TYR B 48 16.77 -7.02 5.08
CA TYR B 48 15.44 -7.61 5.04
C TYR B 48 14.97 -8.00 6.43
N GLY B 49 13.67 -8.23 6.59
CA GLY B 49 13.05 -8.63 7.86
C GLY B 49 13.29 -7.68 9.01
N LYS B 50 13.61 -8.23 10.19
CA LYS B 50 13.88 -7.48 11.43
C LYS B 50 15.36 -7.10 11.49
N ASN B 51 15.80 -6.26 10.53
CA ASN B 51 17.19 -5.82 10.33
C ASN B 51 18.14 -7.02 10.17
N TYR B 52 18.00 -7.73 9.04
CA TYR B 52 18.82 -8.89 8.71
C TYR B 52 19.64 -8.54 7.50
N ARG B 53 20.97 -8.69 7.57
CA ARG B 53 21.82 -8.42 6.41
C ARG B 53 22.53 -9.67 5.93
N PRO B 54 22.39 -10.03 4.64
CA PRO B 54 23.06 -11.23 4.14
C PRO B 54 24.58 -11.09 4.19
N SER B 55 25.28 -12.21 4.34
CA SER B 55 26.74 -12.26 4.40
C SER B 55 27.33 -11.59 3.17
N GLY B 56 28.29 -10.70 3.39
CA GLY B 56 28.94 -9.94 2.33
C GLY B 56 28.51 -8.49 2.32
N ILE B 57 27.40 -8.17 3.01
CA ILE B 57 26.87 -6.82 3.10
C ILE B 57 27.48 -6.16 4.35
N PRO B 58 28.14 -4.98 4.21
CA PRO B 58 28.81 -4.35 5.36
C PRO B 58 27.91 -3.87 6.48
N ASP B 59 28.52 -3.59 7.65
CA ASP B 59 27.88 -3.10 8.88
C ASP B 59 27.21 -1.74 8.69
N ARG B 60 27.57 -1.03 7.59
CA ARG B 60 27.05 0.28 7.20
C ARG B 60 25.53 0.24 7.04
N PHE B 61 25.01 -0.85 6.41
CA PHE B 61 23.58 -1.04 6.16
C PHE B 61 22.85 -1.58 7.37
N SER B 62 21.77 -0.88 7.78
CA SER B 62 20.94 -1.23 8.93
C SER B 62 19.48 -0.90 8.66
N GLY B 63 18.58 -1.74 9.19
CA GLY B 63 17.15 -1.60 9.02
C GLY B 63 16.36 -1.13 10.24
N SER B 64 15.56 -0.09 10.04
CA SER B 64 14.67 0.49 11.04
C SER B 64 13.22 0.33 10.60
N TYR B 65 12.28 0.34 11.57
CA TYR B 65 10.84 0.19 11.35
C TYR B 65 10.02 0.80 12.49
N SER B 66 8.92 1.51 12.13
CA SER B 66 8.00 2.18 13.05
C SER B 66 6.64 2.42 12.38
N GLY B 67 5.74 1.44 12.52
CA GLY B 67 4.40 1.48 11.94
C GLY B 67 4.41 1.34 10.43
N ASN B 68 3.80 2.31 9.73
CA ASN B 68 3.72 2.33 8.27
C ASN B 68 5.03 2.75 7.58
N THR B 69 6.05 3.19 8.36
CA THR B 69 7.33 3.64 7.82
C THR B 69 8.49 2.75 8.25
N ALA B 70 9.34 2.38 7.26
CA ALA B 70 10.58 1.61 7.42
C ALA B 70 11.72 2.43 6.85
N SER B 71 12.90 2.31 7.43
CA SER B 71 14.05 3.11 7.00
C SER B 71 15.34 2.34 6.88
N LEU B 72 16.08 2.59 5.78
CA LEU B 72 17.39 1.98 5.51
C LEU B 72 18.44 3.03 5.85
N THR B 73 19.27 2.73 6.84
CA THR B 73 20.32 3.65 7.28
C THR B 73 21.67 3.16 6.80
N ILE B 74 22.42 4.07 6.13
CA ILE B 74 23.76 3.82 5.61
C ILE B 74 24.75 4.67 6.40
N SER B 75 25.43 4.03 7.35
CA SER B 75 26.42 4.69 8.20
C SER B 75 27.74 4.82 7.44
N GLY B 76 28.28 6.04 7.38
CA GLY B 76 29.53 6.33 6.70
C GLY B 76 29.47 6.05 5.22
N ALA B 77 28.81 6.94 4.47
CA ALA B 77 28.62 6.84 3.03
C ALA B 77 29.93 6.80 2.25
N GLN B 78 30.05 5.80 1.37
CA GLN B 78 31.21 5.59 0.51
C GLN B 78 30.80 5.56 -0.96
N ALA B 79 31.72 5.95 -1.87
CA ALA B 79 31.49 6.03 -3.33
C ALA B 79 30.75 4.83 -3.93
N GLU B 80 31.10 3.59 -3.50
CA GLU B 80 30.48 2.35 -3.96
C GLU B 80 29.00 2.19 -3.54
N ASP B 81 28.50 3.08 -2.67
CA ASP B 81 27.12 3.06 -2.19
C ASP B 81 26.19 3.92 -3.08
N GLU B 82 26.75 4.71 -4.02
CA GLU B 82 26.01 5.56 -4.95
C GLU B 82 25.30 4.64 -5.95
N ALA B 83 24.00 4.35 -5.68
CA ALA B 83 23.14 3.46 -6.48
C ALA B 83 21.67 3.74 -6.23
N ASP B 84 20.76 2.94 -6.85
CA ASP B 84 19.32 3.05 -6.65
C ASP B 84 18.92 2.10 -5.52
N TYR B 85 18.08 2.58 -4.58
CA TYR B 85 17.63 1.76 -3.46
C TYR B 85 16.12 1.56 -3.50
N TYR B 86 15.70 0.29 -3.58
CA TYR B 86 14.29 -0.07 -3.69
C TYR B 86 13.73 -0.75 -2.44
N CYS B 87 12.69 -0.17 -1.82
CA CYS B 87 12.05 -0.84 -0.69
C CYS B 87 10.99 -1.79 -1.24
N ASN B 88 10.75 -2.90 -0.54
CA ASN B 88 9.82 -3.92 -0.99
C ASN B 88 9.11 -4.57 0.20
N SER B 89 7.83 -4.92 0.02
CA SER B 89 7.00 -5.53 1.06
C SER B 89 6.18 -6.74 0.54
N ARG B 90 5.43 -7.41 1.45
CA ARG B 90 4.70 -8.63 1.14
C ARG B 90 3.16 -8.55 1.16
N ASP B 91 2.57 -7.44 1.68
CA ASP B 91 1.12 -7.17 1.77
C ASP B 91 0.30 -8.26 2.54
N SER B 92 0.07 -9.44 1.89
CA SER B 92 -0.65 -10.65 2.35
C SER B 92 -2.20 -10.53 2.30
N SER B 93 -2.75 -9.42 1.77
CA SER B 93 -4.19 -9.21 1.67
C SER B 93 -4.67 -9.18 0.21
N GLY B 94 -5.37 -10.23 -0.19
CA GLY B 94 -5.91 -10.36 -1.54
C GLY B 94 -4.98 -10.97 -2.56
N ASP B 95 -5.02 -10.44 -3.79
CA ASP B 95 -4.27 -10.94 -4.96
C ASP B 95 -2.95 -10.22 -5.28
N HIS B 96 -2.52 -9.22 -4.46
CA HIS B 96 -1.25 -8.55 -4.72
C HIS B 96 -0.24 -8.75 -3.58
N PRO B 97 0.53 -9.87 -3.57
CA PRO B 97 1.45 -10.12 -2.44
C PRO B 97 2.85 -9.50 -2.55
N VAL B 98 3.15 -8.76 -3.63
CA VAL B 98 4.47 -8.11 -3.78
C VAL B 98 4.26 -6.64 -4.14
N VAL B 99 4.82 -5.72 -3.32
CA VAL B 99 4.70 -4.27 -3.50
C VAL B 99 6.10 -3.63 -3.53
N PHE B 100 6.43 -2.95 -4.65
CA PHE B 100 7.72 -2.27 -4.81
C PHE B 100 7.61 -0.76 -4.73
N GLY B 101 8.68 -0.13 -4.27
CA GLY B 101 8.80 1.32 -4.16
C GLY B 101 9.34 1.94 -5.43
N GLY B 102 9.11 3.25 -5.57
CA GLY B 102 9.57 4.04 -6.72
C GLY B 102 11.07 4.14 -6.89
N GLY B 103 11.82 3.75 -5.87
CA GLY B 103 13.27 3.80 -5.86
C GLY B 103 13.82 5.12 -5.39
N THR B 104 15.07 5.11 -4.89
CA THR B 104 15.75 6.29 -4.41
C THR B 104 17.10 6.41 -5.10
N ASN B 105 17.27 7.45 -5.93
CA ASN B 105 18.54 7.68 -6.63
C ASN B 105 19.50 8.34 -5.63
N LEU B 106 20.33 7.52 -4.98
CA LEU B 106 21.28 8.03 -4.01
C LEU B 106 22.51 8.57 -4.69
N THR B 107 22.90 9.76 -4.29
CA THR B 107 24.08 10.48 -4.77
C THR B 107 24.95 10.76 -3.55
N VAL B 108 26.27 10.56 -3.67
CA VAL B 108 27.18 10.82 -2.54
C VAL B 108 27.83 12.21 -2.71
N LEU B 109 29.05 12.42 -2.16
CA LEU B 109 29.77 13.69 -2.26
C LEU B 109 30.08 13.99 -3.74
N GLY B 110 29.77 15.22 -4.16
CA GLY B 110 29.98 15.69 -5.53
C GLY B 110 31.42 15.86 -5.97
N GLN B 111 32.34 15.22 -5.23
CA GLN B 111 33.78 15.21 -5.47
C GLN B 111 34.27 13.75 -5.40
N PRO B 112 35.41 13.37 -6.03
CA PRO B 112 36.40 14.19 -6.74
C PRO B 112 36.24 14.23 -8.27
N LYS B 113 36.50 15.41 -8.87
CA LYS B 113 36.39 15.63 -10.32
C LYS B 113 37.47 14.86 -11.08
N ALA B 114 37.07 14.20 -12.18
CA ALA B 114 37.96 13.39 -13.01
C ALA B 114 38.04 13.88 -14.45
N ALA B 115 39.24 13.92 -15.02
CA ALA B 115 39.49 14.36 -16.39
C ALA B 115 39.20 13.24 -17.41
N PRO B 116 38.46 13.54 -18.50
CA PRO B 116 38.13 12.49 -19.49
C PRO B 116 39.29 12.00 -20.36
N SER B 117 39.38 10.69 -20.55
CA SER B 117 40.40 10.05 -21.38
C SER B 117 39.78 9.70 -22.74
N VAL B 118 40.09 10.53 -23.75
CA VAL B 118 39.55 10.43 -25.11
C VAL B 118 40.42 9.58 -26.05
N THR B 119 39.76 8.73 -26.85
CA THR B 119 40.36 7.85 -27.86
C THR B 119 39.54 7.97 -29.16
N LEU B 120 40.21 8.37 -30.27
CA LEU B 120 39.57 8.56 -31.57
C LEU B 120 40.09 7.61 -32.65
N PHE B 121 39.16 6.90 -33.31
CA PHE B 121 39.41 5.93 -34.37
C PHE B 121 38.85 6.40 -35.71
N PRO B 122 39.64 6.33 -36.81
CA PRO B 122 39.11 6.70 -38.12
C PRO B 122 38.28 5.54 -38.71
N PRO B 123 37.53 5.69 -39.84
CA PRO B 123 36.78 4.53 -40.35
C PRO B 123 37.71 3.48 -40.93
N SER B 124 37.45 2.19 -40.58
CA SER B 124 38.24 1.06 -41.03
C SER B 124 38.10 0.86 -42.54
N SER B 125 39.17 0.33 -43.17
CA SER B 125 39.21 0.05 -44.61
C SER B 125 38.07 -0.89 -44.99
N GLU B 126 37.77 -1.85 -44.09
CA GLU B 126 36.70 -2.84 -44.21
C GLU B 126 35.33 -2.16 -44.28
N GLU B 127 35.12 -1.13 -43.43
CA GLU B 127 33.90 -0.32 -43.41
C GLU B 127 33.81 0.53 -44.68
N LEU B 128 34.96 1.08 -45.12
CA LEU B 128 35.04 1.91 -46.32
C LEU B 128 34.71 1.11 -47.58
N GLN B 129 35.03 -0.19 -47.57
CA GLN B 129 34.72 -1.12 -48.66
C GLN B 129 33.22 -1.32 -48.79
N ALA B 130 32.51 -1.35 -47.64
CA ALA B 130 31.06 -1.48 -47.59
C ALA B 130 30.36 -0.14 -47.89
N ASN B 131 31.10 0.82 -48.51
CA ASN B 131 30.68 2.16 -48.91
C ASN B 131 30.07 2.98 -47.75
N LYS B 132 30.71 2.89 -46.57
CA LYS B 132 30.32 3.62 -45.37
C LYS B 132 31.53 4.06 -44.54
N ALA B 133 31.37 5.12 -43.73
CA ALA B 133 32.43 5.65 -42.88
C ALA B 133 31.87 6.09 -41.53
N THR B 134 32.55 5.70 -40.44
CA THR B 134 32.16 6.00 -39.06
C THR B 134 33.40 6.31 -38.21
N LEU B 135 33.43 7.52 -37.61
CA LEU B 135 34.50 7.99 -36.73
C LEU B 135 34.06 7.71 -35.30
N VAL B 136 34.88 6.98 -34.55
CA VAL B 136 34.54 6.54 -33.19
C VAL B 136 35.28 7.35 -32.11
N CYS B 137 34.56 8.19 -31.33
CA CYS B 137 35.12 8.97 -30.22
C CYS B 137 34.70 8.33 -28.90
N LEU B 138 35.68 7.89 -28.11
CA LEU B 138 35.41 7.19 -26.86
C LEU B 138 35.92 7.92 -25.61
N ILE B 139 34.98 8.59 -24.92
CA ILE B 139 35.20 9.38 -23.70
C ILE B 139 35.02 8.47 -22.47
N SER B 140 36.04 8.41 -21.58
CA SER B 140 35.99 7.57 -20.38
C SER B 140 36.66 8.19 -19.14
N ASP B 141 36.40 7.58 -17.95
CA ASP B 141 36.91 7.91 -16.63
C ASP B 141 36.80 9.41 -16.25
N PHE B 142 35.60 9.99 -16.45
CA PHE B 142 35.33 11.39 -16.12
C PHE B 142 34.25 11.55 -15.04
N TYR B 143 34.27 12.71 -14.36
CA TYR B 143 33.35 13.10 -13.29
C TYR B 143 33.30 14.62 -13.21
N PRO B 144 32.12 15.29 -13.24
CA PRO B 144 30.76 14.73 -13.34
C PRO B 144 30.41 14.25 -14.75
N GLY B 145 29.28 13.57 -14.86
CA GLY B 145 28.77 13.03 -16.13
C GLY B 145 28.15 14.08 -17.00
N ALA B 146 28.95 15.07 -17.42
CA ALA B 146 28.52 16.15 -18.30
C ALA B 146 29.62 16.41 -19.31
N VAL B 147 29.37 16.03 -20.57
CA VAL B 147 30.32 16.16 -21.66
C VAL B 147 29.67 16.75 -22.90
N THR B 148 30.38 17.67 -23.57
CA THR B 148 29.95 18.31 -24.80
C THR B 148 30.86 17.81 -25.93
N VAL B 149 30.27 17.19 -26.96
CA VAL B 149 31.04 16.68 -28.09
C VAL B 149 30.69 17.48 -29.34
N ALA B 150 31.73 18.02 -29.99
CA ALA B 150 31.61 18.79 -31.23
C ALA B 150 32.59 18.23 -32.26
N TRP B 151 32.11 18.01 -33.48
CA TRP B 151 32.96 17.47 -34.55
C TRP B 151 33.34 18.57 -35.51
N LYS B 152 34.54 18.48 -36.10
CA LYS B 152 35.02 19.48 -37.04
C LYS B 152 35.76 18.86 -38.22
N ALA B 153 35.23 19.10 -39.44
CA ALA B 153 35.87 18.69 -40.70
C ALA B 153 36.94 19.76 -40.89
N ASP B 154 38.21 19.40 -40.61
CA ASP B 154 39.42 20.23 -40.60
C ASP B 154 39.26 21.46 -39.65
N SER B 155 38.56 22.53 -40.10
CA SER B 155 38.34 23.73 -39.30
C SER B 155 36.84 24.04 -39.11
N SER B 156 36.03 23.71 -40.13
CA SER B 156 34.58 23.92 -40.14
C SER B 156 33.83 22.89 -39.26
N PRO B 157 32.88 23.33 -38.38
CA PRO B 157 32.20 22.35 -37.52
C PRO B 157 31.09 21.58 -38.23
N VAL B 158 30.92 20.29 -37.86
CA VAL B 158 29.89 19.42 -38.42
C VAL B 158 28.87 19.12 -37.32
N LYS B 159 27.57 19.32 -37.65
CA LYS B 159 26.44 19.08 -36.74
C LYS B 159 25.61 17.88 -37.22
N ALA B 160 25.67 17.59 -38.53
CA ALA B 160 24.96 16.49 -39.19
C ALA B 160 25.73 15.16 -39.08
N GLY B 161 24.99 14.07 -38.91
CA GLY B 161 25.55 12.73 -38.77
C GLY B 161 26.24 12.48 -37.45
N VAL B 162 25.88 13.27 -36.42
CA VAL B 162 26.45 13.16 -35.08
C VAL B 162 25.47 12.50 -34.12
N GLU B 163 25.85 11.34 -33.60
CA GLU B 163 25.06 10.59 -32.61
C GLU B 163 25.95 10.40 -31.40
N THR B 164 25.54 10.96 -30.25
CA THR B 164 26.29 10.91 -28.99
C THR B 164 25.42 10.34 -27.87
N THR B 165 26.00 9.43 -27.05
CA THR B 165 25.32 8.82 -25.89
C THR B 165 25.15 9.84 -24.78
N THR B 166 24.41 9.45 -23.74
CA THR B 166 24.26 10.19 -22.51
C THR B 166 25.25 9.52 -21.56
N PRO B 167 26.10 10.28 -20.83
CA PRO B 167 27.09 9.64 -19.94
C PRO B 167 26.49 8.69 -18.92
N SER B 168 27.15 7.54 -18.67
CA SER B 168 26.69 6.52 -17.73
C SER B 168 27.82 5.98 -16.87
N LYS B 169 27.52 5.64 -15.59
CA LYS B 169 28.48 5.12 -14.60
C LYS B 169 29.19 3.84 -15.03
N GLN B 170 30.49 3.78 -14.70
CA GLN B 170 31.41 2.67 -15.00
C GLN B 170 31.56 1.73 -13.81
N SER B 171 32.42 0.69 -13.96
CA SER B 171 32.76 -0.30 -12.94
C SER B 171 33.47 0.37 -11.76
N ASN B 172 34.18 1.50 -12.03
CA ASN B 172 34.89 2.28 -11.02
C ASN B 172 34.06 3.50 -10.55
N ASN B 173 32.71 3.41 -10.70
CA ASN B 173 31.72 4.44 -10.33
C ASN B 173 31.91 5.79 -11.07
N LYS B 174 32.84 5.89 -12.05
CA LYS B 174 33.07 7.11 -12.83
C LYS B 174 32.00 7.31 -13.95
N TYR B 175 32.38 7.78 -15.17
CA TYR B 175 31.45 7.98 -16.29
C TYR B 175 32.07 7.64 -17.65
N ALA B 176 31.23 7.22 -18.64
CA ALA B 176 31.66 6.86 -19.99
C ALA B 176 30.66 7.32 -21.04
N ALA B 177 31.18 7.88 -22.13
CA ALA B 177 30.37 8.37 -23.25
C ALA B 177 31.00 8.04 -24.59
N SER B 178 30.15 7.83 -25.62
CA SER B 178 30.57 7.49 -26.98
C SER B 178 29.91 8.44 -27.95
N SER B 179 30.66 8.86 -28.98
CA SER B 179 30.13 9.74 -30.01
C SER B 179 30.61 9.26 -31.37
N TYR B 180 29.67 9.03 -32.29
CA TYR B 180 29.97 8.52 -33.62
C TYR B 180 29.56 9.51 -34.70
N LEU B 181 30.48 9.76 -35.65
CA LEU B 181 30.21 10.64 -36.78
C LEU B 181 30.17 9.79 -38.04
N SER B 182 28.97 9.61 -38.61
CA SER B 182 28.77 8.82 -39.82
C SER B 182 28.91 9.68 -41.06
N LEU B 183 29.75 9.24 -42.00
CA LEU B 183 30.04 9.91 -43.26
C LEU B 183 30.06 8.92 -44.41
N THR B 184 30.10 9.44 -45.65
CA THR B 184 30.20 8.62 -46.85
C THR B 184 31.70 8.58 -47.17
N PRO B 185 32.25 7.50 -47.78
CA PRO B 185 33.69 7.49 -48.11
C PRO B 185 34.11 8.67 -48.98
N GLU B 186 33.16 9.28 -49.73
CA GLU B 186 33.39 10.48 -50.56
C GLU B 186 33.74 11.68 -49.66
N GLN B 187 33.07 11.80 -48.50
CA GLN B 187 33.30 12.86 -47.52
C GLN B 187 34.62 12.65 -46.78
N TRP B 188 34.88 11.42 -46.29
CA TRP B 188 36.10 11.05 -45.55
C TRP B 188 37.36 11.27 -46.40
N LYS B 189 37.36 10.80 -47.67
CA LYS B 189 38.48 10.95 -48.60
C LYS B 189 38.67 12.41 -49.06
N SER B 190 37.57 13.21 -49.11
CA SER B 190 37.56 14.63 -49.50
C SER B 190 38.46 15.50 -48.62
N HIS B 191 38.46 15.21 -47.31
CA HIS B 191 39.21 15.92 -46.27
C HIS B 191 40.59 15.25 -46.01
N ARG B 192 41.66 15.97 -45.53
CA ARG B 192 41.86 17.30 -44.94
C ARG B 192 41.80 17.25 -43.41
N SER B 193 41.56 16.02 -42.85
CA SER B 193 41.44 15.64 -41.43
C SER B 193 40.08 16.00 -40.79
N TYR B 194 39.71 15.22 -39.75
CA TYR B 194 38.50 15.37 -38.95
C TYR B 194 38.91 15.39 -37.48
N SER B 195 38.22 16.20 -36.66
CA SER B 195 38.54 16.33 -35.23
C SER B 195 37.35 16.08 -34.31
N CYS B 196 37.64 15.56 -33.09
CA CYS B 196 36.65 15.29 -32.04
C CYS B 196 36.95 16.21 -30.84
N GLN B 197 36.06 17.18 -30.54
CA GLN B 197 36.23 18.13 -29.43
C GLN B 197 35.43 17.73 -28.19
N VAL B 198 36.13 17.23 -27.14
CA VAL B 198 35.51 16.80 -25.89
C VAL B 198 35.71 17.83 -24.77
N THR B 199 34.68 18.64 -24.53
CA THR B 199 34.69 19.68 -23.50
C THR B 199 34.05 19.12 -22.22
N HIS B 200 34.80 19.18 -21.10
CA HIS B 200 34.34 18.73 -19.78
C HIS B 200 34.88 19.69 -18.72
N GLU B 201 33.97 20.52 -18.16
CA GLU B 201 34.23 21.52 -17.12
C GLU B 201 35.28 22.55 -17.59
N GLY B 202 35.06 23.09 -18.79
CA GLY B 202 35.95 24.09 -19.41
C GLY B 202 37.04 23.51 -20.28
N SER B 203 37.79 22.52 -19.74
CA SER B 203 38.89 21.82 -20.41
C SER B 203 38.42 20.99 -21.63
N THR B 204 39.02 21.25 -22.81
CA THR B 204 38.67 20.59 -24.07
C THR B 204 39.80 19.69 -24.59
N VAL B 205 39.46 18.44 -24.95
CA VAL B 205 40.40 17.45 -25.53
C VAL B 205 40.04 17.31 -27.01
N GLU B 206 40.99 17.62 -27.91
CA GLU B 206 40.76 17.59 -29.35
C GLU B 206 41.66 16.58 -30.09
N LYS B 207 41.23 15.32 -30.12
CA LYS B 207 41.91 14.26 -30.86
C LYS B 207 41.57 14.43 -32.35
N THR B 208 42.56 14.25 -33.24
CA THR B 208 42.37 14.45 -34.68
C THR B 208 42.87 13.24 -35.50
N VAL B 209 42.08 12.87 -36.53
CA VAL B 209 42.39 11.78 -37.48
C VAL B 209 42.29 12.27 -38.93
N ALA B 210 43.10 11.69 -39.82
CA ALA B 210 43.15 12.07 -41.24
C ALA B 210 43.37 10.85 -42.14
N PRO B 211 42.87 10.86 -43.41
CA PRO B 211 43.12 9.72 -44.30
C PRO B 211 44.58 9.70 -44.77
N THR B 212 45.43 8.96 -44.01
CA THR B 212 46.87 8.76 -44.23
C THR B 212 47.31 7.45 -43.54
N VAL C 2 -11.99 34.31 -18.88
CA VAL C 2 -10.82 33.86 -18.13
C VAL C 2 -9.55 33.90 -19.00
N GLN C 3 -8.57 34.72 -18.59
CA GLN C 3 -7.32 34.91 -19.31
C GLN C 3 -6.07 35.04 -18.43
N LEU C 4 -4.91 34.71 -19.02
CA LEU C 4 -3.58 34.84 -18.44
C LEU C 4 -2.70 35.52 -19.48
N VAL C 5 -2.17 36.70 -19.15
CA VAL C 5 -1.32 37.45 -20.08
C VAL C 5 0.04 37.76 -19.45
N GLU C 6 1.10 37.11 -19.95
CA GLU C 6 2.45 37.32 -19.45
C GLU C 6 3.22 38.30 -20.33
N SER C 7 3.96 39.20 -19.66
CA SER C 7 4.75 40.28 -20.25
C SER C 7 6.05 40.43 -19.47
N GLY C 8 7.08 40.96 -20.13
CA GLY C 8 8.38 41.19 -19.52
C GLY C 8 9.53 40.58 -20.28
N GLY C 9 9.24 39.62 -21.14
CA GLY C 9 10.24 38.94 -21.96
C GLY C 9 10.81 39.85 -23.04
N GLY C 10 12.14 39.88 -23.13
CA GLY C 10 12.88 40.68 -24.10
C GLY C 10 14.17 40.01 -24.54
N LEU C 11 15.27 40.78 -24.68
CA LEU C 11 16.58 40.23 -25.07
C LEU C 11 17.36 39.83 -23.81
N VAL C 12 18.28 40.72 -23.34
CA VAL C 12 19.18 40.54 -22.19
C VAL C 12 20.35 39.59 -22.55
N LYS C 13 21.58 40.12 -22.43
CA LYS C 13 22.86 39.45 -22.70
C LYS C 13 23.18 38.44 -21.56
N PRO C 14 24.03 37.41 -21.78
CA PRO C 14 24.30 36.43 -20.71
C PRO C 14 24.81 37.04 -19.41
N GLY C 15 24.28 36.55 -18.30
CA GLY C 15 24.61 37.01 -16.95
C GLY C 15 23.66 38.06 -16.42
N GLY C 16 22.86 38.64 -17.32
CA GLY C 16 21.89 39.67 -17.02
C GLY C 16 20.69 39.24 -16.19
N SER C 17 19.66 40.10 -16.15
CA SER C 17 18.45 39.84 -15.36
C SER C 17 17.15 40.26 -16.06
N LEU C 18 16.05 39.57 -15.74
CA LEU C 18 14.71 39.84 -16.28
C LEU C 18 13.61 39.54 -15.28
N ARG C 19 12.56 40.38 -15.28
CA ARG C 19 11.40 40.20 -14.41
C ARG C 19 10.18 39.93 -15.30
N LEU C 20 9.74 38.67 -15.29
CA LEU C 20 8.59 38.22 -16.06
C LEU C 20 7.35 38.26 -15.19
N SER C 21 6.32 38.96 -15.67
CA SER C 21 5.06 39.14 -14.95
C SER C 21 3.86 38.62 -15.74
N CYS C 22 3.00 37.82 -15.07
CA CYS C 22 1.79 37.23 -15.62
C CYS C 22 0.56 37.86 -14.95
N ALA C 23 -0.40 38.36 -15.74
CA ALA C 23 -1.61 39.00 -15.23
C ALA C 23 -2.83 38.12 -15.41
N ALA C 24 -3.48 37.78 -14.29
CA ALA C 24 -4.66 36.92 -14.27
C ALA C 24 -5.96 37.70 -14.19
N SER C 25 -6.97 37.26 -14.97
CA SER C 25 -8.30 37.86 -15.03
C SER C 25 -9.38 36.78 -15.25
N GLY C 26 -10.60 37.08 -14.81
CA GLY C 26 -11.75 36.19 -14.97
C GLY C 26 -12.01 35.22 -13.83
N PHE C 27 -11.02 35.03 -12.93
CA PHE C 27 -11.13 34.11 -11.80
C PHE C 27 -10.47 34.69 -10.54
N THR C 28 -10.69 34.05 -9.38
CA THR C 28 -10.09 34.46 -8.11
C THR C 28 -8.64 33.94 -8.08
N PHE C 29 -7.66 34.85 -8.31
CA PHE C 29 -6.22 34.54 -8.35
C PHE C 29 -5.79 33.79 -7.08
N SER C 30 -6.18 34.31 -5.91
CA SER C 30 -5.90 33.76 -4.58
C SER C 30 -6.90 32.64 -4.28
N SER C 31 -6.57 31.40 -4.72
CA SER C 31 -7.30 30.13 -4.56
C SER C 31 -6.74 29.06 -5.51
N TYR C 32 -5.86 29.47 -6.45
CA TYR C 32 -5.25 28.58 -7.43
C TYR C 32 -3.72 28.69 -7.43
N SER C 33 -3.04 27.53 -7.34
CA SER C 33 -1.59 27.43 -7.38
C SER C 33 -1.12 27.77 -8.80
N MET C 34 -0.06 28.57 -8.92
CA MET C 34 0.44 28.98 -10.24
C MET C 34 1.78 28.34 -10.57
N SER C 35 2.13 28.29 -11.87
CA SER C 35 3.38 27.69 -12.35
C SER C 35 3.92 28.31 -13.64
N TRP C 36 5.26 28.29 -13.79
CA TRP C 36 5.97 28.76 -14.98
C TRP C 36 6.52 27.54 -15.71
N VAL C 37 6.25 27.47 -17.02
CA VAL C 37 6.71 26.38 -17.87
C VAL C 37 7.37 27.01 -19.11
N ARG C 38 8.66 26.74 -19.32
CA ARG C 38 9.38 27.28 -20.47
C ARG C 38 9.47 26.29 -21.63
N GLN C 39 9.72 26.80 -22.83
CA GLN C 39 9.88 25.96 -24.02
C GLN C 39 10.94 26.54 -24.96
N ALA C 40 12.11 25.87 -25.01
CA ALA C 40 13.20 26.27 -25.88
C ALA C 40 12.81 25.98 -27.34
N PRO C 41 13.20 26.83 -28.32
CA PRO C 41 12.78 26.57 -29.71
C PRO C 41 13.23 25.23 -30.26
N GLY C 42 12.26 24.47 -30.78
CA GLY C 42 12.47 23.14 -31.32
C GLY C 42 12.40 22.05 -30.27
N LYS C 43 12.49 22.45 -28.98
CA LYS C 43 12.45 21.55 -27.83
C LYS C 43 11.03 21.49 -27.22
N GLY C 44 10.84 20.58 -26.28
CA GLY C 44 9.58 20.38 -25.59
C GLY C 44 9.40 21.25 -24.36
N LEU C 45 8.26 21.08 -23.67
CA LEU C 45 7.90 21.82 -22.47
C LEU C 45 8.76 21.39 -21.30
N GLU C 46 9.19 22.37 -20.48
CA GLU C 46 10.02 22.17 -19.30
C GLU C 46 9.49 23.02 -18.17
N TRP C 47 9.13 22.38 -17.05
CA TRP C 47 8.64 23.07 -15.86
C TRP C 47 9.76 23.88 -15.21
N VAL C 48 9.45 25.11 -14.80
CA VAL C 48 10.42 26.03 -14.19
C VAL C 48 10.21 26.13 -12.67
N SER C 49 9.08 26.72 -12.25
CA SER C 49 8.77 26.93 -10.84
C SER C 49 7.29 26.76 -10.55
N SER C 50 6.93 26.71 -9.25
CA SER C 50 5.55 26.56 -8.76
C SER C 50 5.34 27.18 -7.39
N ILE C 51 4.26 27.96 -7.24
CA ILE C 51 3.87 28.64 -6.00
C ILE C 51 2.43 28.24 -5.62
N SER C 52 2.22 27.80 -4.36
CA SER C 52 0.91 27.36 -3.84
C SER C 52 -0.06 28.51 -3.60
N ARG C 53 -1.35 28.18 -3.40
CA ARG C 53 -2.38 29.17 -3.11
C ARG C 53 -2.30 29.60 -1.64
N SER C 54 -2.03 28.63 -0.74
CA SER C 54 -1.92 28.85 0.69
C SER C 54 -0.64 28.23 1.32
N THR C 55 0.51 28.95 1.33
CA THR C 55 0.76 30.26 0.74
C THR C 55 2.20 30.31 0.15
N PRO C 56 3.28 29.99 0.92
CA PRO C 56 4.63 30.10 0.34
C PRO C 56 5.26 28.77 -0.09
N TYR C 57 4.44 27.76 -0.46
CA TYR C 57 4.98 26.46 -0.90
C TYR C 57 5.61 26.57 -2.29
N ILE C 58 6.89 26.97 -2.30
CA ILE C 58 7.72 27.24 -3.46
C ILE C 58 8.57 26.02 -3.87
N TYR C 59 8.62 25.74 -5.18
CA TYR C 59 9.39 24.62 -5.75
C TYR C 59 10.01 25.05 -7.07
N TYR C 60 11.35 24.92 -7.21
CA TYR C 60 12.09 25.27 -8.42
C TYR C 60 12.68 24.02 -9.07
N ALA C 61 12.88 24.07 -10.41
CA ALA C 61 13.50 22.98 -11.16
C ALA C 61 15.01 23.07 -10.94
N ASP C 62 15.69 21.91 -10.84
CA ASP C 62 17.12 21.78 -10.57
C ASP C 62 18.01 22.76 -11.36
N SER C 63 17.72 22.94 -12.66
CA SER C 63 18.49 23.83 -13.53
C SER C 63 18.38 25.31 -13.17
N VAL C 64 17.21 25.77 -12.71
CA VAL C 64 16.97 27.17 -12.37
C VAL C 64 17.07 27.46 -10.86
N LYS C 65 17.50 26.47 -10.06
CA LYS C 65 17.64 26.61 -8.60
C LYS C 65 18.72 27.62 -8.23
N GLY C 66 18.37 28.53 -7.33
CA GLY C 66 19.25 29.58 -6.84
C GLY C 66 19.62 30.64 -7.86
N ARG C 67 18.72 30.91 -8.83
CA ARG C 67 18.90 31.91 -9.88
C ARG C 67 17.57 32.64 -10.13
N PHE C 68 16.50 31.86 -10.30
CA PHE C 68 15.13 32.31 -10.56
C PHE C 68 14.36 32.38 -9.24
N THR C 69 13.47 33.38 -9.09
CA THR C 69 12.67 33.57 -7.88
C THR C 69 11.19 33.83 -8.22
N ILE C 70 10.32 32.91 -7.77
CA ILE C 70 8.87 33.01 -7.97
C ILE C 70 8.25 33.84 -6.83
N SER C 71 7.27 34.71 -7.18
CA SER C 71 6.55 35.57 -6.25
C SER C 71 5.18 35.90 -6.80
N ARG C 72 4.20 36.16 -5.92
CA ARG C 72 2.85 36.49 -6.36
C ARG C 72 2.21 37.64 -5.55
N ASP C 73 1.61 38.59 -6.25
CA ASP C 73 0.91 39.72 -5.64
C ASP C 73 -0.59 39.43 -5.77
N ASN C 74 -1.15 38.74 -4.76
CA ASN C 74 -2.57 38.36 -4.72
C ASN C 74 -3.53 39.55 -4.81
N ALA C 75 -3.07 40.74 -4.39
CA ALA C 75 -3.84 41.98 -4.42
C ALA C 75 -3.89 42.54 -5.85
N LYS C 76 -2.75 42.48 -6.56
CA LYS C 76 -2.61 42.98 -7.94
C LYS C 76 -2.91 41.91 -9.01
N ASN C 77 -3.37 40.70 -8.59
CA ASN C 77 -3.69 39.54 -9.46
C ASN C 77 -2.53 39.23 -10.42
N SER C 78 -1.30 39.20 -9.88
CA SER C 78 -0.11 39.00 -10.68
C SER C 78 0.87 37.97 -10.14
N LEU C 79 1.50 37.24 -11.06
CA LEU C 79 2.52 36.23 -10.82
C LEU C 79 3.82 36.78 -11.39
N TYR C 80 4.94 36.60 -10.68
CA TYR C 80 6.24 37.13 -11.12
C TYR C 80 7.32 36.04 -11.16
N LEU C 81 8.39 36.27 -11.95
CA LEU C 81 9.53 35.35 -12.08
C LEU C 81 10.83 36.15 -12.24
N GLN C 82 11.48 36.45 -11.09
CA GLN C 82 12.73 37.21 -11.06
C GLN C 82 13.89 36.30 -11.48
N MET C 83 14.28 36.40 -12.75
CA MET C 83 15.35 35.58 -13.35
C MET C 83 16.67 36.33 -13.34
N ASN C 84 17.63 35.84 -12.55
CA ASN C 84 18.96 36.43 -12.41
C ASN C 84 20.01 35.50 -13.02
N SER C 85 21.21 36.05 -13.36
CA SER C 85 22.37 35.34 -13.95
C SER C 85 21.96 34.33 -15.04
N LEU C 86 21.37 34.86 -16.11
CA LEU C 86 20.83 34.07 -17.21
C LEU C 86 21.91 33.48 -18.11
N ARG C 87 21.84 32.16 -18.32
CA ARG C 87 22.73 31.38 -19.19
C ARG C 87 22.10 31.32 -20.59
N ALA C 88 22.92 31.04 -21.64
CA ALA C 88 22.48 30.96 -23.05
C ALA C 88 21.32 29.98 -23.25
N GLU C 89 21.36 28.86 -22.51
CA GLU C 89 20.38 27.77 -22.52
C GLU C 89 18.99 28.17 -22.01
N ASP C 90 18.88 29.32 -21.32
CA ASP C 90 17.61 29.82 -20.78
C ASP C 90 16.68 30.43 -21.85
N THR C 91 17.22 30.65 -23.08
CA THR C 91 16.48 31.19 -24.22
C THR C 91 15.28 30.26 -24.44
N ALA C 92 14.06 30.82 -24.27
CA ALA C 92 12.80 30.06 -24.37
C ALA C 92 11.57 30.97 -24.36
N VAL C 93 10.40 30.38 -24.69
CA VAL C 93 9.09 31.02 -24.63
C VAL C 93 8.58 30.63 -23.25
N TYR C 94 8.30 31.61 -22.41
CA TYR C 94 7.89 31.34 -21.03
C TYR C 94 6.40 31.46 -20.83
N TYR C 95 5.78 30.32 -20.49
CA TYR C 95 4.34 30.20 -20.27
C TYR C 95 3.96 30.25 -18.79
N CYS C 96 2.86 30.93 -18.52
CA CYS C 96 2.27 31.10 -17.21
C CYS C 96 1.01 30.23 -17.23
N ALA C 97 0.90 29.29 -16.28
CA ALA C 97 -0.26 28.40 -16.22
C ALA C 97 -0.86 28.28 -14.84
N ARG C 98 -2.19 28.06 -14.80
CA ARG C 98 -2.95 27.89 -13.58
C ARG C 98 -3.09 26.41 -13.28
N ASP C 99 -2.70 26.00 -12.06
CA ASP C 99 -2.83 24.63 -11.62
C ASP C 99 -4.17 24.47 -10.89
N LEU C 100 -5.05 23.59 -11.41
CA LEU C 100 -6.40 23.31 -10.90
C LEU C 100 -6.43 23.05 -9.40
N TRP C 101 -5.49 22.22 -8.91
CA TRP C 101 -5.38 21.84 -7.50
C TRP C 101 -4.02 22.19 -6.93
N SER C 102 -4.00 22.41 -5.61
CA SER C 102 -2.77 22.76 -4.91
C SER C 102 -2.21 21.57 -4.14
N PRO C 103 -0.86 21.50 -3.93
CA PRO C 103 -0.29 20.35 -3.18
C PRO C 103 -0.93 20.14 -1.81
N ASP C 104 -1.36 21.24 -1.14
CA ASP C 104 -2.04 21.20 0.15
C ASP C 104 -3.47 20.69 0.00
N SER C 105 -4.12 20.94 -1.14
CA SER C 105 -5.48 20.48 -1.41
C SER C 105 -5.50 19.00 -1.73
N ASN C 106 -6.65 18.33 -1.51
CA ASN C 106 -6.88 16.91 -1.85
C ASN C 106 -6.98 16.85 -3.39
N TYR C 107 -7.14 15.62 -3.95
CA TYR C 107 -7.25 15.37 -5.40
C TYR C 107 -6.13 16.02 -6.28
N TYR C 108 -4.98 16.40 -5.66
CA TYR C 108 -3.86 16.99 -6.39
C TYR C 108 -3.22 15.95 -7.33
N ASP C 109 -3.57 14.67 -7.13
CA ASP C 109 -3.16 13.53 -7.95
C ASP C 109 -3.87 13.60 -9.31
N GLN C 110 -5.04 14.25 -9.36
CA GLN C 110 -5.84 14.41 -10.55
C GLN C 110 -5.84 15.85 -11.09
N SER C 111 -4.82 16.64 -10.70
CA SER C 111 -4.65 18.04 -11.11
C SER C 111 -4.16 18.18 -12.54
N ALA C 112 -4.20 19.44 -13.08
CA ALA C 112 -3.76 19.78 -14.44
C ALA C 112 -3.68 21.28 -14.68
N PHE C 113 -2.95 21.70 -15.73
CA PHE C 113 -2.81 23.09 -16.13
C PHE C 113 -3.89 23.41 -17.17
N ASP C 114 -5.08 23.75 -16.66
CA ASP C 114 -6.27 24.01 -17.46
C ASP C 114 -6.17 25.26 -18.31
N ILE C 115 -5.63 26.35 -17.74
CA ILE C 115 -5.54 27.63 -18.43
C ILE C 115 -4.07 28.06 -18.56
N TRP C 116 -3.68 28.42 -19.78
CA TRP C 116 -2.31 28.80 -20.13
C TRP C 116 -2.24 30.20 -20.69
N GLY C 117 -1.06 30.79 -20.60
CA GLY C 117 -0.79 32.13 -21.13
C GLY C 117 -0.28 32.09 -22.56
N GLN C 118 -0.22 33.26 -23.20
CA GLN C 118 0.23 33.46 -24.57
C GLN C 118 1.69 33.01 -24.75
N GLY C 119 2.52 33.33 -23.75
CA GLY C 119 3.95 33.06 -23.75
C GLY C 119 4.74 34.30 -24.09
N THR C 120 5.80 34.59 -23.32
CA THR C 120 6.65 35.75 -23.57
C THR C 120 8.09 35.26 -23.87
N MET C 121 8.58 35.62 -25.06
CA MET C 121 9.88 35.24 -25.58
C MET C 121 11.01 35.96 -24.87
N VAL C 122 11.96 35.20 -24.28
CA VAL C 122 13.16 35.74 -23.63
C VAL C 122 14.37 35.18 -24.41
N THR C 123 15.24 36.07 -24.90
CA THR C 123 16.36 35.64 -25.73
C THR C 123 17.73 35.99 -25.12
N VAL C 124 18.35 35.02 -24.42
CA VAL C 124 19.66 35.19 -23.81
C VAL C 124 20.73 35.09 -24.91
N SER C 125 21.17 36.26 -25.42
CA SER C 125 22.20 36.30 -26.46
C SER C 125 23.15 37.46 -26.30
N SER C 126 24.45 37.20 -26.53
CA SER C 126 25.54 38.17 -26.50
C SER C 126 25.43 39.14 -27.66
N ALA C 127 24.84 38.69 -28.80
CA ALA C 127 24.65 39.48 -30.00
C ALA C 127 23.73 40.66 -29.74
N SER C 128 24.04 41.80 -30.40
CA SER C 128 23.33 43.07 -30.27
C SER C 128 22.04 43.15 -31.07
N THR C 129 21.06 43.86 -30.48
CA THR C 129 19.72 44.10 -31.02
C THR C 129 19.78 44.92 -32.31
N LYS C 130 18.77 44.76 -33.18
CA LYS C 130 18.66 45.48 -34.45
C LYS C 130 17.19 45.72 -34.85
N GLY C 131 16.88 46.97 -35.18
CA GLY C 131 15.54 47.39 -35.58
C GLY C 131 15.18 47.06 -37.02
N PRO C 132 13.88 46.99 -37.37
CA PRO C 132 13.52 46.64 -38.75
C PRO C 132 13.46 47.79 -39.72
N SER C 133 13.66 47.47 -41.01
CA SER C 133 13.55 48.41 -42.12
C SER C 133 12.27 47.99 -42.86
N VAL C 134 11.21 48.79 -42.72
CA VAL C 134 9.92 48.49 -43.33
C VAL C 134 9.79 49.14 -44.70
N PHE C 135 9.43 48.34 -45.72
CA PHE C 135 9.22 48.78 -47.10
C PHE C 135 7.82 48.41 -47.59
N PRO C 136 7.14 49.27 -48.38
CA PRO C 136 5.79 48.91 -48.83
C PRO C 136 5.78 48.06 -50.09
N LEU C 137 5.04 46.94 -50.02
CA LEU C 137 4.86 46.02 -51.13
C LEU C 137 3.58 46.45 -51.86
N ALA C 138 3.76 47.26 -52.92
CA ALA C 138 2.71 47.85 -53.77
C ALA C 138 1.61 46.87 -54.17
N PRO C 139 0.32 47.28 -54.20
CA PRO C 139 -0.77 46.33 -54.55
C PRO C 139 -0.61 45.64 -55.89
N SER C 140 -0.78 44.30 -55.87
CA SER C 140 -0.65 43.44 -57.05
C SER C 140 -1.96 42.70 -57.37
N SER C 141 -2.57 43.06 -58.50
CA SER C 141 -3.78 42.44 -59.02
C SER C 141 -3.24 41.37 -59.98
N LYS C 142 -2.98 40.17 -59.46
CA LYS C 142 -2.38 39.05 -60.22
C LYS C 142 -2.62 37.74 -59.45
N SER C 143 -3.52 37.80 -58.45
CA SER C 143 -3.98 36.73 -57.58
C SER C 143 -5.31 37.14 -56.94
N THR C 144 -6.10 36.14 -56.48
CA THR C 144 -7.43 36.24 -55.84
C THR C 144 -8.52 36.81 -56.80
N SER C 145 -9.78 36.69 -56.37
CA SER C 145 -11.02 37.08 -57.06
C SER C 145 -11.13 38.56 -57.44
N GLY C 146 -12.35 38.97 -57.81
CA GLY C 146 -12.71 40.33 -58.21
C GLY C 146 -11.72 40.97 -59.17
N GLY C 147 -11.41 42.25 -58.98
CA GLY C 147 -11.98 43.13 -57.97
C GLY C 147 -11.25 43.11 -56.65
N THR C 148 -10.15 42.32 -56.56
CA THR C 148 -9.30 42.17 -55.38
C THR C 148 -7.82 42.27 -55.76
N ALA C 149 -7.02 42.92 -54.90
CA ALA C 149 -5.58 43.09 -55.08
C ALA C 149 -4.83 42.84 -53.77
N ALA C 150 -3.61 42.30 -53.87
CA ALA C 150 -2.77 41.98 -52.71
C ALA C 150 -1.64 42.99 -52.48
N LEU C 151 -1.68 43.68 -51.33
CA LEU C 151 -0.66 44.65 -50.89
C LEU C 151 -0.07 44.23 -49.56
N GLY C 152 1.19 44.57 -49.34
CA GLY C 152 1.87 44.19 -48.10
C GLY C 152 2.97 45.08 -47.57
N CYS C 153 3.63 44.59 -46.52
CA CYS C 153 4.74 45.24 -45.83
C CYS C 153 5.90 44.28 -45.67
N LEU C 154 7.10 44.77 -46.00
CA LEU C 154 8.31 43.97 -45.85
C LEU C 154 9.05 44.43 -44.62
N VAL C 155 9.14 43.55 -43.62
CA VAL C 155 9.84 43.80 -42.37
C VAL C 155 11.24 43.21 -42.57
N LYS C 156 12.12 44.01 -43.20
CA LYS C 156 13.48 43.62 -43.56
C LYS C 156 14.50 43.86 -42.43
N ASP C 157 15.37 42.84 -42.22
CA ASP C 157 16.50 42.75 -41.28
C ASP C 157 16.25 43.34 -39.88
N TYR C 158 15.91 42.46 -38.94
CA TYR C 158 15.66 42.77 -37.54
C TYR C 158 16.17 41.64 -36.63
N PHE C 159 16.19 41.87 -35.30
CA PHE C 159 16.65 40.91 -34.29
C PHE C 159 16.30 41.37 -32.88
N PRO C 160 15.75 40.51 -31.97
CA PRO C 160 15.33 39.12 -32.14
C PRO C 160 13.97 38.99 -32.84
N GLU C 161 13.51 37.73 -32.99
CA GLU C 161 12.30 37.28 -33.69
C GLU C 161 10.95 38.02 -33.37
N PRO C 162 10.59 38.43 -32.12
CA PRO C 162 9.25 39.04 -31.90
C PRO C 162 8.95 40.36 -32.62
N VAL C 163 8.21 40.28 -33.76
CA VAL C 163 7.72 41.43 -34.53
C VAL C 163 6.19 41.33 -34.69
N THR C 164 5.48 42.42 -34.32
CA THR C 164 4.02 42.49 -34.34
C THR C 164 3.52 43.34 -35.51
N VAL C 165 2.72 42.75 -36.40
CA VAL C 165 2.17 43.48 -37.55
C VAL C 165 0.64 43.41 -37.59
N SER C 166 0.01 44.59 -37.66
CA SER C 166 -1.43 44.77 -37.79
C SER C 166 -1.68 45.71 -38.98
N TRP C 167 -2.94 45.83 -39.43
CA TRP C 167 -3.27 46.70 -40.55
C TRP C 167 -4.33 47.72 -40.17
N ASN C 168 -4.13 48.98 -40.59
CA ASN C 168 -4.97 50.14 -40.29
C ASN C 168 -5.30 50.23 -38.80
N SER C 169 -4.24 50.18 -37.97
CA SER C 169 -4.26 50.21 -36.50
C SER C 169 -5.28 49.25 -35.88
N GLY C 170 -5.27 48.01 -36.37
CA GLY C 170 -6.15 46.95 -35.88
C GLY C 170 -7.52 46.83 -36.53
N ALA C 171 -7.95 47.85 -37.30
CA ALA C 171 -9.25 47.84 -37.96
C ALA C 171 -9.33 46.74 -39.04
N LEU C 172 -8.38 46.74 -39.98
CA LEU C 172 -8.31 45.75 -41.06
C LEU C 172 -7.80 44.40 -40.53
N THR C 173 -8.68 43.38 -40.54
CA THR C 173 -8.37 42.01 -40.09
C THR C 173 -8.62 40.99 -41.21
N SER C 174 -9.62 41.25 -42.07
CA SER C 174 -9.99 40.37 -43.17
C SER C 174 -8.96 40.38 -44.29
N GLY C 175 -8.41 39.20 -44.56
CA GLY C 175 -7.41 39.00 -45.62
C GLY C 175 -5.98 39.16 -45.17
N VAL C 176 -5.78 39.57 -43.90
CA VAL C 176 -4.45 39.78 -43.31
C VAL C 176 -3.76 38.43 -43.13
N HIS C 177 -2.57 38.28 -43.73
CA HIS C 177 -1.75 37.07 -43.62
C HIS C 177 -0.32 37.53 -43.35
N THR C 178 0.13 37.38 -42.10
CA THR C 178 1.47 37.76 -41.66
C THR C 178 2.34 36.50 -41.67
N PHE C 179 3.15 36.35 -42.74
CA PHE C 179 4.04 35.21 -42.98
C PHE C 179 5.09 35.01 -41.91
N PRO C 180 5.60 33.78 -41.67
CA PRO C 180 6.68 33.60 -40.68
C PRO C 180 8.00 34.12 -41.24
N ALA C 181 8.91 34.56 -40.36
CA ALA C 181 10.19 35.13 -40.77
C ALA C 181 11.28 34.12 -41.09
N VAL C 182 12.18 34.50 -42.03
CA VAL C 182 13.35 33.71 -42.44
C VAL C 182 14.52 34.06 -41.51
N LEU C 183 15.36 33.07 -41.16
CA LEU C 183 16.57 33.36 -40.39
C LEU C 183 17.64 33.40 -41.46
N GLN C 184 18.05 34.62 -41.84
CA GLN C 184 19.02 34.84 -42.91
C GLN C 184 20.45 34.41 -42.56
N SER C 185 21.33 34.41 -43.59
CA SER C 185 22.77 34.12 -43.51
C SER C 185 23.45 35.10 -42.56
N SER C 186 22.99 36.37 -42.57
CA SER C 186 23.45 37.46 -41.71
C SER C 186 23.17 37.17 -40.24
N GLY C 187 22.12 36.39 -39.97
CA GLY C 187 21.67 36.03 -38.64
C GLY C 187 20.45 36.84 -38.25
N LEU C 188 20.07 37.80 -39.13
CA LEU C 188 18.93 38.72 -38.96
C LEU C 188 17.66 38.19 -39.62
N TYR C 189 16.51 38.38 -38.95
CA TYR C 189 15.22 37.94 -39.44
C TYR C 189 14.61 38.90 -40.46
N SER C 190 13.76 38.36 -41.35
CA SER C 190 13.04 39.14 -42.36
C SER C 190 11.65 38.52 -42.52
N LEU C 191 10.62 39.32 -42.25
CA LEU C 191 9.21 38.91 -42.24
C LEU C 191 8.40 39.72 -43.26
N SER C 192 7.21 39.20 -43.66
CA SER C 192 6.31 39.90 -44.58
C SER C 192 4.85 39.71 -44.17
N SER C 193 4.01 40.71 -44.43
CA SER C 193 2.59 40.69 -44.10
C SER C 193 1.79 41.25 -45.25
N VAL C 194 0.86 40.46 -45.81
CA VAL C 194 0.03 40.85 -46.95
C VAL C 194 -1.46 40.77 -46.66
N VAL C 195 -2.25 41.67 -47.28
CA VAL C 195 -3.71 41.70 -47.11
C VAL C 195 -4.42 41.92 -48.47
N THR C 196 -5.36 41.01 -48.80
CA THR C 196 -6.14 41.08 -50.03
C THR C 196 -7.34 42.01 -49.80
N VAL C 197 -7.34 43.15 -50.52
CA VAL C 197 -8.33 44.22 -50.41
C VAL C 197 -9.03 44.53 -51.75
N PRO C 198 -10.21 45.19 -51.78
CA PRO C 198 -10.88 45.47 -53.07
C PRO C 198 -10.15 46.44 -54.00
N SER C 199 -10.17 46.13 -55.31
CA SER C 199 -9.56 46.94 -56.36
C SER C 199 -10.37 48.23 -56.58
N SER C 200 -11.67 48.19 -56.23
CA SER C 200 -12.58 49.32 -56.33
C SER C 200 -12.17 50.40 -55.30
N SER C 201 -12.02 49.98 -54.02
CA SER C 201 -11.64 50.85 -52.90
C SER C 201 -10.12 51.12 -52.79
N LEU C 202 -9.33 50.69 -53.79
CA LEU C 202 -7.87 50.87 -53.83
C LEU C 202 -7.44 52.34 -53.89
N GLY C 203 -8.24 53.17 -54.58
CA GLY C 203 -7.98 54.60 -54.71
C GLY C 203 -8.57 55.44 -53.59
N THR C 204 -9.72 55.02 -53.05
CA THR C 204 -10.43 55.74 -51.98
C THR C 204 -9.91 55.42 -50.58
N GLN C 205 -9.72 54.12 -50.26
CA GLN C 205 -9.25 53.68 -48.93
C GLN C 205 -7.73 53.71 -48.79
N THR C 206 -7.26 54.07 -47.58
CA THR C 206 -5.84 54.15 -47.23
C THR C 206 -5.42 52.89 -46.47
N TYR C 207 -4.28 52.28 -46.87
CA TYR C 207 -3.77 51.07 -46.24
C TYR C 207 -2.38 51.29 -45.63
N ILE C 208 -2.32 51.32 -44.29
CA ILE C 208 -1.13 51.54 -43.47
C ILE C 208 -0.91 50.35 -42.55
N CYS C 209 0.31 49.79 -42.54
CA CYS C 209 0.62 48.65 -41.66
C CYS C 209 1.34 49.09 -40.40
N ASN C 210 0.88 48.59 -39.24
CA ASN C 210 1.46 48.94 -37.94
C ASN C 210 2.48 47.89 -37.48
N VAL C 211 3.75 48.08 -37.89
CA VAL C 211 4.87 47.21 -37.51
C VAL C 211 5.39 47.67 -36.15
N ASN C 212 5.60 46.71 -35.24
CA ASN C 212 6.10 46.97 -33.89
C ASN C 212 7.17 45.95 -33.48
N HIS C 213 8.40 46.43 -33.28
CA HIS C 213 9.50 45.59 -32.84
C HIS C 213 9.78 45.92 -31.39
N LYS C 214 9.12 45.16 -30.49
CA LYS C 214 9.19 45.29 -29.04
C LYS C 214 10.64 45.37 -28.50
N PRO C 215 11.59 44.46 -28.86
CA PRO C 215 12.95 44.54 -28.28
C PRO C 215 13.83 45.69 -28.74
N SER C 216 13.47 46.42 -29.80
CA SER C 216 14.24 47.59 -30.25
C SER C 216 13.44 48.89 -30.09
N ASN C 217 12.20 48.76 -29.54
CA ASN C 217 11.21 49.82 -29.26
C ASN C 217 10.80 50.65 -30.51
N THR C 218 11.13 50.11 -31.70
CA THR C 218 10.81 50.69 -33.00
C THR C 218 9.34 50.41 -33.32
N LYS C 219 8.65 51.41 -33.87
CA LYS C 219 7.26 51.29 -34.27
C LYS C 219 7.08 52.01 -35.61
N VAL C 220 6.94 51.23 -36.69
CA VAL C 220 6.79 51.77 -38.04
C VAL C 220 5.32 51.69 -38.49
N ASP C 221 4.79 52.81 -39.00
CA ASP C 221 3.43 52.91 -39.50
C ASP C 221 3.50 53.31 -40.98
N LYS C 222 3.92 52.36 -41.84
CA LYS C 222 4.11 52.57 -43.29
C LYS C 222 2.84 52.40 -44.11
N LYS C 223 2.55 53.41 -44.95
CA LYS C 223 1.41 53.46 -45.86
C LYS C 223 1.83 52.85 -47.22
N VAL C 224 0.97 51.97 -47.77
CA VAL C 224 1.19 51.31 -49.06
C VAL C 224 0.30 51.97 -50.11
N GLU C 225 0.91 52.40 -51.24
CA GLU C 225 0.21 53.09 -52.32
C GLU C 225 0.52 52.45 -53.70
N PRO C 226 -0.44 52.47 -54.68
CA PRO C 226 -0.15 51.88 -55.99
C PRO C 226 0.87 52.65 -56.83
N SER D 2 9.23 9.73 -10.61
CA SER D 2 10.10 10.59 -11.39
C SER D 2 10.35 10.04 -12.78
N GLU D 3 10.51 10.96 -13.77
CA GLU D 3 10.81 10.72 -15.19
C GLU D 3 9.72 9.94 -15.92
N LEU D 4 8.97 10.63 -16.80
CA LEU D 4 7.91 10.02 -17.60
C LEU D 4 8.19 10.19 -19.09
N THR D 5 8.51 9.08 -19.76
CA THR D 5 8.87 9.09 -21.19
C THR D 5 7.75 8.68 -22.13
N GLN D 6 7.81 9.20 -23.37
CA GLN D 6 6.85 8.94 -24.44
C GLN D 6 7.52 8.90 -25.81
N ASP D 7 6.85 8.26 -26.80
CA ASP D 7 7.37 8.10 -28.16
C ASP D 7 7.59 9.46 -28.83
N PRO D 8 8.81 9.75 -29.34
CA PRO D 8 9.05 11.06 -29.96
C PRO D 8 8.19 11.39 -31.17
N ALA D 9 7.73 10.35 -31.91
CA ALA D 9 6.87 10.48 -33.10
C ALA D 9 5.99 9.24 -33.30
N VAL D 10 4.70 9.46 -33.62
CA VAL D 10 3.70 8.43 -33.86
C VAL D 10 2.83 8.85 -35.05
N SER D 11 2.65 7.95 -36.05
CA SER D 11 1.89 8.24 -37.25
C SER D 11 0.50 7.57 -37.27
N VAL D 12 -0.53 8.28 -37.82
CA VAL D 12 -1.93 7.81 -37.95
C VAL D 12 -2.46 7.95 -39.38
N ALA D 13 -3.60 7.31 -39.65
CA ALA D 13 -4.35 7.39 -40.90
C ALA D 13 -5.67 8.09 -40.57
N LEU D 14 -6.30 8.73 -41.56
CA LEU D 14 -7.56 9.44 -41.34
C LEU D 14 -8.68 8.44 -41.03
N GLY D 15 -9.38 8.67 -39.93
CA GLY D 15 -10.45 7.80 -39.47
C GLY D 15 -9.98 6.69 -38.54
N GLN D 16 -8.68 6.35 -38.60
CA GLN D 16 -8.04 5.32 -37.78
C GLN D 16 -7.96 5.74 -36.29
N THR D 17 -7.71 4.79 -35.39
CA THR D 17 -7.59 5.05 -33.96
C THR D 17 -6.12 4.94 -33.53
N VAL D 18 -5.63 5.95 -32.79
CA VAL D 18 -4.26 6.00 -32.29
C VAL D 18 -4.23 6.09 -30.76
N ARG D 19 -3.19 5.51 -30.15
CA ARG D 19 -2.98 5.47 -28.71
C ARG D 19 -1.56 5.93 -28.39
N ILE D 20 -1.44 7.09 -27.72
CA ILE D 20 -0.16 7.64 -27.31
C ILE D 20 0.11 7.19 -25.87
N THR D 21 1.24 6.51 -25.64
CA THR D 21 1.60 5.97 -24.33
C THR D 21 2.62 6.83 -23.59
N CYS D 22 2.46 6.92 -22.26
CA CYS D 22 3.33 7.65 -21.35
C CYS D 22 3.66 6.69 -20.21
N GLN D 23 4.96 6.53 -19.88
CA GLN D 23 5.41 5.62 -18.84
C GLN D 23 6.29 6.35 -17.83
N GLY D 24 5.85 6.37 -16.56
CA GLY D 24 6.56 7.03 -15.47
C GLY D 24 6.26 6.43 -14.10
N ASP D 25 7.20 6.59 -13.14
CA ASP D 25 7.05 6.07 -11.78
C ASP D 25 6.00 6.84 -10.99
N SER D 26 5.84 8.15 -11.29
CA SER D 26 4.87 9.03 -10.67
C SER D 26 3.43 8.71 -11.09
N LEU D 27 3.26 7.99 -12.22
CA LEU D 27 1.98 7.58 -12.78
C LEU D 27 1.28 6.48 -11.97
N ARG D 28 2.02 5.84 -11.05
CA ARG D 28 1.48 4.82 -10.14
C ARG D 28 0.63 5.52 -9.09
N SER D 29 1.19 6.57 -8.47
CA SER D 29 0.55 7.38 -7.42
C SER D 29 -0.32 8.53 -7.93
N ASN D 30 -0.01 9.08 -9.13
CA ASN D 30 -0.76 10.20 -9.71
C ASN D 30 -1.33 9.92 -11.11
N TYR D 31 -2.25 10.77 -11.57
CA TYR D 31 -2.91 10.63 -12.88
C TYR D 31 -2.38 11.62 -13.89
N ALA D 32 -2.18 11.12 -15.12
CA ALA D 32 -1.63 11.87 -16.22
C ALA D 32 -2.60 12.85 -16.85
N SER D 33 -2.08 14.03 -17.20
CA SER D 33 -2.79 15.11 -17.89
C SER D 33 -2.08 15.34 -19.23
N TRP D 34 -2.85 15.30 -20.32
CA TRP D 34 -2.33 15.45 -21.68
C TRP D 34 -2.59 16.84 -22.24
N TYR D 35 -1.65 17.35 -23.05
CA TYR D 35 -1.74 18.66 -23.68
C TYR D 35 -1.45 18.59 -25.16
N GLN D 36 -2.29 19.25 -25.96
CA GLN D 36 -2.18 19.36 -27.41
C GLN D 36 -1.47 20.69 -27.74
N GLN D 37 -0.42 20.63 -28.55
CA GLN D 37 0.31 21.83 -28.95
C GLN D 37 0.60 21.87 -30.44
N LYS D 38 0.02 22.88 -31.10
CA LYS D 38 0.17 23.13 -32.53
C LYS D 38 1.33 24.12 -32.72
N PRO D 39 1.92 24.28 -33.94
CA PRO D 39 3.04 25.24 -34.09
C PRO D 39 2.67 26.68 -33.76
N GLY D 40 3.50 27.35 -32.97
CA GLY D 40 3.30 28.73 -32.54
C GLY D 40 2.01 28.93 -31.77
N GLN D 41 1.66 27.92 -30.96
CA GLN D 41 0.46 27.88 -30.15
C GLN D 41 0.81 27.51 -28.72
N ALA D 42 0.01 27.99 -27.75
CA ALA D 42 0.16 27.67 -26.34
C ALA D 42 -0.43 26.26 -26.12
N PRO D 43 0.03 25.45 -25.14
CA PRO D 43 -0.56 24.11 -24.95
C PRO D 43 -2.03 24.16 -24.55
N LEU D 44 -2.79 23.14 -24.95
CA LEU D 44 -4.22 23.03 -24.67
C LEU D 44 -4.54 21.71 -23.97
N LEU D 45 -5.20 21.79 -22.80
CA LEU D 45 -5.60 20.59 -22.03
C LEU D 45 -6.68 19.83 -22.80
N VAL D 46 -6.44 18.53 -23.04
CA VAL D 46 -7.37 17.65 -23.76
C VAL D 46 -7.99 16.59 -22.83
N ILE D 47 -7.17 15.90 -22.01
CA ILE D 47 -7.60 14.87 -21.07
C ILE D 47 -6.78 15.01 -19.77
N TYR D 48 -7.42 14.83 -18.60
CA TYR D 48 -6.76 14.90 -17.30
C TYR D 48 -7.48 14.02 -16.28
N GLY D 49 -6.80 13.72 -15.17
CA GLY D 49 -7.32 12.90 -14.08
C GLY D 49 -7.79 11.51 -14.47
N LYS D 50 -8.97 11.10 -13.97
CA LYS D 50 -9.61 9.81 -14.24
C LYS D 50 -10.48 9.92 -15.52
N ASN D 51 -9.85 10.28 -16.66
CA ASN D 51 -10.47 10.47 -17.98
C ASN D 51 -11.54 11.58 -17.95
N TYR D 52 -11.09 12.80 -17.71
CA TYR D 52 -11.95 13.98 -17.69
C TYR D 52 -11.52 14.88 -18.85
N ARG D 53 -12.47 15.24 -19.73
CA ARG D 53 -12.18 16.12 -20.86
C ARG D 53 -12.89 17.45 -20.71
N PRO D 54 -12.15 18.59 -20.79
CA PRO D 54 -12.81 19.91 -20.64
C PRO D 54 -13.78 20.16 -21.80
N SER D 55 -14.84 20.94 -21.53
CA SER D 55 -15.85 21.27 -22.53
C SER D 55 -15.19 21.93 -23.74
N GLY D 56 -15.56 21.46 -24.92
CA GLY D 56 -14.99 21.92 -26.18
C GLY D 56 -14.06 20.91 -26.81
N ILE D 57 -13.63 19.92 -26.02
CA ILE D 57 -12.75 18.84 -26.47
C ILE D 57 -13.65 17.67 -26.94
N PRO D 58 -13.49 17.20 -28.21
CA PRO D 58 -14.38 16.15 -28.73
C PRO D 58 -14.27 14.78 -28.05
N ASP D 59 -15.28 13.92 -28.31
CA ASP D 59 -15.41 12.55 -27.79
C ASP D 59 -14.26 11.63 -28.23
N ARG D 60 -13.49 12.08 -29.25
CA ARG D 60 -12.34 11.41 -29.86
C ARG D 60 -11.24 11.17 -28.83
N PHE D 61 -11.03 12.14 -27.93
CA PHE D 61 -10.02 12.08 -26.88
C PHE D 61 -10.51 11.35 -25.65
N SER D 62 -9.77 10.32 -25.22
CA SER D 62 -10.08 9.50 -24.05
C SER D 62 -8.80 9.09 -23.32
N GLY D 63 -8.91 9.00 -22.00
CA GLY D 63 -7.80 8.65 -21.12
C GLY D 63 -7.87 7.27 -20.51
N SER D 64 -6.86 6.46 -20.81
CA SER D 64 -6.67 5.11 -20.33
C SER D 64 -5.47 5.14 -19.41
N TYR D 65 -5.43 4.26 -18.40
CA TYR D 65 -4.32 4.19 -17.45
C TYR D 65 -4.26 2.84 -16.74
N SER D 66 -3.03 2.32 -16.57
CA SER D 66 -2.74 1.05 -15.91
C SER D 66 -1.32 1.05 -15.32
N GLY D 67 -1.25 1.15 -14.00
CA GLY D 67 0.00 1.19 -13.25
C GLY D 67 0.88 2.38 -13.62
N ASN D 68 2.13 2.08 -14.04
CA ASN D 68 3.12 3.08 -14.44
C ASN D 68 2.87 3.66 -15.84
N THR D 69 1.89 3.11 -16.60
CA THR D 69 1.59 3.57 -17.94
C THR D 69 0.18 4.15 -18.06
N ALA D 70 0.09 5.32 -18.72
CA ALA D 70 -1.14 6.04 -19.04
C ALA D 70 -1.18 6.23 -20.55
N SER D 71 -2.38 6.19 -21.14
CA SER D 71 -2.51 6.29 -22.58
C SER D 71 -3.62 7.22 -23.03
N LEU D 72 -3.31 8.05 -24.04
CA LEU D 72 -4.26 8.97 -24.67
C LEU D 72 -4.72 8.35 -25.96
N THR D 73 -6.01 8.03 -26.05
CA THR D 73 -6.57 7.41 -27.24
C THR D 73 -7.37 8.43 -28.04
N ILE D 74 -7.05 8.54 -29.35
CA ILE D 74 -7.72 9.44 -30.29
C ILE D 74 -8.50 8.57 -31.29
N SER D 75 -9.82 8.47 -31.07
CA SER D 75 -10.71 7.69 -31.93
C SER D 75 -11.05 8.51 -33.17
N GLY D 76 -10.84 7.92 -34.34
CA GLY D 76 -11.13 8.56 -35.62
C GLY D 76 -10.30 9.80 -35.85
N ALA D 77 -9.02 9.59 -36.19
CA ALA D 77 -8.04 10.65 -36.43
C ALA D 77 -8.45 11.59 -37.56
N GLN D 78 -8.41 12.90 -37.27
CA GLN D 78 -8.76 13.98 -38.21
C GLN D 78 -7.61 14.97 -38.34
N ALA D 79 -7.50 15.63 -39.51
CA ALA D 79 -6.44 16.61 -39.84
C ALA D 79 -6.11 17.61 -38.73
N GLU D 80 -7.14 18.13 -38.03
CA GLU D 80 -6.98 19.09 -36.92
C GLU D 80 -6.31 18.49 -35.68
N ASP D 81 -6.10 17.17 -35.66
CA ASP D 81 -5.47 16.47 -34.54
C ASP D 81 -3.96 16.31 -34.71
N GLU D 82 -3.43 16.67 -35.92
CA GLU D 82 -1.99 16.63 -36.24
C GLU D 82 -1.29 17.73 -35.43
N ALA D 83 -0.70 17.33 -34.27
CA ALA D 83 -0.02 18.24 -33.34
C ALA D 83 0.94 17.47 -32.41
N ASP D 84 1.57 18.18 -31.45
CA ASP D 84 2.46 17.58 -30.44
C ASP D 84 1.62 17.25 -29.20
N TYR D 85 1.80 16.06 -28.63
CA TYR D 85 1.05 15.65 -27.45
C TYR D 85 1.98 15.40 -26.27
N TYR D 86 1.76 16.15 -25.17
CA TYR D 86 2.61 16.09 -23.99
C TYR D 86 1.91 15.48 -22.78
N CYS D 87 2.49 14.41 -22.19
CA CYS D 87 1.95 13.82 -20.97
C CYS D 87 2.59 14.51 -19.78
N ASN D 88 1.80 14.73 -18.72
CA ASN D 88 2.24 15.46 -17.54
C ASN D 88 1.68 14.85 -16.28
N SER D 89 2.42 14.97 -15.15
CA SER D 89 1.96 14.44 -13.86
C SER D 89 2.51 15.21 -12.67
N ARG D 90 1.87 15.01 -11.51
CA ARG D 90 2.29 15.60 -10.24
C ARG D 90 3.09 14.56 -9.45
N ASP D 91 3.93 15.03 -8.51
CA ASP D 91 4.75 14.14 -7.72
C ASP D 91 4.97 14.66 -6.31
N SER D 92 4.11 14.23 -5.38
CA SER D 92 4.21 14.63 -3.97
C SER D 92 5.26 13.81 -3.22
N SER D 93 5.75 12.71 -3.84
CA SER D 93 6.79 11.83 -3.27
C SER D 93 8.16 12.52 -3.11
N GLY D 94 8.39 13.59 -3.88
CA GLY D 94 9.63 14.36 -3.86
C GLY D 94 9.47 15.84 -3.63
N ASP D 95 10.40 16.63 -4.18
CA ASP D 95 10.44 18.10 -4.09
C ASP D 95 10.15 18.77 -5.45
N HIS D 96 10.04 17.94 -6.51
CA HIS D 96 9.73 18.34 -7.89
C HIS D 96 8.30 17.85 -8.20
N PRO D 97 7.28 18.73 -8.01
CA PRO D 97 5.89 18.28 -8.19
C PRO D 97 5.32 18.33 -9.61
N VAL D 98 6.12 18.73 -10.61
CA VAL D 98 5.65 18.78 -12.01
C VAL D 98 6.64 18.04 -12.90
N VAL D 99 6.16 17.02 -13.62
CA VAL D 99 6.98 16.17 -14.51
C VAL D 99 6.37 16.16 -15.91
N PHE D 100 7.13 16.62 -16.93
CA PHE D 100 6.68 16.63 -18.32
C PHE D 100 7.35 15.57 -19.19
N GLY D 101 6.63 15.13 -20.22
CA GLY D 101 7.09 14.13 -21.18
C GLY D 101 7.72 14.74 -22.41
N GLY D 102 8.60 13.96 -23.06
CA GLY D 102 9.34 14.36 -24.25
C GLY D 102 8.51 14.83 -25.44
N GLY D 103 7.21 14.54 -25.38
CA GLY D 103 6.26 14.90 -26.42
C GLY D 103 6.17 13.87 -27.52
N THR D 104 5.04 13.85 -28.23
CA THR D 104 4.79 12.93 -29.33
C THR D 104 4.37 13.71 -30.56
N ASN D 105 5.22 13.70 -31.61
CA ASN D 105 4.92 14.39 -32.86
C ASN D 105 3.95 13.51 -33.64
N LEU D 106 2.64 13.78 -33.47
CA LEU D 106 1.57 13.04 -34.11
C LEU D 106 1.29 13.54 -35.51
N THR D 107 1.82 12.80 -36.51
CA THR D 107 1.65 13.07 -37.93
C THR D 107 0.41 12.31 -38.40
N VAL D 108 -0.55 13.01 -39.02
CA VAL D 108 -1.74 12.31 -39.51
C VAL D 108 -1.72 12.26 -41.03
N LEU D 109 -1.74 11.03 -41.53
CA LEU D 109 -1.79 10.67 -42.94
C LEU D 109 -3.28 10.36 -43.17
N GLY D 110 -3.79 10.46 -44.40
CA GLY D 110 -3.06 10.86 -45.58
C GLY D 110 -3.84 11.89 -46.35
N GLN D 111 -3.13 12.91 -46.87
CA GLN D 111 -3.68 13.99 -47.70
C GLN D 111 -4.79 14.82 -46.94
N PRO D 112 -5.63 15.66 -47.59
CA PRO D 112 -5.76 15.93 -49.03
C PRO D 112 -4.68 16.88 -49.54
N LYS D 113 -4.12 16.59 -50.73
CA LYS D 113 -3.08 17.41 -51.35
C LYS D 113 -3.63 18.76 -51.79
N ALA D 114 -2.90 19.84 -51.47
CA ALA D 114 -3.31 21.22 -51.78
C ALA D 114 -2.29 21.93 -52.66
N ALA D 115 -2.76 22.65 -53.67
CA ALA D 115 -1.92 23.38 -54.61
C ALA D 115 -1.48 24.74 -54.05
N PRO D 116 -0.17 25.06 -54.14
CA PRO D 116 0.31 26.34 -53.58
C PRO D 116 -0.12 27.59 -54.33
N SER D 117 -0.52 28.63 -53.58
CA SER D 117 -0.92 29.92 -54.14
C SER D 117 0.25 30.90 -53.99
N VAL D 118 0.96 31.13 -55.10
CA VAL D 118 2.16 31.96 -55.17
C VAL D 118 1.85 33.43 -55.52
N THR D 119 2.52 34.36 -54.82
CA THR D 119 2.42 35.81 -54.99
C THR D 119 3.85 36.39 -55.01
N LEU D 120 4.23 37.08 -56.12
CA LEU D 120 5.57 37.66 -56.29
C LEU D 120 5.55 39.18 -56.40
N PHE D 121 6.36 39.83 -55.55
CA PHE D 121 6.53 41.29 -55.48
C PHE D 121 7.94 41.73 -55.90
N PRO D 122 8.05 42.75 -56.78
CA PRO D 122 9.38 43.25 -57.15
C PRO D 122 9.92 44.17 -56.05
N PRO D 123 11.20 44.63 -56.05
CA PRO D 123 11.65 45.54 -54.97
C PRO D 123 11.01 46.91 -55.11
N SER D 124 10.52 47.47 -53.99
CA SER D 124 9.85 48.77 -53.96
C SER D 124 10.84 49.89 -54.27
N SER D 125 10.33 50.99 -54.87
CA SER D 125 11.13 52.16 -55.24
C SER D 125 11.81 52.73 -54.00
N GLU D 126 11.11 52.67 -52.83
CA GLU D 126 11.60 53.10 -51.52
C GLU D 126 12.81 52.28 -51.09
N GLU D 127 12.77 50.95 -51.31
CA GLU D 127 13.87 50.04 -51.00
C GLU D 127 15.03 50.27 -51.96
N LEU D 128 14.72 50.58 -53.25
CA LEU D 128 15.72 50.87 -54.28
C LEU D 128 16.46 52.17 -54.00
N GLN D 129 15.78 53.14 -53.36
CA GLN D 129 16.35 54.42 -52.96
C GLN D 129 17.41 54.20 -51.86
N ALA D 130 17.16 53.24 -50.96
CA ALA D 130 18.09 52.86 -49.90
C ALA D 130 19.25 51.98 -50.44
N ASN D 131 19.44 51.97 -51.77
CA ASN D 131 20.46 51.22 -52.53
C ASN D 131 20.43 49.71 -52.23
N LYS D 132 19.21 49.15 -52.17
CA LYS D 132 18.98 47.71 -51.94
C LYS D 132 17.78 47.21 -52.73
N ALA D 133 17.75 45.90 -53.03
CA ALA D 133 16.66 45.25 -53.76
C ALA D 133 16.34 43.88 -53.19
N THR D 134 15.04 43.59 -52.99
CA THR D 134 14.55 42.33 -52.43
C THR D 134 13.25 41.91 -53.16
N LEU D 135 13.28 40.71 -53.74
CA LEU D 135 12.14 40.09 -54.44
C LEU D 135 11.44 39.18 -53.44
N VAL D 136 10.14 39.39 -53.22
CA VAL D 136 9.38 38.64 -52.23
C VAL D 136 8.45 37.58 -52.86
N CYS D 137 8.76 36.28 -52.65
CA CYS D 137 7.94 35.16 -53.13
C CYS D 137 7.18 34.56 -51.95
N LEU D 138 5.84 34.59 -52.01
CA LEU D 138 4.99 34.12 -50.93
C LEU D 138 4.12 32.93 -51.31
N ILE D 139 4.56 31.73 -50.87
CA ILE D 139 3.92 30.44 -51.10
C ILE D 139 2.96 30.14 -49.94
N SER D 140 1.67 29.88 -50.25
CA SER D 140 0.64 29.59 -49.22
C SER D 140 -0.39 28.51 -49.63
N ASP D 141 -1.16 28.02 -48.62
CA ASP D 141 -2.24 27.03 -48.72
C ASP D 141 -1.88 25.75 -49.51
N PHE D 142 -0.73 25.14 -49.18
CA PHE D 142 -0.26 23.91 -49.80
C PHE D 142 -0.12 22.76 -48.81
N TYR D 143 -0.14 21.51 -49.31
CA TYR D 143 0.04 20.27 -48.54
C TYR D 143 0.48 19.15 -49.48
N PRO D 144 1.53 18.36 -49.16
CA PRO D 144 2.39 18.39 -47.95
C PRO D 144 3.32 19.59 -47.94
N GLY D 145 3.91 19.87 -46.78
CA GLY D 145 4.84 20.99 -46.59
C GLY D 145 6.21 20.74 -47.19
N ALA D 146 6.25 20.50 -48.50
CA ALA D 146 7.48 20.24 -49.24
C ALA D 146 7.43 21.09 -50.49
N VAL D 147 8.27 22.13 -50.54
CA VAL D 147 8.35 23.08 -51.63
C VAL D 147 9.79 23.34 -52.03
N THR D 148 10.05 23.39 -53.36
CA THR D 148 11.35 23.69 -53.93
C THR D 148 11.26 25.05 -54.60
N VAL D 149 12.09 26.01 -54.17
CA VAL D 149 12.10 27.35 -54.74
C VAL D 149 13.41 27.58 -55.49
N ALA D 150 13.29 27.98 -56.76
CA ALA D 150 14.41 28.27 -57.63
C ALA D 150 14.19 29.63 -58.28
N TRP D 151 15.21 30.48 -58.26
CA TRP D 151 15.11 31.81 -58.86
C TRP D 151 15.81 31.82 -60.19
N LYS D 152 15.28 32.61 -61.12
CA LYS D 152 15.81 32.68 -62.48
C LYS D 152 15.90 34.11 -63.01
N ALA D 153 17.14 34.57 -63.27
CA ALA D 153 17.39 35.86 -63.89
C ALA D 153 17.23 35.58 -65.39
N ASP D 154 16.09 36.03 -65.99
CA ASP D 154 15.69 35.81 -67.39
C ASP D 154 15.55 34.32 -67.69
N SER D 155 16.68 33.65 -67.99
CA SER D 155 16.76 32.23 -68.29
C SER D 155 17.75 31.51 -67.37
N SER D 156 18.83 32.21 -66.96
CA SER D 156 19.90 31.69 -66.09
C SER D 156 19.44 31.56 -64.62
N PRO D 157 19.69 30.41 -63.93
CA PRO D 157 19.24 30.28 -62.54
C PRO D 157 20.13 30.98 -61.52
N VAL D 158 19.53 31.43 -60.41
CA VAL D 158 20.17 32.17 -59.31
C VAL D 158 20.19 31.35 -58.01
N LYS D 159 21.41 31.04 -57.54
CA LYS D 159 21.64 30.28 -56.31
C LYS D 159 22.06 31.22 -55.19
N ALA D 160 22.73 32.34 -55.55
CA ALA D 160 23.23 33.34 -54.61
C ALA D 160 22.18 34.36 -54.22
N GLY D 161 22.21 34.76 -52.95
CA GLY D 161 21.27 35.74 -52.38
C GLY D 161 19.87 35.19 -52.18
N VAL D 162 19.75 33.85 -52.08
CA VAL D 162 18.47 33.18 -51.91
C VAL D 162 18.32 32.68 -50.47
N GLU D 163 17.31 33.22 -49.77
CA GLU D 163 16.98 32.81 -48.41
C GLU D 163 15.53 32.36 -48.43
N THR D 164 15.29 31.08 -48.13
CA THR D 164 13.96 30.46 -48.14
C THR D 164 13.65 29.83 -46.78
N THR D 165 12.42 30.04 -46.27
CA THR D 165 11.95 29.44 -45.01
C THR D 165 11.72 27.93 -45.19
N THR D 166 11.48 27.25 -44.07
CA THR D 166 11.08 25.85 -44.05
C THR D 166 9.54 25.94 -43.90
N PRO D 167 8.75 25.19 -44.71
CA PRO D 167 7.28 25.31 -44.60
C PRO D 167 6.74 25.08 -43.20
N SER D 168 5.76 25.89 -42.78
CA SER D 168 5.15 25.78 -41.45
C SER D 168 3.63 25.86 -41.51
N LYS D 169 2.95 25.05 -40.68
CA LYS D 169 1.50 24.93 -40.59
C LYS D 169 0.80 26.24 -40.26
N GLN D 170 -0.28 26.53 -40.99
CA GLN D 170 -1.09 27.73 -40.88
C GLN D 170 -2.29 27.49 -39.95
N SER D 171 -3.41 28.22 -40.18
CA SER D 171 -4.67 28.14 -39.42
C SER D 171 -5.53 26.96 -39.88
N ASN D 172 -5.52 26.68 -41.21
CA ASN D 172 -6.28 25.59 -41.83
C ASN D 172 -5.42 24.34 -42.04
N ASN D 173 -4.39 24.15 -41.18
CA ASN D 173 -3.45 23.02 -41.15
C ASN D 173 -2.59 22.84 -42.42
N LYS D 174 -2.78 23.75 -43.40
CA LYS D 174 -2.01 23.76 -44.64
C LYS D 174 -0.72 24.53 -44.38
N TYR D 175 0.27 24.47 -45.27
CA TYR D 175 1.56 25.10 -45.03
C TYR D 175 1.77 26.45 -45.72
N ALA D 176 2.75 27.23 -45.23
CA ALA D 176 3.16 28.53 -45.76
C ALA D 176 4.68 28.65 -45.80
N ALA D 177 5.20 29.19 -46.90
CA ALA D 177 6.64 29.39 -47.09
C ALA D 177 6.93 30.72 -47.77
N SER D 178 8.09 31.33 -47.43
CA SER D 178 8.53 32.61 -47.97
C SER D 178 9.94 32.45 -48.52
N SER D 179 10.21 33.09 -49.66
CA SER D 179 11.54 33.06 -50.26
C SER D 179 11.88 34.46 -50.75
N TYR D 180 13.04 34.97 -50.31
CA TYR D 180 13.50 36.30 -50.66
C TYR D 180 14.80 36.27 -51.44
N LEU D 181 14.86 37.02 -52.55
CA LEU D 181 16.07 37.12 -53.36
C LEU D 181 16.59 38.53 -53.25
N SER D 182 17.72 38.69 -52.52
CA SER D 182 18.36 39.99 -52.32
C SER D 182 19.35 40.29 -53.43
N LEU D 183 19.20 41.48 -54.03
CA LEU D 183 20.03 41.97 -55.13
C LEU D 183 20.40 43.43 -54.90
N THR D 184 21.33 43.94 -55.72
CA THR D 184 21.74 45.34 -55.70
C THR D 184 20.89 46.02 -56.77
N PRO D 185 20.51 47.32 -56.64
CA PRO D 185 19.73 47.96 -57.71
C PRO D 185 20.39 47.90 -59.08
N GLU D 186 21.74 47.71 -59.13
CA GLU D 186 22.53 47.56 -60.36
C GLU D 186 22.12 46.25 -61.06
N GLN D 187 21.90 45.17 -60.27
CA GLN D 187 21.48 43.86 -60.76
C GLN D 187 20.03 43.87 -61.23
N TRP D 188 19.12 44.45 -60.42
CA TRP D 188 17.68 44.54 -60.71
C TRP D 188 17.42 45.32 -62.01
N LYS D 189 18.05 46.51 -62.15
CA LYS D 189 17.92 47.37 -63.33
C LYS D 189 18.59 46.76 -64.58
N SER D 190 19.65 45.94 -64.39
CA SER D 190 20.41 45.25 -65.46
C SER D 190 19.55 44.35 -66.33
N HIS D 191 18.59 43.64 -65.72
CA HIS D 191 17.68 42.69 -66.39
C HIS D 191 16.30 43.33 -66.75
N ARG D 192 15.45 42.79 -67.68
CA ARG D 192 15.41 41.55 -68.48
C ARG D 192 14.60 40.44 -67.77
N SER D 193 13.81 40.82 -66.73
CA SER D 193 12.89 40.01 -65.92
C SER D 193 13.52 38.93 -65.03
N TYR D 194 12.99 38.81 -63.81
CA TYR D 194 13.38 37.83 -62.79
C TYR D 194 12.16 36.94 -62.51
N SER D 195 12.39 35.63 -62.27
CA SER D 195 11.30 34.67 -62.04
C SER D 195 11.44 33.86 -60.75
N CYS D 196 10.30 33.45 -60.17
CA CYS D 196 10.22 32.63 -58.97
C CYS D 196 9.57 31.28 -59.32
N GLN D 197 10.34 30.16 -59.28
CA GLN D 197 9.85 28.81 -59.61
C GLN D 197 9.48 27.99 -58.37
N VAL D 198 8.16 27.82 -58.14
CA VAL D 198 7.65 27.08 -56.97
C VAL D 198 7.16 25.68 -57.38
N THR D 199 8.00 24.66 -57.16
CA THR D 199 7.70 23.27 -57.48
C THR D 199 7.15 22.57 -56.24
N HIS D 200 5.97 21.96 -56.37
CA HIS D 200 5.28 21.21 -55.32
C HIS D 200 4.57 20.00 -55.94
N GLU D 201 5.11 18.81 -55.67
CA GLU D 201 4.63 17.51 -56.16
C GLU D 201 4.51 17.48 -57.70
N GLY D 202 5.60 17.89 -58.36
CA GLY D 202 5.68 17.96 -59.81
C GLY D 202 5.29 19.32 -60.34
N SER D 203 4.05 19.75 -60.03
CA SER D 203 3.47 21.03 -60.48
C SER D 203 4.34 22.24 -60.10
N THR D 204 4.75 23.03 -61.10
CA THR D 204 5.60 24.23 -60.89
C THR D 204 4.84 25.51 -61.24
N VAL D 205 4.87 26.49 -60.32
CA VAL D 205 4.26 27.82 -60.49
C VAL D 205 5.39 28.82 -60.71
N GLU D 206 5.42 29.49 -61.87
CA GLU D 206 6.49 30.44 -62.22
C GLU D 206 5.98 31.88 -62.42
N LYS D 207 5.87 32.61 -61.31
CA LYS D 207 5.48 34.03 -61.33
C LYS D 207 6.72 34.83 -61.76
N THR D 208 6.53 35.85 -62.62
CA THR D 208 7.64 36.65 -63.16
C THR D 208 7.40 38.15 -63.00
N VAL D 209 8.44 38.89 -62.59
CA VAL D 209 8.45 40.35 -62.43
C VAL D 209 9.63 40.97 -63.19
N ALA D 210 9.45 42.19 -63.69
CA ALA D 210 10.46 42.90 -64.47
C ALA D 210 10.44 44.40 -64.16
N PRO D 211 11.59 45.12 -64.29
CA PRO D 211 11.57 46.58 -64.05
C PRO D 211 10.85 47.32 -65.18
N THR D 212 9.51 47.51 -65.01
CA THR D 212 8.59 48.19 -65.94
C THR D 212 7.34 48.67 -65.17
N GLN E 1 -30.22 2.57 -9.82
CA GLN E 1 -29.10 1.84 -10.42
C GLN E 1 -27.84 1.96 -9.55
N VAL E 2 -27.36 3.19 -9.31
CA VAL E 2 -26.16 3.48 -8.49
C VAL E 2 -26.45 3.15 -7.01
N GLN E 3 -25.86 2.03 -6.52
CA GLN E 3 -26.02 1.51 -5.17
C GLN E 3 -24.69 1.26 -4.44
N LEU E 4 -24.73 1.42 -3.11
CA LEU E 4 -23.58 1.19 -2.23
C LEU E 4 -23.99 0.22 -1.11
N VAL E 5 -23.91 -1.09 -1.41
CA VAL E 5 -24.26 -2.18 -0.49
C VAL E 5 -23.13 -2.34 0.54
N GLN E 6 -23.47 -2.78 1.77
CA GLN E 6 -22.50 -3.01 2.84
C GLN E 6 -22.74 -4.38 3.47
N SER E 7 -21.70 -4.97 4.10
CA SER E 7 -21.80 -6.27 4.77
C SER E 7 -22.69 -6.19 6.03
N GLY E 8 -23.18 -7.34 6.48
CA GLY E 8 -24.03 -7.44 7.67
C GLY E 8 -23.35 -7.03 8.94
N ALA E 9 -24.15 -6.55 9.94
CA ALA E 9 -23.67 -6.13 11.26
C ALA E 9 -22.90 -7.25 11.94
N GLU E 10 -21.78 -6.91 12.61
CA GLU E 10 -20.93 -7.92 13.23
C GLU E 10 -20.67 -7.70 14.70
N VAL E 11 -20.39 -8.81 15.41
CA VAL E 11 -20.05 -8.84 16.83
C VAL E 11 -18.64 -9.44 16.99
N LYS E 12 -17.75 -8.69 17.67
CA LYS E 12 -16.37 -9.10 17.89
C LYS E 12 -15.96 -8.88 19.35
N LYS E 13 -15.03 -9.72 19.83
CA LYS E 13 -14.49 -9.66 21.18
C LYS E 13 -13.58 -8.43 21.38
N PRO E 14 -13.52 -7.82 22.60
CA PRO E 14 -12.62 -6.67 22.79
C PRO E 14 -11.14 -7.06 22.66
N GLY E 15 -10.45 -6.42 21.71
CA GLY E 15 -9.05 -6.65 21.40
C GLY E 15 -8.82 -7.28 20.04
N ALA E 16 -9.90 -7.83 19.43
CA ALA E 16 -9.87 -8.49 18.12
C ALA E 16 -9.93 -7.50 16.92
N SER E 17 -10.13 -8.03 15.69
CA SER E 17 -10.21 -7.24 14.46
C SER E 17 -11.48 -7.54 13.66
N VAL E 18 -11.97 -6.53 12.91
CA VAL E 18 -13.18 -6.61 12.09
C VAL E 18 -12.93 -6.05 10.68
N LYS E 19 -13.38 -6.80 9.64
CA LYS E 19 -13.27 -6.41 8.25
C LYS E 19 -14.67 -6.29 7.67
N VAL E 20 -15.05 -5.06 7.25
CA VAL E 20 -16.35 -4.70 6.70
C VAL E 20 -16.22 -4.47 5.19
N SER E 21 -17.13 -5.07 4.39
CA SER E 21 -17.12 -4.92 2.93
C SER E 21 -18.14 -3.88 2.44
N CYS E 22 -17.89 -3.31 1.25
CA CYS E 22 -18.74 -2.31 0.61
C CYS E 22 -18.89 -2.61 -0.88
N LYS E 23 -19.98 -3.31 -1.25
CA LYS E 23 -20.27 -3.74 -2.62
C LYS E 23 -20.79 -2.58 -3.49
N ALA E 24 -19.97 -2.16 -4.47
CA ALA E 24 -20.32 -1.09 -5.39
C ALA E 24 -21.01 -1.70 -6.61
N SER E 25 -22.23 -1.22 -6.90
CA SER E 25 -23.04 -1.69 -8.01
C SER E 25 -23.74 -0.51 -8.69
N GLY E 26 -23.81 -0.55 -10.01
CA GLY E 26 -24.44 0.50 -10.82
C GLY E 26 -23.52 1.62 -11.25
N PHE E 27 -22.21 1.47 -10.98
CA PHE E 27 -21.15 2.43 -11.34
C PHE E 27 -19.78 1.75 -11.27
N ASN E 28 -18.81 2.24 -12.06
CA ASN E 28 -17.45 1.71 -12.05
C ASN E 28 -16.71 2.20 -10.80
N ILE E 29 -16.28 1.26 -9.95
CA ILE E 29 -15.58 1.51 -8.68
C ILE E 29 -14.30 2.35 -8.87
N LYS E 30 -13.50 2.03 -9.90
CA LYS E 30 -12.24 2.72 -10.25
C LYS E 30 -12.42 4.21 -10.56
N ASP E 31 -13.61 4.57 -11.09
CA ASP E 31 -13.94 5.94 -11.47
C ASP E 31 -14.14 6.92 -10.31
N THR E 32 -14.20 6.42 -9.05
CA THR E 32 -14.40 7.27 -7.86
C THR E 32 -13.38 7.00 -6.76
N TYR E 33 -13.57 7.65 -5.59
CA TYR E 33 -12.83 7.46 -4.36
C TYR E 33 -13.81 6.82 -3.37
N ILE E 34 -13.31 6.10 -2.36
CA ILE E 34 -14.16 5.48 -1.34
C ILE E 34 -13.68 5.91 0.04
N HIS E 35 -14.60 6.43 0.85
CA HIS E 35 -14.34 6.87 2.21
C HIS E 35 -14.98 5.94 3.23
N TRP E 36 -14.47 5.94 4.46
CA TRP E 36 -15.04 5.20 5.57
C TRP E 36 -15.29 6.19 6.70
N VAL E 37 -16.51 6.18 7.24
CA VAL E 37 -16.93 7.11 8.29
C VAL E 37 -17.54 6.35 9.47
N ARG E 38 -17.02 6.61 10.67
CA ARG E 38 -17.44 6.01 11.94
C ARG E 38 -18.50 6.88 12.60
N GLN E 39 -19.65 6.29 12.95
CA GLN E 39 -20.69 7.04 13.63
C GLN E 39 -21.03 6.42 14.97
N ALA E 40 -20.38 6.98 16.02
CA ALA E 40 -20.51 6.59 17.43
C ALA E 40 -21.97 6.67 17.92
N PRO E 41 -22.36 5.95 19.01
CA PRO E 41 -23.78 6.00 19.46
C PRO E 41 -24.31 7.41 19.77
N GLY E 42 -25.23 7.87 18.92
CA GLY E 42 -25.85 9.18 19.02
C GLY E 42 -24.96 10.36 18.68
N GLN E 43 -23.62 10.13 18.67
CA GLN E 43 -22.59 11.14 18.40
C GLN E 43 -22.41 11.45 16.91
N ARG E 44 -21.62 12.49 16.61
CA ARG E 44 -21.30 13.03 15.28
C ARG E 44 -20.62 12.05 14.31
N LEU E 45 -20.62 12.40 13.00
CA LEU E 45 -19.97 11.65 11.93
C LEU E 45 -18.46 11.89 12.04
N GLU E 46 -17.67 10.80 12.05
CA GLU E 46 -16.20 10.87 12.14
C GLU E 46 -15.57 10.23 10.91
N TRP E 47 -14.93 11.05 10.04
CA TRP E 47 -14.25 10.56 8.85
C TRP E 47 -13.02 9.75 9.26
N MET E 48 -12.85 8.56 8.68
CA MET E 48 -11.75 7.66 9.00
C MET E 48 -10.63 7.76 7.98
N GLY E 49 -10.94 7.50 6.71
CA GLY E 49 -9.96 7.55 5.64
C GLY E 49 -10.57 7.43 4.25
N ARG E 50 -9.73 7.68 3.23
CA ARG E 50 -10.11 7.60 1.82
C ARG E 50 -9.13 6.69 1.09
N ILE E 51 -9.65 5.94 0.13
CA ILE E 51 -8.88 5.06 -0.75
C ILE E 51 -9.21 5.43 -2.18
N ASP E 52 -8.24 5.25 -3.09
CA ASP E 52 -8.45 5.43 -4.51
C ASP E 52 -8.47 4.00 -5.03
N PRO E 53 -9.65 3.35 -5.21
CA PRO E 53 -9.67 1.94 -5.65
C PRO E 53 -8.93 1.65 -6.96
N ALA E 54 -8.77 2.68 -7.81
CA ALA E 54 -8.05 2.58 -9.08
C ALA E 54 -6.54 2.40 -8.92
N ASN E 55 -5.89 3.18 -8.03
CA ASN E 55 -4.43 3.07 -7.84
C ASN E 55 -4.07 2.39 -6.51
N GLY E 56 -4.75 2.76 -5.42
CA GLY E 56 -4.55 2.16 -4.11
C GLY E 56 -4.12 3.09 -3.00
N TYR E 57 -3.81 4.35 -3.34
CA TYR E 57 -3.36 5.35 -2.37
C TYR E 57 -4.37 5.61 -1.26
N THR E 58 -3.89 5.74 -0.02
CA THR E 58 -4.73 5.96 1.15
C THR E 58 -4.33 7.15 2.00
N LYS E 59 -5.33 7.91 2.48
CA LYS E 59 -5.17 9.06 3.36
C LYS E 59 -6.06 8.83 4.57
N TYR E 60 -5.45 8.52 5.72
CA TYR E 60 -6.18 8.24 6.97
C TYR E 60 -6.17 9.44 7.91
N ASP E 61 -7.15 9.49 8.82
CA ASP E 61 -7.26 10.53 9.83
C ASP E 61 -6.18 10.27 10.90
N PRO E 62 -5.46 11.32 11.39
CA PRO E 62 -4.39 11.09 12.38
C PRO E 62 -4.76 10.26 13.62
N LYS E 63 -6.02 10.32 14.09
CA LYS E 63 -6.43 9.54 15.26
C LYS E 63 -6.76 8.08 14.90
N PHE E 64 -7.37 7.85 13.73
CA PHE E 64 -7.73 6.52 13.23
C PHE E 64 -6.53 5.72 12.70
N GLN E 65 -5.51 6.43 12.15
CA GLN E 65 -4.29 5.85 11.58
C GLN E 65 -3.56 4.90 12.54
N GLY E 66 -3.05 3.80 11.99
CA GLY E 66 -2.35 2.78 12.74
C GLY E 66 -3.26 1.62 13.12
N ARG E 67 -4.58 1.88 13.16
CA ARG E 67 -5.62 0.90 13.52
C ARG E 67 -6.56 0.61 12.35
N VAL E 68 -6.64 1.53 11.37
CA VAL E 68 -7.50 1.39 10.19
C VAL E 68 -6.66 1.08 8.95
N THR E 69 -7.11 0.07 8.18
CA THR E 69 -6.47 -0.36 6.95
C THR E 69 -7.54 -0.59 5.87
N ILE E 70 -7.64 0.36 4.94
CA ILE E 70 -8.61 0.31 3.84
C ILE E 70 -8.00 -0.37 2.62
N THR E 71 -8.72 -1.36 2.09
CA THR E 71 -8.32 -2.16 0.93
C THR E 71 -9.44 -2.14 -0.12
N ALA E 72 -9.14 -2.51 -1.38
CA ALA E 72 -10.12 -2.50 -2.47
C ALA E 72 -9.82 -3.56 -3.53
N ASP E 73 -10.84 -4.37 -3.89
CA ASP E 73 -10.73 -5.40 -4.91
C ASP E 73 -11.65 -5.02 -6.08
N THR E 74 -11.05 -4.45 -7.13
CA THR E 74 -11.73 -3.95 -8.32
C THR E 74 -12.44 -5.03 -9.14
N SER E 75 -11.84 -6.24 -9.21
CA SER E 75 -12.39 -7.39 -9.92
C SER E 75 -13.70 -7.87 -9.30
N ALA E 76 -13.82 -7.76 -7.96
CA ALA E 76 -15.02 -8.09 -7.20
C ALA E 76 -15.86 -6.83 -6.94
N SER E 77 -15.32 -5.64 -7.33
CA SER E 77 -15.93 -4.30 -7.21
C SER E 77 -16.38 -3.99 -5.76
N THR E 78 -15.52 -4.31 -4.78
CA THR E 78 -15.79 -4.10 -3.34
C THR E 78 -14.63 -3.42 -2.61
N ALA E 79 -14.94 -2.61 -1.59
CA ALA E 79 -13.96 -1.91 -0.77
C ALA E 79 -14.09 -2.41 0.66
N TYR E 80 -12.96 -2.71 1.31
CA TYR E 80 -12.93 -3.23 2.68
C TYR E 80 -12.29 -2.28 3.67
N MET E 81 -12.73 -2.35 4.94
CA MET E 81 -12.18 -1.55 6.04
C MET E 81 -11.86 -2.47 7.20
N GLU E 82 -10.57 -2.58 7.53
CA GLU E 82 -10.09 -3.42 8.63
C GLU E 82 -9.69 -2.59 9.83
N LEU E 83 -10.34 -2.84 10.97
CA LEU E 83 -10.06 -2.17 12.22
C LEU E 83 -9.70 -3.21 13.28
N SER E 84 -8.50 -3.09 13.85
CA SER E 84 -7.96 -4.01 14.85
C SER E 84 -7.84 -3.39 16.25
N SER E 85 -7.58 -4.24 17.27
CA SER E 85 -7.43 -3.90 18.70
C SER E 85 -8.68 -3.14 19.20
N LEU E 86 -9.86 -3.65 18.79
CA LEU E 86 -11.19 -3.12 19.06
C LEU E 86 -11.47 -2.90 20.55
N ARG E 87 -11.76 -1.64 20.91
CA ARG E 87 -12.12 -1.27 22.28
C ARG E 87 -13.63 -1.04 22.30
N SER E 88 -14.26 -0.82 23.48
CA SER E 88 -15.69 -0.55 23.53
C SER E 88 -16.05 0.84 22.94
N GLU E 89 -15.01 1.66 22.66
CA GLU E 89 -15.10 2.98 22.02
C GLU E 89 -15.36 2.83 20.50
N ASP E 90 -14.98 1.67 19.93
CA ASP E 90 -15.12 1.31 18.52
C ASP E 90 -16.49 0.69 18.19
N GLU E 91 -17.37 0.55 19.22
CA GLU E 91 -18.73 0.04 19.04
C GLU E 91 -19.55 1.17 18.39
N ALA E 92 -19.75 1.08 17.06
CA ALA E 92 -20.45 2.10 16.25
C ALA E 92 -20.98 1.56 14.91
N VAL E 93 -21.61 2.45 14.11
CA VAL E 93 -22.11 2.12 12.78
C VAL E 93 -21.12 2.74 11.80
N TYR E 94 -20.53 1.91 10.95
CA TYR E 94 -19.54 2.31 9.97
C TYR E 94 -20.14 2.41 8.58
N TYR E 95 -19.88 3.54 7.90
CA TYR E 95 -20.42 3.82 6.57
C TYR E 95 -19.31 3.96 5.53
N CYS E 96 -19.51 3.35 4.35
CA CYS E 96 -18.61 3.51 3.21
C CYS E 96 -19.27 4.58 2.33
N ALA E 97 -18.48 5.49 1.75
CA ALA E 97 -19.06 6.55 0.93
C ALA E 97 -18.33 6.77 -0.37
N ARG E 98 -19.10 6.90 -1.45
CA ARG E 98 -18.59 7.14 -2.80
C ARG E 98 -18.34 8.63 -2.94
N GLU E 99 -17.14 9.00 -3.40
CA GLU E 99 -16.74 10.40 -3.61
C GLU E 99 -16.41 10.62 -5.09
N GLY E 100 -17.37 11.18 -5.82
CA GLY E 100 -17.28 11.40 -7.26
C GLY E 100 -17.01 12.80 -7.75
N TYR E 101 -16.40 12.89 -8.95
CA TYR E 101 -16.05 14.14 -9.61
C TYR E 101 -17.24 14.68 -10.38
N TYR E 102 -17.46 16.00 -10.29
CA TYR E 102 -18.53 16.68 -11.02
C TYR E 102 -17.92 17.61 -12.06
N GLY E 103 -17.95 17.15 -13.31
CA GLY E 103 -17.38 17.83 -14.47
C GLY E 103 -17.89 19.24 -14.72
N ASN E 104 -19.21 19.44 -14.53
CA ASN E 104 -19.88 20.73 -14.71
C ASN E 104 -19.38 21.79 -13.73
N TYR E 105 -19.23 21.43 -12.45
CA TYR E 105 -18.77 22.35 -11.40
C TYR E 105 -17.26 22.41 -11.28
N GLY E 106 -16.59 21.29 -11.59
CA GLY E 106 -15.14 21.16 -11.49
C GLY E 106 -14.69 20.90 -10.07
N VAL E 107 -15.52 20.16 -9.29
CA VAL E 107 -15.27 19.80 -7.88
C VAL E 107 -15.65 18.34 -7.62
N TYR E 108 -15.12 17.77 -6.52
CA TYR E 108 -15.41 16.41 -6.09
C TYR E 108 -16.35 16.48 -4.90
N ALA E 109 -17.36 15.59 -4.86
CA ALA E 109 -18.34 15.51 -3.77
C ALA E 109 -18.63 14.08 -3.31
N MET E 110 -18.77 13.90 -2.00
CA MET E 110 -19.10 12.62 -1.38
C MET E 110 -20.62 12.45 -1.49
N ASP E 111 -21.09 12.05 -2.68
CA ASP E 111 -22.50 11.94 -3.05
C ASP E 111 -23.27 10.76 -2.43
N TYR E 112 -22.92 9.51 -2.77
CA TYR E 112 -23.63 8.32 -2.27
C TYR E 112 -22.98 7.68 -1.03
N TRP E 113 -23.82 7.12 -0.14
CA TRP E 113 -23.39 6.46 1.10
C TRP E 113 -23.95 5.04 1.21
N GLY E 114 -23.22 4.17 1.89
CA GLY E 114 -23.62 2.80 2.16
C GLY E 114 -24.68 2.76 3.23
N GLN E 115 -25.44 1.64 3.35
CA GLN E 115 -26.51 1.53 4.34
C GLN E 115 -26.00 1.54 5.81
N GLY E 116 -24.76 1.11 6.01
CA GLY E 116 -24.14 1.07 7.33
C GLY E 116 -24.01 -0.31 7.92
N THR E 117 -22.94 -0.51 8.71
CA THR E 117 -22.64 -1.77 9.39
C THR E 117 -22.32 -1.50 10.86
N LEU E 118 -23.16 -2.06 11.74
CA LEU E 118 -23.03 -1.92 13.17
C LEU E 118 -22.01 -2.92 13.70
N VAL E 119 -21.03 -2.42 14.45
CA VAL E 119 -19.99 -3.22 15.07
C VAL E 119 -20.23 -3.24 16.56
N THR E 120 -20.45 -4.44 17.12
CA THR E 120 -20.69 -4.64 18.56
C THR E 120 -19.44 -5.24 19.20
N VAL E 121 -18.80 -4.46 20.08
CA VAL E 121 -17.59 -4.86 20.80
C VAL E 121 -18.02 -5.42 22.17
N SER E 122 -18.31 -6.74 22.22
CA SER E 122 -18.76 -7.41 23.45
C SER E 122 -18.24 -8.83 23.63
N SER E 123 -18.15 -9.24 24.91
CA SER E 123 -17.70 -10.56 25.35
C SER E 123 -18.85 -11.59 25.38
N ALA E 124 -20.11 -11.10 25.51
CA ALA E 124 -21.33 -11.90 25.58
C ALA E 124 -21.63 -12.72 24.33
N SER E 125 -22.07 -13.97 24.55
CA SER E 125 -22.43 -14.96 23.53
C SER E 125 -23.81 -14.69 22.91
N THR E 126 -24.03 -15.19 21.67
CA THR E 126 -25.29 -15.06 20.93
C THR E 126 -26.38 -15.91 21.59
N LYS E 127 -27.51 -15.27 21.95
CA LYS E 127 -28.68 -15.90 22.60
C LYS E 127 -30.02 -15.53 21.94
N GLY E 128 -30.95 -16.50 21.99
CA GLY E 128 -32.29 -16.36 21.44
C GLY E 128 -33.23 -15.66 22.39
N PRO E 129 -34.21 -14.89 21.88
CA PRO E 129 -35.13 -14.19 22.79
C PRO E 129 -36.36 -14.97 23.24
N SER E 130 -36.86 -14.62 24.44
CA SER E 130 -38.08 -15.20 25.00
C SER E 130 -39.17 -14.13 24.89
N VAL E 131 -40.22 -14.43 24.10
CA VAL E 131 -41.35 -13.52 23.82
C VAL E 131 -42.48 -13.71 24.84
N PHE E 132 -42.93 -12.59 25.47
CA PHE E 132 -44.00 -12.56 26.47
C PHE E 132 -45.10 -11.60 26.04
N PRO E 133 -46.41 -11.93 26.26
CA PRO E 133 -47.47 -11.00 25.84
C PRO E 133 -47.73 -9.88 26.85
N LEU E 134 -48.15 -8.71 26.33
CA LEU E 134 -48.47 -7.54 27.15
C LEU E 134 -49.93 -7.14 26.99
N ALA E 135 -50.79 -7.71 27.85
CA ALA E 135 -52.22 -7.44 27.93
C ALA E 135 -52.51 -7.12 29.41
N PRO E 136 -53.32 -6.07 29.70
CA PRO E 136 -53.58 -5.70 31.11
C PRO E 136 -54.60 -6.60 31.81
N CYS E 137 -55.73 -6.05 32.29
CA CYS E 137 -56.74 -6.85 32.99
C CYS E 137 -58.11 -6.85 32.26
N SER E 138 -58.35 -7.84 31.36
CA SER E 138 -57.44 -8.95 31.01
C SER E 138 -57.28 -9.08 29.49
N GLU E 143 -62.67 4.46 27.63
CA GLU E 143 -61.69 3.37 27.46
C GLU E 143 -61.87 2.68 26.08
N SER E 144 -62.08 3.51 25.03
CA SER E 144 -62.26 3.13 23.63
C SER E 144 -61.04 2.39 23.07
N THR E 145 -59.84 2.98 23.26
CA THR E 145 -58.57 2.41 22.81
C THR E 145 -58.02 1.42 23.82
N ALA E 146 -57.54 0.26 23.33
CA ALA E 146 -56.94 -0.80 24.13
C ALA E 146 -55.54 -1.09 23.60
N ALA E 147 -54.53 -1.15 24.50
CA ALA E 147 -53.15 -1.40 24.11
C ALA E 147 -52.70 -2.83 24.36
N LEU E 148 -52.12 -3.46 23.32
CA LEU E 148 -51.57 -4.81 23.33
C LEU E 148 -50.06 -4.70 23.04
N GLY E 149 -49.27 -5.67 23.50
CA GLY E 149 -47.83 -5.65 23.29
C GLY E 149 -47.11 -6.97 23.32
N CYS E 150 -45.83 -6.95 22.89
CA CYS E 150 -44.93 -8.10 22.86
C CYS E 150 -43.58 -7.72 23.46
N LEU E 151 -43.15 -8.49 24.48
CA LEU E 151 -41.89 -8.26 25.18
C LEU E 151 -40.80 -9.22 24.67
N VAL E 152 -39.87 -8.67 23.87
CA VAL E 152 -38.75 -9.43 23.29
C VAL E 152 -37.62 -9.31 24.33
N LYS E 153 -37.60 -10.25 25.31
CA LYS E 153 -36.65 -10.23 26.42
C LYS E 153 -35.50 -11.23 26.30
N ASP E 154 -34.31 -10.81 26.78
CA ASP E 154 -33.04 -11.55 26.87
C ASP E 154 -32.58 -12.18 25.55
N TYR E 155 -31.75 -11.44 24.78
CA TYR E 155 -31.16 -11.87 23.51
C TYR E 155 -29.88 -11.11 23.17
N PHE E 156 -29.10 -11.62 22.21
CA PHE E 156 -27.84 -11.03 21.74
C PHE E 156 -27.59 -11.53 20.30
N PRO E 157 -27.00 -10.75 19.36
CA PRO E 157 -26.34 -9.43 19.50
C PRO E 157 -27.05 -8.23 18.85
N GLU E 158 -28.38 -8.36 18.58
CA GLU E 158 -29.23 -7.36 17.89
C GLU E 158 -29.03 -7.41 16.37
N PRO E 159 -30.07 -7.18 15.52
CA PRO E 159 -31.44 -6.75 15.84
C PRO E 159 -32.52 -7.83 15.79
N VAL E 160 -33.74 -7.41 16.13
CA VAL E 160 -34.94 -8.23 16.09
C VAL E 160 -36.04 -7.43 15.35
N THR E 161 -36.74 -8.09 14.41
CA THR E 161 -37.81 -7.47 13.61
C THR E 161 -39.17 -7.95 14.09
N VAL E 162 -40.08 -7.02 14.39
CA VAL E 162 -41.40 -7.40 14.88
C VAL E 162 -42.50 -6.67 14.13
N SER E 163 -43.31 -7.45 13.42
CA SER E 163 -44.47 -7.00 12.65
C SER E 163 -45.72 -7.45 13.39
N TRP E 164 -46.90 -7.09 12.89
CA TRP E 164 -48.18 -7.45 13.50
C TRP E 164 -49.14 -7.91 12.41
N ASN E 165 -49.74 -9.11 12.60
CA ASN E 165 -50.67 -9.78 11.67
C ASN E 165 -50.05 -9.95 10.26
N SER E 166 -48.78 -10.38 10.21
CA SER E 166 -47.97 -10.59 8.99
C SER E 166 -47.70 -9.26 8.23
N GLY E 167 -47.72 -8.16 8.97
CA GLY E 167 -47.49 -6.81 8.46
C GLY E 167 -48.72 -6.06 8.00
N ALA E 168 -49.90 -6.72 8.03
CA ALA E 168 -51.20 -6.16 7.62
C ALA E 168 -51.67 -5.01 8.51
N LEU E 169 -51.33 -5.04 9.80
CA LEU E 169 -51.69 -3.99 10.75
C LEU E 169 -50.43 -3.29 11.27
N THR E 170 -50.13 -2.11 10.69
CA THR E 170 -48.95 -1.30 11.02
C THR E 170 -49.30 0.17 11.36
N SER E 171 -50.56 0.44 11.75
CA SER E 171 -51.04 1.78 12.10
C SER E 171 -50.42 2.35 13.39
N GLY E 172 -50.98 1.98 14.54
CA GLY E 172 -50.58 2.43 15.87
C GLY E 172 -49.44 1.65 16.51
N VAL E 173 -48.61 0.98 15.68
CA VAL E 173 -47.46 0.17 16.11
C VAL E 173 -46.31 1.08 16.61
N HIS E 174 -45.76 0.77 17.80
CA HIS E 174 -44.65 1.50 18.41
C HIS E 174 -43.58 0.53 18.94
N THR E 175 -42.62 0.18 18.08
CA THR E 175 -41.50 -0.70 18.42
C THR E 175 -40.34 0.18 18.91
N PHE E 176 -40.18 0.26 20.24
CA PHE E 176 -39.17 1.09 20.92
C PHE E 176 -37.75 0.57 20.68
N PRO E 177 -36.70 1.44 20.73
CA PRO E 177 -35.33 0.93 20.59
C PRO E 177 -34.95 0.01 21.75
N ALA E 178 -34.11 -1.02 21.49
CA ALA E 178 -33.68 -1.99 22.49
C ALA E 178 -32.76 -1.40 23.57
N VAL E 179 -32.99 -1.79 24.83
CA VAL E 179 -32.21 -1.36 25.98
C VAL E 179 -31.44 -2.55 26.57
N LEU E 180 -30.12 -2.66 26.25
CA LEU E 180 -29.28 -3.74 26.74
C LEU E 180 -29.15 -3.67 28.27
N GLN E 181 -29.62 -4.74 28.93
CA GLN E 181 -29.69 -4.88 30.39
C GLN E 181 -28.32 -5.02 31.06
N SER E 182 -28.31 -5.05 32.41
CA SER E 182 -27.12 -5.26 33.24
C SER E 182 -26.51 -6.63 32.89
N SER E 183 -27.38 -7.57 32.46
CA SER E 183 -27.04 -8.93 32.01
C SER E 183 -26.23 -8.91 30.71
N GLY E 184 -26.27 -7.78 30.01
CA GLY E 184 -25.59 -7.59 28.73
C GLY E 184 -26.53 -7.78 27.56
N LEU E 185 -27.51 -8.70 27.73
CA LEU E 185 -28.53 -9.06 26.74
C LEU E 185 -29.54 -7.93 26.52
N TYR E 186 -29.93 -7.71 25.24
CA TYR E 186 -30.88 -6.69 24.80
C TYR E 186 -32.32 -7.06 25.18
N SER E 187 -33.20 -6.05 25.29
CA SER E 187 -34.63 -6.21 25.61
C SER E 187 -35.48 -5.03 25.09
N LEU E 188 -36.40 -5.30 24.14
CA LEU E 188 -37.29 -4.28 23.59
C LEU E 188 -38.77 -4.70 23.65
N SER E 189 -39.68 -3.71 23.55
CA SER E 189 -41.13 -3.94 23.55
C SER E 189 -41.77 -3.33 22.31
N SER E 190 -42.81 -3.99 21.78
CA SER E 190 -43.56 -3.53 20.61
C SER E 190 -45.03 -3.48 21.00
N VAL E 191 -45.59 -2.26 21.04
CA VAL E 191 -46.98 -2.03 21.42
C VAL E 191 -47.84 -1.64 20.21
N VAL E 192 -49.14 -1.94 20.27
CA VAL E 192 -50.09 -1.59 19.23
C VAL E 192 -51.45 -1.19 19.85
N THR E 193 -51.93 0.02 19.53
CA THR E 193 -53.19 0.55 20.03
C THR E 193 -54.31 0.32 19.02
N VAL E 194 -55.33 -0.46 19.42
CA VAL E 194 -56.49 -0.82 18.60
C VAL E 194 -57.81 -0.63 19.39
N PRO E 195 -58.94 -0.25 18.73
CA PRO E 195 -60.19 -0.07 19.48
C PRO E 195 -60.77 -1.36 20.07
N SER E 196 -61.54 -1.20 21.17
CA SER E 196 -62.20 -2.28 21.89
C SER E 196 -63.31 -2.95 21.05
N THR E 203 -57.30 -12.12 17.08
CA THR E 203 -57.35 -11.10 16.02
C THR E 203 -55.97 -10.48 15.80
N TYR E 204 -55.17 -10.33 16.87
CA TYR E 204 -53.85 -9.68 16.82
C TYR E 204 -52.68 -10.58 17.27
N THR E 205 -51.75 -10.86 16.34
CA THR E 205 -50.56 -11.69 16.54
C THR E 205 -49.28 -10.91 16.20
N CYS E 206 -48.27 -10.90 17.10
CA CYS E 206 -47.00 -10.23 16.79
C CYS E 206 -46.02 -11.21 16.14
N ASN E 207 -45.40 -10.81 15.02
CA ASN E 207 -44.48 -11.64 14.25
C ASN E 207 -43.02 -11.24 14.53
N VAL E 208 -42.38 -11.93 15.49
CA VAL E 208 -41.00 -11.68 15.94
C VAL E 208 -40.00 -12.47 15.09
N ASP E 209 -38.80 -11.90 14.83
CA ASP E 209 -37.74 -12.57 14.06
C ASP E 209 -36.33 -12.07 14.42
N HIS E 210 -35.52 -12.97 15.01
CA HIS E 210 -34.13 -12.75 15.38
C HIS E 210 -33.31 -13.73 14.54
N LYS E 211 -32.63 -13.21 13.50
CA LYS E 211 -31.82 -13.99 12.57
C LYS E 211 -30.53 -14.60 13.18
N PRO E 212 -29.78 -13.93 14.11
CA PRO E 212 -28.53 -14.55 14.64
C PRO E 212 -28.69 -15.85 15.46
N SER E 213 -29.95 -16.26 15.78
CA SER E 213 -30.22 -17.47 16.55
C SER E 213 -30.42 -18.75 15.68
N ASN E 214 -31.43 -18.87 14.75
CA ASN E 214 -32.52 -17.96 14.40
C ASN E 214 -33.82 -18.38 15.09
N THR E 215 -34.48 -17.43 15.78
CA THR E 215 -35.74 -17.68 16.49
C THR E 215 -36.89 -16.99 15.78
N LYS E 216 -37.90 -17.77 15.34
CA LYS E 216 -39.10 -17.27 14.71
C LYS E 216 -40.27 -17.54 15.66
N VAL E 217 -40.96 -16.47 16.11
CA VAL E 217 -42.09 -16.54 17.07
C VAL E 217 -43.32 -15.75 16.57
N ASP E 218 -44.52 -16.33 16.73
CA ASP E 218 -45.82 -15.75 16.36
C ASP E 218 -46.78 -15.83 17.56
N LYS E 219 -46.72 -14.83 18.45
CA LYS E 219 -47.51 -14.78 19.69
C LYS E 219 -48.81 -13.98 19.59
N ARG E 220 -49.94 -14.62 19.96
CA ARG E 220 -51.26 -14.01 19.97
C ARG E 220 -51.50 -13.42 21.35
N VAL E 221 -51.58 -12.09 21.42
CA VAL E 221 -51.80 -11.39 22.67
C VAL E 221 -53.33 -11.24 22.88
N GLU E 222 -53.84 -11.74 24.02
CA GLU E 222 -55.26 -11.70 24.38
C GLU E 222 -55.45 -11.28 25.83
N GLN F 1 20.26 -16.87 31.63
CA GLN F 1 19.88 -15.49 31.32
C GLN F 1 18.53 -15.43 30.60
N VAL F 2 18.42 -16.10 29.42
CA VAL F 2 17.19 -16.14 28.61
C VAL F 2 16.10 -16.97 29.34
N GLN F 3 15.09 -16.27 29.88
CA GLN F 3 13.97 -16.83 30.65
C GLN F 3 12.59 -16.44 30.13
N LEU F 4 11.62 -17.35 30.32
CA LEU F 4 10.23 -17.16 29.92
C LEU F 4 9.32 -17.45 31.12
N VAL F 5 9.14 -16.43 31.98
CA VAL F 5 8.30 -16.49 33.19
C VAL F 5 6.81 -16.41 32.79
N GLN F 6 5.92 -17.06 33.57
CA GLN F 6 4.48 -17.04 33.34
C GLN F 6 3.74 -16.72 34.63
N SER F 7 2.49 -16.21 34.52
CA SER F 7 1.65 -15.87 35.68
C SER F 7 1.19 -17.14 36.42
N GLY F 8 0.77 -16.96 37.68
CA GLY F 8 0.30 -18.04 38.53
C GLY F 8 -0.98 -18.69 38.04
N ALA F 9 -1.18 -19.98 38.39
CA ALA F 9 -2.36 -20.78 38.04
C ALA F 9 -3.64 -20.09 38.50
N GLU F 10 -4.69 -20.13 37.67
CA GLU F 10 -5.94 -19.44 37.98
C GLU F 10 -7.18 -20.33 37.93
N VAL F 11 -8.22 -19.93 38.68
CA VAL F 11 -9.52 -20.58 38.73
C VAL F 11 -10.60 -19.58 38.29
N LYS F 12 -11.40 -19.97 37.28
CA LYS F 12 -12.47 -19.13 36.73
C LYS F 12 -13.77 -19.92 36.56
N LYS F 13 -14.90 -19.20 36.67
CA LYS F 13 -16.25 -19.76 36.55
C LYS F 13 -16.55 -20.14 35.09
N PRO F 14 -17.35 -21.20 34.81
CA PRO F 14 -17.66 -21.54 33.41
C PRO F 14 -18.51 -20.45 32.73
N GLY F 15 -17.97 -19.90 31.65
CA GLY F 15 -18.60 -18.82 30.88
C GLY F 15 -17.82 -17.52 30.95
N ALA F 16 -16.91 -17.39 31.93
CA ALA F 16 -16.07 -16.20 32.16
C ALA F 16 -14.82 -16.14 31.25
N SER F 17 -13.90 -15.19 31.55
CA SER F 17 -12.66 -14.99 30.78
C SER F 17 -11.41 -14.99 31.68
N VAL F 18 -10.27 -15.43 31.12
CA VAL F 18 -8.98 -15.52 31.80
C VAL F 18 -7.86 -14.90 30.95
N LYS F 19 -7.02 -14.06 31.60
CA LYS F 19 -5.87 -13.41 30.97
C LYS F 19 -4.60 -13.87 31.68
N VAL F 20 -3.72 -14.56 30.93
CA VAL F 20 -2.45 -15.13 31.41
C VAL F 20 -1.29 -14.29 30.85
N SER F 21 -0.32 -13.92 31.71
CA SER F 21 0.85 -13.13 31.30
C SER F 21 2.10 -14.01 31.10
N CYS F 22 3.06 -13.51 30.28
CA CYS F 22 4.30 -14.20 29.96
C CYS F 22 5.47 -13.18 29.99
N LYS F 23 6.18 -13.10 31.13
CA LYS F 23 7.29 -12.19 31.33
C LYS F 23 8.58 -12.65 30.63
N ALA F 24 8.99 -11.90 29.60
CA ALA F 24 10.21 -12.17 28.84
C ALA F 24 11.37 -11.43 29.47
N SER F 25 12.41 -12.17 29.86
CA SER F 25 13.62 -11.63 30.49
C SER F 25 14.86 -12.32 29.94
N GLY F 26 15.92 -11.54 29.74
CA GLY F 26 17.19 -12.03 29.23
C GLY F 26 17.33 -11.99 27.71
N PHE F 27 16.34 -11.39 27.02
CA PHE F 27 16.30 -11.22 25.56
C PHE F 27 15.29 -10.14 25.19
N ASN F 28 15.49 -9.48 24.03
CA ASN F 28 14.58 -8.44 23.55
C ASN F 28 13.32 -9.11 22.96
N ILE F 29 12.16 -8.81 23.56
CA ILE F 29 10.85 -9.35 23.20
C ILE F 29 10.50 -9.08 21.72
N LYS F 30 10.77 -7.86 21.22
CA LYS F 30 10.51 -7.42 19.84
C LYS F 30 11.26 -8.24 18.79
N ASP F 31 12.44 -8.76 19.16
CA ASP F 31 13.31 -9.53 18.28
C ASP F 31 12.78 -10.93 17.91
N THR F 32 11.71 -11.42 18.57
CA THR F 32 11.13 -12.74 18.34
C THR F 32 9.62 -12.71 18.12
N TYR F 33 9.01 -13.91 18.01
CA TYR F 33 7.58 -14.15 17.93
C TYR F 33 7.20 -14.85 19.23
N ILE F 34 5.92 -14.75 19.65
CA ILE F 34 5.43 -15.42 20.87
C ILE F 34 4.20 -16.25 20.53
N HIS F 35 4.25 -17.54 20.89
CA HIS F 35 3.15 -18.49 20.67
C HIS F 35 2.47 -18.86 21.98
N TRP F 36 1.23 -19.34 21.89
CA TRP F 36 0.48 -19.84 23.03
C TRP F 36 0.03 -21.26 22.68
N VAL F 37 0.31 -22.22 23.59
CA VAL F 37 0.02 -23.64 23.42
C VAL F 37 -0.82 -24.18 24.60
N ARG F 38 -1.98 -24.79 24.27
CA ARG F 38 -2.90 -25.40 25.22
C ARG F 38 -2.57 -26.88 25.39
N GLN F 39 -2.35 -27.33 26.63
CA GLN F 39 -2.10 -28.73 26.89
C GLN F 39 -3.13 -29.32 27.82
N ALA F 40 -4.15 -29.96 27.21
CA ALA F 40 -5.29 -30.63 27.85
C ALA F 40 -4.84 -31.72 28.83
N PRO F 41 -5.68 -32.14 29.82
CA PRO F 41 -5.22 -33.18 30.78
C PRO F 41 -4.78 -34.50 30.14
N GLY F 42 -3.47 -34.75 30.23
CA GLY F 42 -2.82 -35.94 29.68
C GLY F 42 -2.73 -36.00 28.17
N GLN F 43 -3.54 -35.16 27.47
CA GLN F 43 -3.60 -35.06 26.01
C GLN F 43 -2.45 -34.26 25.37
N ARG F 44 -2.36 -34.33 24.02
CA ARG F 44 -1.34 -33.69 23.18
C ARG F 44 -1.26 -32.17 23.28
N LEU F 45 -0.13 -31.60 22.80
CA LEU F 45 0.09 -30.15 22.76
C LEU F 45 -0.72 -29.57 21.59
N GLU F 46 -1.51 -28.51 21.87
CA GLU F 46 -2.37 -27.85 20.88
C GLU F 46 -1.94 -26.40 20.70
N TRP F 47 -1.42 -26.05 19.51
CA TRP F 47 -1.00 -24.68 19.21
C TRP F 47 -2.26 -23.81 19.10
N MET F 48 -2.23 -22.63 19.77
CA MET F 48 -3.36 -21.69 19.79
C MET F 48 -3.17 -20.56 18.78
N GLY F 49 -2.08 -19.82 18.92
CA GLY F 49 -1.78 -18.69 18.06
C GLY F 49 -0.40 -18.11 18.24
N ARG F 50 0.00 -17.22 17.32
CA ARG F 50 1.28 -16.52 17.33
C ARG F 50 1.05 -15.02 17.23
N ILE F 51 1.88 -14.24 17.92
CA ILE F 51 1.88 -12.79 17.90
C ILE F 51 3.29 -12.33 17.54
N ASP F 52 3.38 -11.18 16.88
CA ASP F 52 4.65 -10.55 16.58
C ASP F 52 4.67 -9.37 17.54
N PRO F 53 5.29 -9.49 18.74
CA PRO F 53 5.26 -8.37 19.71
C PRO F 53 5.77 -7.03 19.18
N ALA F 54 6.62 -7.06 18.13
CA ALA F 54 7.19 -5.88 17.50
C ALA F 54 6.16 -5.08 16.69
N ASN F 55 5.30 -5.75 15.89
CA ASN F 55 4.30 -5.05 15.08
C ASN F 55 2.87 -5.22 15.63
N GLY F 56 2.52 -6.45 16.01
CA GLY F 56 1.22 -6.76 16.60
C GLY F 56 0.38 -7.78 15.86
N TYR F 57 0.81 -8.18 14.64
CA TYR F 57 0.07 -9.13 13.81
C TYR F 57 -0.12 -10.48 14.49
N THR F 58 -1.33 -11.05 14.32
CA THR F 58 -1.69 -12.32 14.95
C THR F 58 -2.25 -13.36 13.97
N LYS F 59 -1.84 -14.62 14.16
CA LYS F 59 -2.28 -15.77 13.38
C LYS F 59 -2.78 -16.82 14.38
N TYR F 60 -4.11 -17.01 14.44
CA TYR F 60 -4.74 -17.95 15.35
C TYR F 60 -5.14 -19.24 14.65
N ASP F 61 -5.29 -20.32 15.41
CA ASP F 61 -5.71 -21.62 14.92
C ASP F 61 -7.22 -21.54 14.62
N PRO F 62 -7.71 -22.10 13.48
CA PRO F 62 -9.15 -21.99 13.15
C PRO F 62 -10.14 -22.42 14.25
N LYS F 63 -9.78 -23.40 15.10
CA LYS F 63 -10.69 -23.84 16.18
C LYS F 63 -10.63 -22.89 17.41
N PHE F 64 -9.44 -22.37 17.73
CA PHE F 64 -9.23 -21.45 18.85
C PHE F 64 -9.71 -20.02 18.55
N GLN F 65 -9.66 -19.60 17.27
CA GLN F 65 -10.06 -18.26 16.80
C GLN F 65 -11.49 -17.88 17.20
N GLY F 66 -11.66 -16.62 17.58
CA GLY F 66 -12.92 -16.07 18.04
C GLY F 66 -13.03 -16.07 19.55
N ARG F 67 -12.24 -16.93 20.21
CA ARG F 67 -12.20 -17.09 21.67
C ARG F 67 -10.84 -16.70 22.27
N VAL F 68 -9.78 -16.69 21.44
CA VAL F 68 -8.42 -16.36 21.87
C VAL F 68 -8.02 -15.00 21.33
N THR F 69 -7.45 -14.15 22.20
CA THR F 69 -6.99 -12.81 21.87
C THR F 69 -5.61 -12.58 22.51
N ILE F 70 -4.55 -12.67 21.70
CA ILE F 70 -3.16 -12.48 22.15
C ILE F 70 -2.75 -11.01 22.03
N THR F 71 -2.23 -10.44 23.14
CA THR F 71 -1.75 -9.06 23.29
C THR F 71 -0.28 -9.07 23.69
N ALA F 72 0.43 -7.92 23.52
CA ALA F 72 1.83 -7.77 23.91
C ALA F 72 2.19 -6.34 24.28
N ASP F 73 2.81 -6.15 25.45
CA ASP F 73 3.26 -4.84 25.94
C ASP F 73 4.80 -4.86 26.01
N THR F 74 5.44 -4.28 24.99
CA THR F 74 6.89 -4.23 24.82
C THR F 74 7.62 -3.44 25.91
N SER F 75 7.00 -2.35 26.40
CA SER F 75 7.55 -1.50 27.45
C SER F 75 7.66 -2.26 28.78
N ALA F 76 6.72 -3.18 29.04
CA ALA F 76 6.71 -4.04 30.22
C ALA F 76 7.32 -5.42 29.89
N SER F 77 7.66 -5.64 28.59
CA SER F 77 8.27 -6.86 28.02
C SER F 77 7.48 -8.14 28.37
N THR F 78 6.14 -8.08 28.25
CA THR F 78 5.24 -9.20 28.57
C THR F 78 4.20 -9.46 27.48
N ALA F 79 3.82 -10.72 27.29
CA ALA F 79 2.82 -11.14 26.30
C ALA F 79 1.63 -11.75 27.03
N TYR F 80 0.41 -11.37 26.65
CA TYR F 80 -0.81 -11.85 27.30
C TYR F 80 -1.68 -12.69 26.39
N MET F 81 -2.44 -13.63 26.97
CA MET F 81 -3.38 -14.50 26.25
C MET F 81 -4.73 -14.46 26.95
N GLU F 82 -5.74 -13.92 26.26
CA GLU F 82 -7.10 -13.81 26.80
C GLU F 82 -8.03 -14.83 26.15
N LEU F 83 -8.61 -15.70 26.98
CA LEU F 83 -9.56 -16.72 26.55
C LEU F 83 -10.87 -16.52 27.28
N SER F 84 -11.96 -16.31 26.51
CA SER F 84 -13.30 -16.04 27.03
C SER F 84 -14.27 -17.20 26.76
N SER F 85 -15.47 -17.14 27.40
CA SER F 85 -16.57 -18.11 27.32
C SER F 85 -16.07 -19.53 27.68
N LEU F 86 -15.24 -19.58 28.76
CA LEU F 86 -14.56 -20.76 29.29
C LEU F 86 -15.48 -21.95 29.54
N ARG F 87 -15.23 -23.05 28.83
CA ARG F 87 -15.96 -24.30 28.94
C ARG F 87 -15.12 -25.27 29.79
N SER F 88 -15.71 -26.40 30.25
CA SER F 88 -14.98 -27.40 31.05
C SER F 88 -13.80 -28.01 30.28
N GLU F 89 -13.87 -27.97 28.94
CA GLU F 89 -12.87 -28.46 27.98
C GLU F 89 -11.66 -27.52 27.88
N ASP F 90 -11.77 -26.29 28.42
CA ASP F 90 -10.70 -25.28 28.44
C ASP F 90 -9.79 -25.45 29.66
N GLU F 91 -10.15 -26.36 30.58
CA GLU F 91 -9.39 -26.66 31.80
C GLU F 91 -8.10 -27.39 31.38
N ALA F 92 -6.97 -26.64 31.34
CA ALA F 92 -5.67 -27.15 30.88
C ALA F 92 -4.48 -26.29 31.36
N VAL F 93 -3.26 -26.68 30.96
CA VAL F 93 -2.03 -25.94 31.26
C VAL F 93 -1.64 -25.23 29.96
N TYR F 94 -1.55 -23.90 30.04
CA TYR F 94 -1.24 -23.03 28.91
C TYR F 94 0.22 -22.58 28.94
N TYR F 95 0.93 -22.74 27.81
CA TYR F 95 2.34 -22.39 27.69
C TYR F 95 2.58 -21.27 26.67
N CYS F 96 3.42 -20.29 27.02
CA CYS F 96 3.85 -19.25 26.09
C CYS F 96 5.21 -19.72 25.55
N ALA F 97 5.49 -19.48 24.27
CA ALA F 97 6.75 -19.94 23.67
C ALA F 97 7.43 -18.94 22.75
N ARG F 98 8.73 -18.72 23.00
CA ARG F 98 9.60 -17.83 22.23
C ARG F 98 10.01 -18.54 20.95
N GLU F 99 9.94 -17.82 19.84
CA GLU F 99 10.36 -18.31 18.54
C GLU F 99 11.41 -17.36 17.99
N GLY F 100 12.64 -17.85 17.92
CA GLY F 100 13.77 -17.08 17.42
C GLY F 100 14.25 -17.50 16.05
N TYR F 101 14.72 -16.51 15.27
CA TYR F 101 15.32 -16.71 13.96
C TYR F 101 16.77 -17.16 14.16
N TYR F 102 17.21 -18.13 13.36
CA TYR F 102 18.57 -18.62 13.39
C TYR F 102 19.28 -18.26 12.08
N GLY F 103 20.10 -17.21 12.17
CA GLY F 103 20.85 -16.62 11.06
C GLY F 103 21.74 -17.58 10.29
N ASN F 104 22.43 -18.47 11.02
CA ASN F 104 23.33 -19.48 10.45
C ASN F 104 22.60 -20.49 9.56
N TYR F 105 21.44 -21.00 10.02
CA TYR F 105 20.64 -21.97 9.29
C TYR F 105 19.68 -21.34 8.30
N GLY F 106 19.20 -20.14 8.62
CA GLY F 106 18.23 -19.41 7.82
C GLY F 106 16.81 -19.90 8.03
N VAL F 107 16.50 -20.32 9.28
CA VAL F 107 15.18 -20.84 9.69
C VAL F 107 14.78 -20.30 11.06
N TYR F 108 13.48 -20.36 11.38
CA TYR F 108 12.93 -19.94 12.66
C TYR F 108 12.55 -21.20 13.45
N ALA F 109 12.76 -21.18 14.77
CA ALA F 109 12.44 -22.33 15.62
C ALA F 109 11.94 -21.91 17.00
N MET F 110 10.86 -22.56 17.47
CA MET F 110 10.22 -22.33 18.77
C MET F 110 11.12 -22.94 19.84
N ASP F 111 12.19 -22.21 20.20
CA ASP F 111 13.22 -22.66 21.12
C ASP F 111 12.81 -22.72 22.60
N TYR F 112 12.60 -21.57 23.25
CA TYR F 112 12.28 -21.52 24.68
C TYR F 112 10.78 -21.54 24.99
N TRP F 113 10.40 -22.16 26.12
CA TRP F 113 9.01 -22.27 26.57
C TRP F 113 8.84 -21.77 28.01
N GLY F 114 7.65 -21.25 28.31
CA GLY F 114 7.28 -20.78 29.64
C GLY F 114 7.03 -21.96 30.57
N GLN F 115 7.04 -21.72 31.90
CA GLN F 115 6.85 -22.81 32.87
C GLN F 115 5.42 -23.43 32.81
N GLY F 116 4.44 -22.64 32.37
CA GLY F 116 3.06 -23.09 32.26
C GLY F 116 2.13 -22.53 33.31
N THR F 117 0.86 -22.33 32.92
CA THR F 117 -0.20 -21.81 33.79
C THR F 117 -1.45 -22.67 33.68
N LEU F 118 -1.82 -23.29 34.81
CA LEU F 118 -2.99 -24.16 34.90
C LEU F 118 -4.27 -23.34 35.08
N VAL F 119 -5.24 -23.60 34.22
CA VAL F 119 -6.53 -22.93 34.25
C VAL F 119 -7.57 -23.94 34.70
N THR F 120 -8.25 -23.65 35.82
CA THR F 120 -9.30 -24.50 36.39
C THR F 120 -10.67 -23.86 36.12
N VAL F 121 -11.48 -24.53 35.30
CA VAL F 121 -12.83 -24.07 34.93
C VAL F 121 -13.83 -24.77 35.85
N SER F 122 -14.11 -24.16 37.02
CA SER F 122 -15.02 -24.74 38.02
C SER F 122 -15.87 -23.72 38.76
N SER F 123 -17.05 -24.19 39.24
CA SER F 123 -18.02 -23.41 40.01
C SER F 123 -17.70 -23.39 41.52
N ALA F 124 -16.94 -24.41 42.01
CA ALA F 124 -16.53 -24.57 43.41
C ALA F 124 -15.62 -23.44 43.91
N SER F 125 -15.82 -23.01 45.17
CA SER F 125 -15.06 -21.93 45.80
C SER F 125 -13.62 -22.31 46.17
N THR F 126 -12.71 -21.30 46.20
CA THR F 126 -11.29 -21.45 46.53
C THR F 126 -11.14 -21.74 48.02
N LYS F 127 -10.50 -22.88 48.34
CA LYS F 127 -10.30 -23.34 49.72
C LYS F 127 -8.84 -23.74 50.02
N GLY F 128 -8.35 -23.31 51.19
CA GLY F 128 -7.03 -23.63 51.70
C GLY F 128 -6.95 -25.07 52.18
N PRO F 129 -5.79 -25.76 52.03
CA PRO F 129 -5.72 -27.17 52.46
C PRO F 129 -5.41 -27.40 53.93
N SER F 130 -5.94 -28.51 54.45
CA SER F 130 -5.71 -28.95 55.82
C SER F 130 -4.49 -29.87 55.75
N VAL F 131 -3.41 -29.52 56.49
CA VAL F 131 -2.18 -30.33 56.51
C VAL F 131 -2.12 -31.23 57.77
N PHE F 132 -1.92 -32.54 57.57
CA PHE F 132 -1.82 -33.55 58.63
C PHE F 132 -0.51 -34.32 58.52
N PRO F 133 0.17 -34.67 59.65
CA PRO F 133 1.44 -35.41 59.53
C PRO F 133 1.25 -36.92 59.38
N LEU F 134 2.18 -37.56 58.66
CA LEU F 134 2.17 -39.00 58.42
C LEU F 134 3.40 -39.69 59.01
N ALA F 135 3.29 -40.10 60.28
CA ALA F 135 4.30 -40.82 61.04
C ALA F 135 3.61 -42.07 61.60
N PRO F 136 4.25 -43.27 61.52
CA PRO F 136 3.56 -44.50 61.95
C PRO F 136 3.46 -44.73 63.47
N CYS F 137 3.30 -46.03 63.84
CA CYS F 137 3.24 -46.57 65.20
C CYS F 137 4.62 -47.16 65.51
N SER F 138 5.24 -46.73 66.64
CA SER F 138 6.58 -47.13 67.13
C SER F 138 7.71 -46.73 66.16
N GLU F 143 12.69 -50.84 59.94
CA GLU F 143 14.08 -51.29 59.84
C GLU F 143 15.05 -50.10 59.69
N SER F 144 15.92 -50.09 58.66
CA SER F 144 16.91 -49.02 58.43
C SER F 144 16.24 -47.73 57.94
N THR F 145 15.43 -47.81 56.88
CA THR F 145 14.70 -46.69 56.30
C THR F 145 13.38 -46.47 57.03
N ALA F 146 13.07 -45.20 57.32
CA ALA F 146 11.84 -44.76 57.98
C ALA F 146 11.14 -43.71 57.11
N ALA F 147 9.82 -43.89 56.88
CA ALA F 147 9.05 -42.99 56.03
C ALA F 147 8.21 -41.99 56.82
N LEU F 148 8.33 -40.70 56.45
CA LEU F 148 7.59 -39.56 57.01
C LEU F 148 6.75 -38.96 55.87
N GLY F 149 5.64 -38.30 56.21
CA GLY F 149 4.78 -37.70 55.20
C GLY F 149 3.90 -36.55 55.63
N CYS F 150 3.31 -35.86 54.64
CA CYS F 150 2.40 -34.72 54.82
C CYS F 150 1.15 -34.92 53.97
N LEU F 151 -0.02 -34.89 54.60
CA LEU F 151 -1.32 -35.06 53.94
C LEU F 151 -1.99 -33.71 53.67
N VAL F 152 -1.91 -33.24 52.41
CA VAL F 152 -2.48 -31.98 51.94
C VAL F 152 -3.92 -32.31 51.52
N LYS F 153 -4.82 -32.37 52.52
CA LYS F 153 -6.23 -32.76 52.36
C LYS F 153 -7.18 -31.58 52.22
N ASP F 154 -8.25 -31.80 51.42
CA ASP F 154 -9.37 -30.89 51.14
C ASP F 154 -8.95 -29.48 50.72
N TYR F 155 -8.77 -29.29 49.40
CA TYR F 155 -8.41 -28.00 48.81
C TYR F 155 -8.91 -27.89 47.38
N PHE F 156 -9.09 -26.64 46.92
CA PHE F 156 -9.49 -26.28 45.58
C PHE F 156 -9.02 -24.85 45.30
N PRO F 157 -8.41 -24.55 44.13
CA PRO F 157 -8.12 -25.42 42.98
C PRO F 157 -6.73 -26.07 43.03
N GLU F 158 -6.34 -26.72 41.94
CA GLU F 158 -5.01 -27.29 41.80
C GLU F 158 -4.09 -26.17 41.29
N PRO F 159 -2.80 -26.07 41.66
CA PRO F 159 -1.97 -27.03 42.41
C PRO F 159 -1.45 -26.55 43.78
N VAL F 160 -0.82 -27.47 44.52
CA VAL F 160 -0.13 -27.25 45.78
C VAL F 160 1.34 -27.61 45.60
N THR F 161 2.24 -26.91 46.30
CA THR F 161 3.68 -27.16 46.20
C THR F 161 4.27 -27.53 47.55
N VAL F 162 4.75 -28.78 47.68
CA VAL F 162 5.32 -29.31 48.92
C VAL F 162 6.84 -29.43 48.82
N SER F 163 7.53 -28.70 49.70
CA SER F 163 8.98 -28.69 49.86
C SER F 163 9.29 -29.43 51.17
N TRP F 164 10.57 -29.73 51.43
CA TRP F 164 11.02 -30.35 52.67
C TRP F 164 12.29 -29.66 53.13
N ASN F 165 12.28 -29.18 54.39
CA ASN F 165 13.36 -28.45 55.08
C ASN F 165 13.81 -27.21 54.29
N SER F 166 12.81 -26.43 53.79
CA SER F 166 12.97 -25.22 52.97
C SER F 166 13.71 -25.49 51.62
N GLY F 167 13.48 -26.69 51.07
CA GLY F 167 14.08 -27.09 49.79
C GLY F 167 15.44 -27.77 49.88
N ALA F 168 15.94 -28.04 51.10
CA ALA F 168 17.23 -28.72 51.30
C ALA F 168 17.06 -30.20 51.03
N LEU F 169 16.10 -30.86 51.71
CA LEU F 169 15.77 -32.27 51.55
C LEU F 169 15.00 -32.47 50.23
N THR F 170 15.69 -33.05 49.23
CA THR F 170 15.18 -33.29 47.89
C THR F 170 15.15 -34.79 47.55
N SER F 171 16.19 -35.53 47.98
CA SER F 171 16.31 -36.96 47.74
C SER F 171 15.35 -37.77 48.61
N GLY F 172 14.72 -38.75 47.97
CA GLY F 172 13.73 -39.64 48.57
C GLY F 172 12.31 -39.10 48.62
N VAL F 173 12.11 -37.83 48.20
CA VAL F 173 10.80 -37.15 48.19
C VAL F 173 9.90 -37.70 47.08
N HIS F 174 8.65 -38.06 47.43
CA HIS F 174 7.65 -38.57 46.48
C HIS F 174 6.30 -37.87 46.68
N THR F 175 6.10 -36.75 45.94
CA THR F 175 4.86 -35.97 45.97
C THR F 175 3.96 -36.50 44.85
N PHE F 176 2.99 -37.35 45.22
CA PHE F 176 2.06 -38.01 44.32
C PHE F 176 1.08 -37.03 43.66
N PRO F 177 0.55 -37.32 42.44
CA PRO F 177 -0.43 -36.41 41.85
C PRO F 177 -1.72 -36.36 42.68
N ALA F 178 -2.41 -35.20 42.69
CA ALA F 178 -3.64 -35.02 43.46
C ALA F 178 -4.77 -35.88 42.95
N VAL F 179 -5.52 -36.47 43.89
CA VAL F 179 -6.69 -37.29 43.59
C VAL F 179 -7.96 -36.49 43.83
N LEU F 180 -8.85 -36.44 42.84
CA LEU F 180 -10.10 -35.73 42.96
C LEU F 180 -11.06 -36.58 43.79
N GLN F 181 -11.46 -36.05 44.96
CA GLN F 181 -12.38 -36.73 45.88
C GLN F 181 -13.81 -36.54 45.40
N SER F 182 -14.72 -37.39 45.93
CA SER F 182 -16.16 -37.36 45.68
C SER F 182 -16.75 -36.04 46.20
N SER F 183 -16.08 -35.44 47.22
CA SER F 183 -16.40 -34.17 47.84
C SER F 183 -16.21 -33.00 46.87
N GLY F 184 -15.49 -33.23 45.77
CA GLY F 184 -15.18 -32.23 44.74
C GLY F 184 -13.89 -31.49 45.03
N LEU F 185 -13.23 -31.84 46.15
CA LEU F 185 -11.98 -31.24 46.60
C LEU F 185 -10.81 -32.16 46.26
N TYR F 186 -9.63 -31.57 46.03
CA TYR F 186 -8.42 -32.31 45.73
C TYR F 186 -7.66 -32.67 46.99
N SER F 187 -6.77 -33.69 46.90
CA SER F 187 -5.92 -34.17 48.00
C SER F 187 -4.70 -34.91 47.48
N LEU F 188 -3.52 -34.58 48.02
CA LEU F 188 -2.28 -35.27 47.68
C LEU F 188 -1.38 -35.43 48.89
N SER F 189 -0.59 -36.51 48.89
CA SER F 189 0.36 -36.83 49.95
C SER F 189 1.79 -36.69 49.45
N SER F 190 2.69 -36.24 50.33
CA SER F 190 4.11 -36.08 50.03
C SER F 190 4.90 -36.85 51.07
N VAL F 191 5.57 -37.93 50.63
CA VAL F 191 6.37 -38.78 51.51
C VAL F 191 7.87 -38.58 51.30
N VAL F 192 8.68 -38.85 52.34
CA VAL F 192 10.13 -38.75 52.29
C VAL F 192 10.77 -39.87 53.12
N THR F 193 11.63 -40.68 52.48
CA THR F 193 12.31 -41.80 53.13
C THR F 193 13.70 -41.38 53.58
N VAL F 194 13.94 -41.45 54.90
CA VAL F 194 15.21 -41.08 55.54
C VAL F 194 15.66 -42.15 56.56
N PRO F 195 16.98 -42.39 56.76
CA PRO F 195 17.40 -43.44 57.71
C PRO F 195 17.05 -43.14 59.17
N SER F 196 16.92 -44.22 59.96
CA SER F 196 16.58 -44.18 61.39
C SER F 196 17.66 -43.51 62.23
N SER F 197 18.95 -43.69 61.87
CA SER F 197 20.11 -43.08 62.53
C SER F 197 20.00 -41.54 62.50
N SER F 198 19.69 -40.98 61.30
CA SER F 198 19.50 -39.54 61.07
C SER F 198 18.20 -39.04 61.71
N LEU F 199 17.21 -39.95 61.90
CA LEU F 199 15.92 -39.65 62.53
C LEU F 199 16.13 -39.42 64.03
N GLY F 200 15.54 -38.36 64.54
CA GLY F 200 15.66 -37.95 65.95
C GLY F 200 16.84 -37.02 66.19
N THR F 201 17.68 -36.81 65.15
CA THR F 201 18.87 -35.96 65.19
C THR F 201 18.75 -34.76 64.22
N LYS F 202 17.70 -34.75 63.36
CA LYS F 202 17.42 -33.73 62.35
C LYS F 202 15.94 -33.34 62.38
N THR F 203 15.63 -32.05 62.14
CA THR F 203 14.24 -31.55 62.07
C THR F 203 13.70 -31.86 60.68
N TYR F 204 12.46 -32.38 60.61
CA TYR F 204 11.83 -32.72 59.33
C TYR F 204 10.52 -31.98 59.12
N THR F 205 10.62 -30.78 58.50
CA THR F 205 9.50 -29.88 58.21
C THR F 205 9.13 -29.95 56.72
N CYS F 206 7.82 -30.08 56.42
CA CYS F 206 7.34 -30.06 55.03
C CYS F 206 6.76 -28.67 54.76
N ASN F 207 7.16 -28.05 53.63
CA ASN F 207 6.74 -26.69 53.29
C ASN F 207 5.64 -26.68 52.21
N VAL F 208 4.37 -26.73 52.69
CA VAL F 208 3.16 -26.74 51.88
C VAL F 208 2.83 -25.31 51.45
N ASP F 209 2.46 -25.13 50.16
CA ASP F 209 2.12 -23.82 49.62
C ASP F 209 0.98 -23.91 48.60
N HIS F 210 -0.14 -23.24 48.92
CA HIS F 210 -1.30 -23.12 48.06
C HIS F 210 -1.50 -21.64 47.77
N LYS F 211 -0.97 -21.20 46.62
CA LYS F 211 -1.01 -19.80 46.16
C LYS F 211 -2.43 -19.27 45.92
N PRO F 212 -3.39 -20.04 45.34
CA PRO F 212 -4.74 -19.47 45.12
C PRO F 212 -5.47 -19.02 46.39
N SER F 213 -5.27 -19.70 47.52
CA SER F 213 -5.91 -19.35 48.79
C SER F 213 -4.93 -18.60 49.70
N ASN F 214 -3.69 -18.39 49.20
CA ASN F 214 -2.56 -17.75 49.87
C ASN F 214 -2.19 -18.46 51.18
N THR F 215 -2.39 -19.80 51.19
CA THR F 215 -2.08 -20.69 52.29
C THR F 215 -0.59 -21.04 52.16
N LYS F 216 0.10 -21.10 53.31
CA LYS F 216 1.52 -21.43 53.43
C LYS F 216 1.64 -22.16 54.77
N VAL F 217 1.94 -23.48 54.74
CA VAL F 217 2.04 -24.31 55.96
C VAL F 217 3.44 -24.91 56.05
N ASP F 218 4.03 -24.94 57.26
CA ASP F 218 5.34 -25.53 57.51
C ASP F 218 5.24 -26.49 58.71
N LYS F 219 4.66 -27.68 58.48
CA LYS F 219 4.44 -28.70 59.52
C LYS F 219 5.63 -29.65 59.67
N ARG F 220 6.03 -29.87 60.93
CA ARG F 220 7.11 -30.80 61.28
C ARG F 220 6.49 -32.14 61.66
N VAL F 221 6.98 -33.22 61.03
CA VAL F 221 6.49 -34.60 61.24
C VAL F 221 7.44 -35.32 62.19
N GLU F 222 6.89 -35.86 63.30
CA GLU F 222 7.63 -36.58 64.34
C GLU F 222 6.89 -37.84 64.75
N ASP G 1 -4.23 21.29 12.46
CA ASP G 1 -5.10 20.63 11.50
C ASP G 1 -6.18 21.60 10.98
N ILE G 2 -7.48 21.19 10.99
CA ILE G 2 -8.63 21.96 10.54
C ILE G 2 -9.86 21.63 11.42
N GLN G 3 -10.53 22.67 11.96
CA GLN G 3 -11.63 22.52 12.92
C GLN G 3 -13.01 22.98 12.44
N MET G 4 -14.07 22.31 12.93
CA MET G 4 -15.47 22.60 12.63
C MET G 4 -16.20 23.09 13.88
N THR G 5 -17.03 24.13 13.72
CA THR G 5 -17.85 24.71 14.79
C THR G 5 -19.27 24.90 14.26
N GLN G 6 -20.09 23.83 14.37
CA GLN G 6 -21.47 23.81 13.90
C GLN G 6 -22.45 24.25 14.98
N SER G 7 -23.19 25.35 14.71
CA SER G 7 -24.18 25.94 15.61
C SER G 7 -25.55 26.07 14.91
N PRO G 8 -26.67 25.69 15.57
CA PRO G 8 -26.79 25.17 16.93
C PRO G 8 -26.58 23.67 17.03
N SER G 9 -26.59 23.14 18.27
CA SER G 9 -26.44 21.72 18.54
C SER G 9 -27.77 21.01 18.31
N SER G 10 -28.88 21.71 18.58
CA SER G 10 -30.26 21.23 18.43
C SER G 10 -31.22 22.40 18.21
N LEU G 11 -32.37 22.14 17.60
CA LEU G 11 -33.40 23.14 17.36
C LEU G 11 -34.79 22.55 17.21
N SER G 12 -35.79 23.35 17.52
CA SER G 12 -37.20 23.01 17.42
C SER G 12 -37.92 24.21 16.76
N ALA G 13 -38.59 23.95 15.62
CA ALA G 13 -39.34 24.96 14.86
C ALA G 13 -40.62 24.37 14.28
N SER G 14 -41.69 25.20 14.18
CA SER G 14 -42.98 24.76 13.66
C SER G 14 -42.94 24.47 12.16
N VAL G 15 -43.84 23.60 11.67
CA VAL G 15 -43.93 23.22 10.25
C VAL G 15 -44.18 24.48 9.42
N GLY G 16 -43.22 24.84 8.58
CA GLY G 16 -43.26 26.02 7.73
C GLY G 16 -42.23 27.08 8.06
N ASP G 17 -41.60 26.99 9.26
CA ASP G 17 -40.58 27.94 9.73
C ASP G 17 -39.27 27.86 8.94
N ARG G 18 -38.57 28.99 8.86
CA ARG G 18 -37.30 29.12 8.15
C ARG G 18 -36.13 28.77 9.08
N VAL G 19 -35.73 27.47 9.06
CA VAL G 19 -34.64 26.91 9.86
C VAL G 19 -33.29 27.36 9.30
N THR G 20 -32.41 27.87 10.18
CA THR G 20 -31.09 28.38 9.83
C THR G 20 -29.99 27.77 10.71
N ILE G 21 -28.99 27.12 10.06
CA ILE G 21 -27.83 26.45 10.70
C ILE G 21 -26.53 27.07 10.16
N THR G 22 -25.53 27.29 11.03
CA THR G 22 -24.23 27.84 10.64
C THR G 22 -23.09 26.87 10.95
N CYS G 23 -22.01 26.93 10.14
CA CYS G 23 -20.81 26.13 10.30
C CYS G 23 -19.59 27.02 10.05
N LYS G 24 -18.89 27.41 11.14
CA LYS G 24 -17.70 28.25 11.07
C LYS G 24 -16.45 27.39 11.16
N THR G 25 -15.46 27.65 10.28
CA THR G 25 -14.20 26.91 10.23
C THR G 25 -13.04 27.65 10.90
N SER G 26 -11.99 26.92 11.33
CA SER G 26 -10.79 27.47 11.98
C SER G 26 -10.00 28.37 11.03
N GLN G 27 -9.95 28.00 9.73
CA GLN G 27 -9.27 28.71 8.65
C GLN G 27 -10.11 28.67 7.36
N ASP G 28 -9.73 29.48 6.35
CA ASP G 28 -10.41 29.58 5.06
C ASP G 28 -10.47 28.23 4.34
N ILE G 29 -11.69 27.77 3.96
CA ILE G 29 -11.90 26.49 3.26
C ILE G 29 -12.32 26.68 1.78
N ASN G 30 -12.15 27.90 1.25
CA ASN G 30 -12.40 28.33 -0.14
C ASN G 30 -13.69 27.74 -0.78
N LYS G 31 -14.83 27.93 -0.09
CA LYS G 31 -16.19 27.50 -0.51
C LYS G 31 -16.39 25.96 -0.59
N TYR G 32 -15.36 25.14 -0.23
CA TYR G 32 -15.49 23.68 -0.26
C TYR G 32 -16.22 23.17 0.99
N MET G 33 -17.55 23.41 1.01
CA MET G 33 -18.48 23.06 2.09
C MET G 33 -19.67 22.24 1.54
N ALA G 34 -20.12 21.23 2.31
CA ALA G 34 -21.23 20.36 1.96
C ALA G 34 -22.14 20.12 3.18
N TRP G 35 -23.43 19.82 2.93
CA TRP G 35 -24.46 19.59 3.95
C TRP G 35 -25.16 18.26 3.74
N TYR G 36 -25.26 17.45 4.81
CA TYR G 36 -25.85 16.10 4.81
C TYR G 36 -27.05 15.92 5.72
N GLN G 37 -28.06 15.16 5.24
CA GLN G 37 -29.28 14.87 5.99
C GLN G 37 -29.25 13.43 6.50
N GLN G 38 -29.19 13.27 7.83
CA GLN G 38 -29.21 11.95 8.43
C GLN G 38 -30.50 11.74 9.22
N THR G 39 -31.55 11.24 8.53
CA THR G 39 -32.86 10.92 9.12
C THR G 39 -32.68 9.77 10.15
N PRO G 40 -33.50 9.67 11.22
CA PRO G 40 -33.29 8.61 12.23
C PRO G 40 -33.07 7.19 11.67
N GLY G 41 -31.93 6.60 12.05
CA GLY G 41 -31.49 5.27 11.67
C GLY G 41 -31.31 5.06 10.17
N LYS G 42 -30.76 6.07 9.47
CA LYS G 42 -30.55 6.02 8.02
C LYS G 42 -29.16 6.55 7.61
N ALA G 43 -28.77 6.25 6.36
CA ALA G 43 -27.50 6.67 5.78
C ALA G 43 -27.55 8.17 5.43
N PRO G 44 -26.49 8.95 5.75
CA PRO G 44 -26.50 10.40 5.41
C PRO G 44 -26.64 10.65 3.92
N ARG G 45 -27.51 11.59 3.54
CA ARG G 45 -27.81 11.97 2.16
C ARG G 45 -27.25 13.35 1.86
N LEU G 46 -26.53 13.49 0.73
CA LEU G 46 -25.97 14.79 0.33
C LEU G 46 -27.08 15.68 -0.22
N LEU G 47 -27.22 16.88 0.36
CA LEU G 47 -28.22 17.87 -0.03
C LEU G 47 -27.56 18.95 -0.90
N ILE G 48 -26.57 19.67 -0.31
CA ILE G 48 -25.84 20.76 -0.95
C ILE G 48 -24.32 20.58 -0.81
N HIS G 49 -23.56 20.86 -1.89
CA HIS G 49 -22.10 20.80 -1.91
C HIS G 49 -21.54 22.07 -2.55
N TYR G 50 -20.24 22.36 -2.36
CA TYR G 50 -19.57 23.57 -2.88
C TYR G 50 -20.36 24.85 -2.50
N THR G 51 -20.67 24.95 -1.20
CA THR G 51 -21.38 26.03 -0.51
C THR G 51 -22.87 26.12 -0.89
N SER G 52 -23.20 26.23 -2.20
CA SER G 52 -24.58 26.45 -2.65
C SER G 52 -25.14 25.48 -3.69
N ALA G 53 -24.32 24.61 -4.32
CA ALA G 53 -24.81 23.69 -5.34
C ALA G 53 -25.74 22.60 -4.80
N LEU G 54 -27.01 22.63 -5.23
CA LEU G 54 -28.05 21.68 -4.82
C LEU G 54 -28.00 20.41 -5.69
N GLN G 55 -27.98 19.25 -5.03
CA GLN G 55 -27.93 17.93 -5.67
C GLN G 55 -29.25 17.62 -6.39
N PRO G 56 -29.21 17.09 -7.65
CA PRO G 56 -30.46 16.78 -8.35
C PRO G 56 -31.34 15.74 -7.64
N GLY G 57 -32.53 16.17 -7.26
CA GLY G 57 -33.50 15.36 -6.53
C GLY G 57 -33.90 15.98 -5.20
N ILE G 58 -33.00 16.78 -4.61
CA ILE G 58 -33.18 17.48 -3.33
C ILE G 58 -34.21 18.63 -3.47
N PRO G 59 -35.22 18.74 -2.56
CA PRO G 59 -36.22 19.82 -2.69
C PRO G 59 -35.65 21.24 -2.64
N SER G 60 -36.33 22.15 -3.35
CA SER G 60 -36.02 23.58 -3.52
C SER G 60 -35.85 24.36 -2.21
N ARG G 61 -36.56 23.94 -1.14
CA ARG G 61 -36.52 24.58 0.18
C ARG G 61 -35.11 24.59 0.80
N PHE G 62 -34.28 23.59 0.48
CA PHE G 62 -32.91 23.45 0.97
C PHE G 62 -31.95 24.34 0.18
N SER G 63 -31.12 25.15 0.89
CA SER G 63 -30.15 26.07 0.29
C SER G 63 -28.97 26.36 1.20
N GLY G 64 -27.83 26.67 0.58
CA GLY G 64 -26.60 27.00 1.29
C GLY G 64 -25.98 28.31 0.85
N SER G 65 -25.15 28.90 1.72
CA SER G 65 -24.47 30.18 1.50
C SER G 65 -23.16 30.25 2.31
N GLY G 66 -22.48 31.39 2.21
CA GLY G 66 -21.23 31.65 2.92
C GLY G 66 -20.00 31.64 2.04
N SER G 67 -18.87 32.14 2.58
CA SER G 67 -17.57 32.21 1.91
C SER G 67 -16.43 32.38 2.91
N GLY G 68 -15.33 31.68 2.65
CA GLY G 68 -14.13 31.74 3.48
C GLY G 68 -14.18 30.89 4.74
N ARG G 69 -14.65 31.48 5.84
CA ARG G 69 -14.74 30.79 7.14
C ARG G 69 -16.18 30.57 7.60
N ASP G 70 -17.07 31.56 7.36
CA ASP G 70 -18.46 31.53 7.80
C ASP G 70 -19.38 31.04 6.68
N TYR G 71 -20.13 29.94 6.96
CA TYR G 71 -21.06 29.29 6.02
C TYR G 71 -22.41 29.04 6.68
N THR G 72 -23.51 29.15 5.91
CA THR G 72 -24.88 29.02 6.45
C THR G 72 -25.81 28.16 5.57
N PHE G 73 -26.53 27.22 6.20
CA PHE G 73 -27.52 26.31 5.61
C PHE G 73 -28.93 26.75 6.01
N THR G 74 -29.88 26.73 5.07
CA THR G 74 -31.26 27.17 5.33
C THR G 74 -32.32 26.26 4.67
N ILE G 75 -33.37 25.94 5.44
CA ILE G 75 -34.58 25.23 4.99
C ILE G 75 -35.62 26.36 4.96
N SER G 76 -36.14 26.71 3.77
CA SER G 76 -37.10 27.81 3.62
C SER G 76 -38.42 27.56 4.37
N SER G 77 -38.91 26.31 4.34
CA SER G 77 -40.13 25.89 5.02
C SER G 77 -39.98 24.47 5.57
N LEU G 78 -39.75 24.34 6.89
CA LEU G 78 -39.58 23.07 7.57
C LEU G 78 -40.79 22.15 7.41
N GLN G 79 -40.55 20.87 7.08
CA GLN G 79 -41.60 19.88 6.84
C GLN G 79 -41.57 18.78 7.91
N PRO G 80 -42.68 18.02 8.17
CA PRO G 80 -42.62 16.95 9.20
C PRO G 80 -41.69 15.78 8.82
N GLU G 81 -41.28 15.71 7.53
CA GLU G 81 -40.37 14.71 6.97
C GLU G 81 -38.88 15.14 7.08
N ASP G 82 -38.63 16.40 7.52
CA ASP G 82 -37.29 16.96 7.68
C ASP G 82 -36.66 16.63 9.04
N ILE G 83 -37.29 15.72 9.84
CA ILE G 83 -36.79 15.26 11.14
C ILE G 83 -35.48 14.49 10.88
N ALA G 84 -34.33 15.08 11.25
CA ALA G 84 -32.99 14.53 11.01
C ALA G 84 -31.89 15.23 11.79
N THR G 85 -30.66 14.70 11.67
CA THR G 85 -29.45 15.26 12.26
C THR G 85 -28.65 15.76 11.05
N TYR G 86 -28.50 17.08 10.95
CA TYR G 86 -27.80 17.72 9.82
C TYR G 86 -26.35 18.00 10.14
N TYR G 87 -25.46 17.71 9.19
CA TYR G 87 -24.02 17.88 9.36
C TYR G 87 -23.37 18.69 8.24
N CYS G 88 -22.31 19.45 8.59
CA CYS G 88 -21.50 20.24 7.66
C CYS G 88 -20.16 19.57 7.43
N LEU G 89 -19.69 19.52 6.17
CA LEU G 89 -18.41 18.89 5.83
C LEU G 89 -17.49 19.83 5.08
N GLN G 90 -16.21 19.89 5.51
CA GLN G 90 -15.20 20.68 4.81
C GLN G 90 -14.34 19.73 3.98
N TYR G 91 -13.98 20.12 2.76
CA TYR G 91 -13.17 19.27 1.90
C TYR G 91 -12.12 20.06 1.08
N ASP G 92 -11.56 21.12 1.70
CA ASP G 92 -10.52 21.96 1.11
C ASP G 92 -9.17 21.23 1.27
N ASN G 93 -8.75 21.04 2.54
CA ASN G 93 -7.55 20.30 2.95
C ASN G 93 -8.04 19.27 3.96
N LEU G 94 -7.89 17.98 3.61
CA LEU G 94 -8.36 16.85 4.40
C LEU G 94 -9.91 16.85 4.47
N TRP G 95 -10.52 16.16 5.46
CA TRP G 95 -11.97 16.03 5.57
C TRP G 95 -12.43 16.06 7.03
N THR G 96 -13.28 17.05 7.37
CA THR G 96 -13.79 17.22 8.73
C THR G 96 -15.30 17.45 8.73
N PHE G 97 -16.03 16.72 9.59
CA PHE G 97 -17.47 16.84 9.75
C PHE G 97 -17.79 17.65 11.02
N GLY G 98 -18.94 18.32 11.01
CA GLY G 98 -19.41 19.11 12.13
C GLY G 98 -20.00 18.30 13.25
N GLN G 99 -20.24 18.96 14.39
CA GLN G 99 -20.80 18.38 15.62
C GLN G 99 -22.21 17.80 15.41
N GLY G 100 -22.97 18.44 14.54
CA GLY G 100 -24.34 18.05 14.20
C GLY G 100 -25.38 19.02 14.72
N THR G 101 -26.59 18.96 14.11
CA THR G 101 -27.73 19.80 14.46
C THR G 101 -28.98 18.93 14.54
N LYS G 102 -29.52 18.76 15.75
CA LYS G 102 -30.71 17.95 15.96
C LYS G 102 -31.94 18.77 15.59
N VAL G 103 -32.53 18.46 14.42
CA VAL G 103 -33.70 19.19 13.91
C VAL G 103 -34.99 18.43 14.21
N GLU G 104 -35.81 19.01 15.08
CA GLU G 104 -37.10 18.50 15.54
C GLU G 104 -38.21 19.51 15.23
N ILE G 105 -39.45 19.02 15.07
CA ILE G 105 -40.61 19.86 14.76
C ILE G 105 -41.29 20.35 16.06
N LYS G 106 -41.53 21.67 16.17
CA LYS G 106 -42.21 22.28 17.32
C LYS G 106 -43.70 22.27 17.03
N ARG G 107 -44.45 21.62 17.92
CA ARG G 107 -45.90 21.51 17.82
C ARG G 107 -46.62 21.73 19.15
N THR G 108 -47.96 21.83 19.11
CA THR G 108 -48.81 22.01 20.28
C THR G 108 -48.77 20.77 21.19
N VAL G 109 -48.89 20.99 22.50
CA VAL G 109 -48.84 19.97 23.56
C VAL G 109 -49.87 18.84 23.34
N ALA G 110 -49.39 17.59 23.39
CA ALA G 110 -50.19 16.37 23.24
C ALA G 110 -50.00 15.49 24.48
N ALA G 111 -51.10 15.19 25.17
CA ALA G 111 -51.10 14.38 26.38
C ALA G 111 -50.72 12.91 26.09
N PRO G 112 -49.94 12.26 26.99
CA PRO G 112 -49.59 10.84 26.73
C PRO G 112 -50.72 9.89 27.10
N SER G 113 -50.93 8.86 26.28
CA SER G 113 -51.94 7.83 26.54
C SER G 113 -51.23 6.74 27.36
N VAL G 114 -51.44 6.74 28.70
CA VAL G 114 -50.78 5.83 29.65
C VAL G 114 -51.47 4.45 29.71
N PHE G 115 -50.64 3.37 29.78
CA PHE G 115 -51.07 1.96 29.86
C PHE G 115 -50.08 1.15 30.74
N ILE G 116 -50.61 0.41 31.75
CA ILE G 116 -49.83 -0.43 32.65
C ILE G 116 -50.00 -1.92 32.28
N PHE G 117 -48.87 -2.61 32.07
CA PHE G 117 -48.86 -4.02 31.69
C PHE G 117 -48.24 -4.89 32.80
N PRO G 118 -48.98 -5.91 33.28
CA PRO G 118 -48.42 -6.77 34.33
C PRO G 118 -47.48 -7.85 33.76
N PRO G 119 -46.59 -8.47 34.58
CA PRO G 119 -45.74 -9.55 34.04
C PRO G 119 -46.63 -10.77 33.73
N SER G 120 -46.48 -11.34 32.51
CA SER G 120 -47.25 -12.50 32.06
C SER G 120 -46.95 -13.75 32.90
N ASP G 121 -47.89 -14.71 32.93
CA ASP G 121 -47.75 -15.95 33.70
C ASP G 121 -46.60 -16.84 33.19
N GLU G 122 -46.26 -16.71 31.89
CA GLU G 122 -45.18 -17.45 31.23
C GLU G 122 -43.81 -16.94 31.68
N GLN G 123 -43.70 -15.61 31.92
CA GLN G 123 -42.48 -14.94 32.38
C GLN G 123 -42.21 -15.26 33.84
N LEU G 124 -43.27 -15.34 34.67
CA LEU G 124 -43.18 -15.67 36.09
C LEU G 124 -42.65 -17.09 36.32
N LYS G 125 -43.00 -18.03 35.41
CA LYS G 125 -42.55 -19.43 35.41
C LYS G 125 -41.02 -19.52 35.41
N SER G 126 -40.35 -18.62 34.65
CA SER G 126 -38.89 -18.54 34.55
C SER G 126 -38.22 -17.92 35.80
N GLY G 127 -39.03 -17.39 36.71
CA GLY G 127 -38.55 -16.81 37.98
C GLY G 127 -38.20 -15.35 37.94
N THR G 128 -38.73 -14.60 36.96
CA THR G 128 -38.50 -13.17 36.79
C THR G 128 -39.81 -12.44 36.45
N ALA G 129 -39.89 -11.14 36.82
CA ALA G 129 -41.07 -10.30 36.58
C ALA G 129 -40.70 -8.94 35.97
N SER G 130 -41.33 -8.59 34.83
CA SER G 130 -41.13 -7.33 34.14
C SER G 130 -42.45 -6.59 33.95
N VAL G 131 -42.61 -5.46 34.68
CA VAL G 131 -43.79 -4.60 34.63
C VAL G 131 -43.49 -3.47 33.64
N VAL G 132 -44.32 -3.31 32.60
CA VAL G 132 -44.12 -2.30 31.56
C VAL G 132 -45.16 -1.18 31.63
N CYS G 133 -44.70 0.08 31.56
CA CYS G 133 -45.56 1.28 31.49
C CYS G 133 -45.39 1.87 30.09
N LEU G 134 -46.49 2.35 29.49
CA LEU G 134 -46.50 2.92 28.14
C LEU G 134 -47.02 4.37 28.14
N LEU G 135 -46.37 5.25 27.34
CA LEU G 135 -46.72 6.66 27.15
C LEU G 135 -46.87 6.92 25.63
N ASN G 136 -48.03 6.51 25.07
CA ASN G 136 -48.36 6.59 23.65
C ASN G 136 -48.63 7.99 23.11
N ASN G 137 -47.91 8.38 22.03
CA ASN G 137 -47.99 9.63 21.27
C ASN G 137 -48.15 10.88 22.15
N PHE G 138 -47.02 11.56 22.46
CA PHE G 138 -47.00 12.76 23.29
C PHE G 138 -45.96 13.79 22.83
N TYR G 139 -46.19 15.07 23.20
CA TYR G 139 -45.31 16.19 22.90
C TYR G 139 -45.42 17.26 24.02
N PRO G 140 -44.32 17.87 24.54
CA PRO G 140 -42.90 17.69 24.19
C PRO G 140 -42.29 16.37 24.68
N ARG G 141 -40.98 16.13 24.36
CA ARG G 141 -40.24 14.92 24.74
C ARG G 141 -40.18 14.68 26.25
N GLU G 142 -40.14 15.77 27.06
CA GLU G 142 -40.06 15.76 28.52
C GLU G 142 -41.26 15.03 29.12
N ALA G 143 -40.98 13.93 29.84
CA ALA G 143 -41.96 13.08 30.52
C ALA G 143 -41.26 12.38 31.69
N LYS G 144 -41.89 12.45 32.88
CA LYS G 144 -41.39 11.85 34.13
C LYS G 144 -42.22 10.62 34.50
N VAL G 145 -41.55 9.47 34.68
CA VAL G 145 -42.19 8.21 35.06
C VAL G 145 -41.73 7.82 36.46
N GLN G 146 -42.68 7.85 37.41
CA GLN G 146 -42.45 7.52 38.81
C GLN G 146 -43.15 6.20 39.13
N TRP G 147 -42.34 5.12 39.26
CA TRP G 147 -42.85 3.79 39.59
C TRP G 147 -43.14 3.73 41.10
N LYS G 148 -44.31 3.16 41.49
CA LYS G 148 -44.72 3.07 42.90
C LYS G 148 -45.33 1.69 43.24
N VAL G 149 -44.55 0.84 43.92
CA VAL G 149 -45.00 -0.49 44.35
C VAL G 149 -45.48 -0.37 45.80
N ASP G 150 -46.82 -0.29 46.00
CA ASP G 150 -47.50 -0.14 47.30
C ASP G 150 -46.98 1.11 48.05
N ASN G 151 -47.30 2.31 47.50
CA ASN G 151 -46.92 3.65 48.01
C ASN G 151 -45.39 3.87 48.10
N ALA G 152 -44.58 2.85 47.75
CA ALA G 152 -43.11 2.91 47.79
C ALA G 152 -42.50 3.17 46.42
N LEU G 153 -41.71 4.26 46.31
CA LEU G 153 -41.02 4.70 45.09
C LEU G 153 -39.91 3.72 44.67
N GLN G 154 -39.73 3.52 43.35
CA GLN G 154 -38.76 2.55 42.80
C GLN G 154 -37.66 3.18 41.93
N SER G 155 -36.55 3.58 42.59
CA SER G 155 -35.39 4.17 41.93
C SER G 155 -34.34 3.10 41.63
N GLY G 156 -33.93 3.02 40.36
CA GLY G 156 -32.93 2.06 39.91
C GLY G 156 -33.47 0.77 39.34
N ASN G 157 -34.66 0.34 39.81
CA ASN G 157 -35.34 -0.88 39.37
C ASN G 157 -35.92 -0.74 37.95
N SER G 158 -36.16 0.52 37.52
CA SER G 158 -36.74 0.90 36.22
C SER G 158 -35.70 1.20 35.14
N GLN G 159 -36.10 1.02 33.86
CA GLN G 159 -35.30 1.27 32.66
C GLN G 159 -36.22 1.71 31.50
N GLU G 160 -36.13 3.00 31.07
CA GLU G 160 -37.00 3.54 30.02
C GLU G 160 -36.33 3.72 28.65
N SER G 161 -37.16 3.61 27.58
CA SER G 161 -36.77 3.73 26.18
C SER G 161 -37.82 4.53 25.39
N VAL G 162 -37.41 5.70 24.87
CA VAL G 162 -38.25 6.61 24.08
C VAL G 162 -38.00 6.44 22.56
N THR G 163 -39.06 6.61 21.73
CA THR G 163 -38.92 6.52 20.27
C THR G 163 -38.48 7.89 19.71
N GLU G 164 -38.04 7.88 18.43
CA GLU G 164 -37.62 9.07 17.68
C GLU G 164 -38.89 9.83 17.28
N GLN G 165 -38.80 11.17 17.05
CA GLN G 165 -39.98 11.95 16.68
C GLN G 165 -40.63 11.32 15.45
N ASP G 166 -41.95 11.09 15.55
CA ASP G 166 -42.74 10.46 14.49
C ASP G 166 -42.69 11.24 13.16
N SER G 167 -42.69 10.51 12.04
CA SER G 167 -42.64 11.09 10.69
C SER G 167 -43.95 11.78 10.31
N LYS G 168 -45.09 11.32 10.85
CA LYS G 168 -46.44 11.83 10.54
C LYS G 168 -46.98 12.84 11.57
N ASP G 169 -47.36 12.38 12.78
CA ASP G 169 -47.95 13.23 13.83
C ASP G 169 -46.92 13.98 14.71
N SER G 170 -45.61 13.80 14.41
CA SER G 170 -44.48 14.43 15.09
C SER G 170 -44.55 14.35 16.64
N THR G 171 -44.84 13.15 17.18
CA THR G 171 -44.92 12.89 18.65
C THR G 171 -43.94 11.79 19.07
N TYR G 172 -43.74 11.66 20.40
CA TYR G 172 -42.85 10.67 21.00
C TYR G 172 -43.65 9.57 21.73
N SER G 173 -43.02 8.42 21.99
CA SER G 173 -43.61 7.30 22.72
C SER G 173 -42.56 6.71 23.64
N LEU G 174 -42.81 6.76 24.95
CA LEU G 174 -41.89 6.28 26.00
C LEU G 174 -42.38 4.98 26.63
N SER G 175 -41.44 4.10 27.01
CA SER G 175 -41.74 2.82 27.67
C SER G 175 -40.76 2.53 28.80
N SER G 176 -41.24 2.65 30.05
CA SER G 176 -40.44 2.39 31.25
C SER G 176 -40.73 0.97 31.73
N THR G 177 -39.66 0.17 31.89
CA THR G 177 -39.76 -1.22 32.31
C THR G 177 -39.15 -1.43 33.70
N LEU G 178 -40.01 -1.81 34.67
CA LEU G 178 -39.63 -2.11 36.05
C LEU G 178 -39.41 -3.62 36.16
N THR G 179 -38.26 -4.01 36.72
CA THR G 179 -37.93 -5.43 36.85
C THR G 179 -37.74 -5.82 38.33
N LEU G 180 -38.29 -6.99 38.69
CA LEU G 180 -38.24 -7.61 40.03
C LEU G 180 -38.23 -9.14 39.87
N SER G 181 -37.81 -9.87 40.91
CA SER G 181 -37.81 -11.34 40.91
C SER G 181 -39.23 -11.85 41.18
N LYS G 182 -39.52 -13.13 40.85
CA LYS G 182 -40.85 -13.73 41.09
C LYS G 182 -41.18 -13.74 42.59
N ALA G 183 -40.15 -13.73 43.45
CA ALA G 183 -40.25 -13.70 44.91
C ALA G 183 -40.63 -12.31 45.42
N ASP G 184 -39.90 -11.25 44.99
CA ASP G 184 -40.15 -9.86 45.39
C ASP G 184 -41.48 -9.35 44.84
N TYR G 185 -41.91 -9.88 43.67
CA TYR G 185 -43.16 -9.54 43.00
C TYR G 185 -44.36 -10.11 43.77
N GLU G 186 -44.21 -11.32 44.33
CA GLU G 186 -45.25 -12.00 45.10
C GLU G 186 -45.44 -11.42 46.52
N LYS G 187 -44.47 -10.61 46.99
CA LYS G 187 -44.50 -9.98 48.32
C LYS G 187 -45.32 -8.68 48.37
N HIS G 188 -45.76 -8.14 47.20
CA HIS G 188 -46.52 -6.88 47.12
C HIS G 188 -47.78 -6.98 46.27
N LYS G 189 -48.76 -6.06 46.49
CA LYS G 189 -50.06 -6.07 45.82
C LYS G 189 -50.27 -5.03 44.69
N VAL G 190 -50.21 -3.72 45.02
CA VAL G 190 -50.49 -2.62 44.08
C VAL G 190 -49.23 -2.09 43.40
N TYR G 191 -49.23 -2.13 42.05
CA TYR G 191 -48.15 -1.69 41.15
C TYR G 191 -48.63 -0.49 40.35
N ALA G 192 -48.17 0.72 40.73
CA ALA G 192 -48.55 2.00 40.11
C ALA G 192 -47.50 2.61 39.17
N CYS G 193 -47.92 3.57 38.32
CA CYS G 193 -47.08 4.28 37.36
C CYS G 193 -47.53 5.75 37.30
N GLU G 194 -46.77 6.66 37.93
CA GLU G 194 -47.11 8.09 37.98
C GLU G 194 -46.46 8.90 36.86
N VAL G 195 -47.26 9.24 35.82
CA VAL G 195 -46.83 10.00 34.65
C VAL G 195 -47.02 11.50 34.87
N THR G 196 -45.90 12.25 34.82
CA THR G 196 -45.86 13.71 34.97
C THR G 196 -45.55 14.32 33.58
N HIS G 197 -46.55 14.99 32.96
CA HIS G 197 -46.44 15.59 31.63
C HIS G 197 -47.12 16.95 31.55
N GLN G 198 -46.67 17.79 30.58
CA GLN G 198 -47.21 19.13 30.31
C GLN G 198 -48.65 19.05 29.78
N GLY G 199 -48.96 17.99 29.03
CA GLY G 199 -50.29 17.74 28.45
C GLY G 199 -51.34 17.38 29.48
N LEU G 200 -50.89 16.99 30.67
CA LEU G 200 -51.72 16.60 31.80
C LEU G 200 -51.71 17.71 32.86
N SER G 201 -52.87 17.96 33.48
CA SER G 201 -53.02 18.97 34.54
C SER G 201 -52.35 18.53 35.84
N SER G 202 -52.70 17.32 36.33
CA SER G 202 -52.17 16.69 37.54
C SER G 202 -51.42 15.39 37.15
N PRO G 203 -50.39 14.92 37.92
CA PRO G 203 -49.68 13.69 37.52
C PRO G 203 -50.58 12.45 37.52
N VAL G 204 -50.94 12.00 36.30
CA VAL G 204 -51.83 10.85 36.02
C VAL G 204 -51.19 9.53 36.44
N THR G 205 -51.95 8.70 37.21
CA THR G 205 -51.48 7.40 37.67
C THR G 205 -52.36 6.28 37.11
N LYS G 206 -51.73 5.24 36.54
CA LYS G 206 -52.39 4.06 36.00
C LYS G 206 -51.79 2.83 36.70
N SER G 207 -52.57 2.24 37.64
CA SER G 207 -52.15 1.12 38.48
C SER G 207 -52.93 -0.18 38.26
N PHE G 208 -52.48 -1.25 38.95
CA PHE G 208 -53.10 -2.58 38.97
C PHE G 208 -52.77 -3.33 40.25
N ASN G 209 -53.74 -4.08 40.77
CA ASN G 209 -53.56 -4.93 41.94
C ASN G 209 -53.30 -6.35 41.46
N ARG G 210 -52.30 -7.03 42.05
CA ARG G 210 -51.92 -8.41 41.69
C ARG G 210 -53.11 -9.36 41.94
N GLY G 211 -53.70 -9.84 40.85
CA GLY G 211 -54.87 -10.71 40.86
C GLY G 211 -56.11 -10.03 40.35
N ASP H 1 -3.07 -26.69 9.26
CA ASP H 1 -4.16 -27.62 8.97
C ASP H 1 -3.64 -29.01 8.52
N ILE H 2 -2.30 -29.17 8.44
CA ILE H 2 -1.64 -30.43 8.07
C ILE H 2 -1.73 -31.40 9.25
N GLN H 3 -2.24 -32.62 9.01
CA GLN H 3 -2.41 -33.66 10.04
C GLN H 3 -1.11 -34.35 10.46
N MET H 4 -1.03 -34.76 11.74
CA MET H 4 0.11 -35.46 12.34
C MET H 4 -0.27 -36.89 12.73
N THR H 5 0.64 -37.85 12.44
CA THR H 5 0.48 -39.26 12.78
C THR H 5 1.78 -39.76 13.42
N GLN H 6 1.90 -39.58 14.74
CA GLN H 6 3.07 -39.96 15.54
C GLN H 6 2.96 -41.39 16.08
N SER H 7 3.91 -42.25 15.68
CA SER H 7 3.99 -43.66 16.09
C SER H 7 5.37 -43.97 16.71
N PRO H 8 5.45 -44.71 17.85
CA PRO H 8 4.35 -45.29 18.64
C PRO H 8 3.72 -44.32 19.64
N SER H 9 2.65 -44.76 20.31
CA SER H 9 1.96 -43.99 21.33
C SER H 9 2.73 -44.06 22.65
N SER H 10 3.39 -45.23 22.90
CA SER H 10 4.19 -45.51 24.08
C SER H 10 5.25 -46.58 23.79
N LEU H 11 6.32 -46.62 24.61
CA LEU H 11 7.39 -47.60 24.49
C LEU H 11 8.16 -47.80 25.81
N SER H 12 8.73 -49.00 25.98
CA SER H 12 9.57 -49.38 27.12
C SER H 12 10.81 -50.07 26.57
N ALA H 13 12.00 -49.53 26.88
CA ALA H 13 13.29 -50.04 26.42
C ALA H 13 14.35 -49.92 27.51
N SER H 14 15.28 -50.89 27.56
CA SER H 14 16.36 -50.90 28.55
C SER H 14 17.37 -49.79 28.34
N VAL H 15 18.06 -49.38 29.42
CA VAL H 15 19.09 -48.33 29.39
C VAL H 15 20.20 -48.75 28.43
N GLY H 16 20.34 -48.00 27.34
CA GLY H 16 21.33 -48.26 26.29
C GLY H 16 20.73 -48.61 24.94
N ASP H 17 19.43 -48.98 24.90
CA ASP H 17 18.70 -49.35 23.68
C ASP H 17 18.50 -48.18 22.71
N ARG H 18 18.45 -48.50 21.40
CA ARG H 18 18.27 -47.52 20.33
C ARG H 18 16.78 -47.28 20.06
N VAL H 19 16.21 -46.27 20.75
CA VAL H 19 14.80 -45.87 20.67
C VAL H 19 14.55 -45.14 19.35
N THR H 20 13.49 -45.56 18.62
CA THR H 20 13.13 -44.99 17.31
C THR H 20 11.64 -44.61 17.28
N ILE H 21 11.36 -43.31 16.98
CA ILE H 21 10.01 -42.72 16.88
C ILE H 21 9.81 -42.14 15.47
N THR H 22 8.61 -42.31 14.89
CA THR H 22 8.29 -41.78 13.56
C THR H 22 7.10 -40.81 13.61
N CYS H 23 7.08 -39.82 12.71
CA CYS H 23 6.02 -38.83 12.58
C CYS H 23 5.73 -38.61 11.09
N LYS H 24 4.61 -39.18 10.60
CA LYS H 24 4.19 -39.07 9.21
C LYS H 24 3.13 -37.98 9.08
N THR H 25 3.27 -37.10 8.07
CA THR H 25 2.35 -35.99 7.81
C THR H 25 1.37 -36.29 6.67
N SER H 26 0.21 -35.59 6.65
CA SER H 26 -0.84 -35.74 5.64
C SER H 26 -0.35 -35.30 4.25
N GLN H 27 0.49 -34.24 4.20
CA GLN H 27 1.10 -33.68 3.00
C GLN H 27 2.58 -33.30 3.26
N ASP H 28 3.34 -32.97 2.19
CA ASP H 28 4.74 -32.58 2.26
C ASP H 28 4.94 -31.33 3.14
N ILE H 29 5.84 -31.41 4.15
CA ILE H 29 6.11 -30.31 5.08
C ILE H 29 7.54 -29.71 4.86
N ASN H 30 8.18 -30.06 3.72
CA ASN H 30 9.49 -29.58 3.25
C ASN H 30 10.57 -29.45 4.35
N LYS H 31 10.80 -30.56 5.09
CA LYS H 31 11.80 -30.70 6.16
C LYS H 31 11.55 -29.82 7.41
N TYR H 32 10.46 -29.01 7.45
CA TYR H 32 10.14 -28.17 8.61
C TYR H 32 9.50 -28.99 9.73
N MET H 33 10.34 -29.81 10.40
CA MET H 33 9.98 -30.72 11.50
C MET H 33 10.88 -30.46 12.72
N ALA H 34 10.28 -30.53 13.93
CA ALA H 34 10.96 -30.34 15.20
C ALA H 34 10.52 -31.39 16.23
N TRP H 35 11.40 -31.69 17.20
CA TRP H 35 11.17 -32.68 18.24
C TRP H 35 11.38 -32.07 19.63
N TYR H 36 10.39 -32.29 20.53
CA TYR H 36 10.38 -31.74 21.89
C TYR H 36 10.35 -32.80 22.99
N GLN H 37 11.10 -32.53 24.08
CA GLN H 37 11.18 -33.40 25.23
C GLN H 37 10.37 -32.81 26.39
N GLN H 38 9.29 -33.50 26.77
CA GLN H 38 8.49 -33.06 27.90
C GLN H 38 8.60 -34.05 29.05
N THR H 39 9.60 -33.81 29.92
CA THR H 39 9.87 -34.62 31.12
C THR H 39 8.69 -34.45 32.10
N PRO H 40 8.34 -35.46 32.94
CA PRO H 40 7.18 -35.32 33.85
C PRO H 40 7.08 -34.00 34.63
N GLY H 41 5.95 -33.32 34.44
CA GLY H 41 5.62 -32.04 35.06
C GLY H 41 6.56 -30.90 34.74
N LYS H 42 7.01 -30.83 33.47
CA LYS H 42 7.95 -29.80 33.02
C LYS H 42 7.56 -29.18 31.66
N ALA H 43 8.17 -28.03 31.34
CA ALA H 43 7.97 -27.32 30.09
C ALA H 43 8.69 -28.05 28.94
N PRO H 44 8.04 -28.22 27.76
CA PRO H 44 8.71 -28.91 26.65
C PRO H 44 10.01 -28.22 26.21
N ARG H 45 11.07 -29.02 26.00
CA ARG H 45 12.39 -28.53 25.59
C ARG H 45 12.67 -28.93 24.14
N LEU H 46 13.15 -27.97 23.33
CA LEU H 46 13.47 -28.25 21.93
C LEU H 46 14.80 -29.00 21.84
N LEU H 47 14.76 -30.17 21.18
CA LEU H 47 15.93 -31.02 20.99
C LEU H 47 16.49 -30.83 19.58
N ILE H 48 15.66 -31.13 18.56
CA ILE H 48 16.02 -31.05 17.14
C ILE H 48 14.96 -30.28 16.35
N HIS H 49 15.40 -29.41 15.42
CA HIS H 49 14.52 -28.65 14.53
C HIS H 49 15.03 -28.76 13.09
N TYR H 50 14.20 -28.41 12.09
CA TYR H 50 14.53 -28.51 10.66
C TYR H 50 15.05 -29.90 10.31
N THR H 51 14.29 -30.92 10.72
CA THR H 51 14.50 -32.37 10.53
C THR H 51 15.70 -32.92 11.31
N SER H 52 16.91 -32.34 11.15
CA SER H 52 18.13 -32.88 11.75
C SER H 52 18.99 -31.92 12.59
N ALA H 53 18.72 -30.60 12.57
CA ALA H 53 19.53 -29.64 13.33
C ALA H 53 19.37 -29.77 14.84
N LEU H 54 20.45 -30.14 15.53
CA LEU H 54 20.49 -30.31 16.98
C LEU H 54 20.78 -28.98 17.69
N GLN H 55 19.94 -28.66 18.68
CA GLN H 55 20.02 -27.44 19.49
C GLN H 55 21.27 -27.46 20.38
N PRO H 56 22.04 -26.33 20.48
CA PRO H 56 23.24 -26.31 21.34
C PRO H 56 22.93 -26.56 22.82
N GLY H 57 23.47 -27.66 23.33
CA GLY H 57 23.29 -28.10 24.72
C GLY H 57 22.70 -29.50 24.81
N ILE H 58 21.93 -29.90 23.77
CA ILE H 58 21.27 -31.21 23.66
C ILE H 58 22.31 -32.33 23.41
N PRO H 59 22.26 -33.48 24.17
CA PRO H 59 23.25 -34.54 23.95
C PRO H 59 23.26 -35.17 22.55
N SER H 60 24.45 -35.63 22.15
CA SER H 60 24.79 -36.25 20.86
C SER H 60 23.92 -37.45 20.48
N ARG H 61 23.42 -38.20 21.48
CA ARG H 61 22.59 -39.40 21.26
C ARG H 61 21.27 -39.10 20.53
N PHE H 62 20.75 -37.87 20.67
CA PHE H 62 19.52 -37.40 20.02
C PHE H 62 19.79 -36.98 18.58
N SER H 63 18.99 -37.51 17.63
CA SER H 63 19.13 -37.22 16.20
C SER H 63 17.81 -37.37 15.46
N GLY H 64 17.68 -36.62 14.37
CA GLY H 64 16.51 -36.64 13.50
C GLY H 64 16.84 -36.88 12.05
N SER H 65 15.84 -37.37 11.30
CA SER H 65 15.96 -37.68 9.88
C SER H 65 14.59 -37.57 9.19
N GLY H 66 14.56 -37.88 7.89
CA GLY H 66 13.36 -37.86 7.07
C GLY H 66 13.29 -36.71 6.10
N SER H 67 12.36 -36.79 5.15
CA SER H 67 12.10 -35.78 4.12
C SER H 67 10.72 -35.93 3.50
N GLY H 68 10.07 -34.81 3.26
CA GLY H 68 8.74 -34.77 2.65
C GLY H 68 7.60 -35.04 3.60
N ARG H 69 7.18 -36.31 3.67
CA ARG H 69 6.07 -36.76 4.52
C ARG H 69 6.55 -37.58 5.72
N ASP H 70 7.51 -38.50 5.49
CA ASP H 70 8.04 -39.41 6.49
C ASP H 70 9.27 -38.84 7.21
N TYR H 71 9.21 -38.76 8.56
CA TYR H 71 10.27 -38.23 9.43
C TYR H 71 10.51 -39.16 10.61
N THR H 72 11.78 -39.31 11.05
CA THR H 72 12.15 -40.22 12.13
C THR H 72 13.14 -39.62 13.15
N PHE H 73 12.83 -39.79 14.45
CA PHE H 73 13.62 -39.34 15.60
C PHE H 73 14.28 -40.57 16.26
N THR H 74 15.56 -40.44 16.64
CA THR H 74 16.33 -41.55 17.24
C THR H 74 17.19 -41.13 18.44
N ILE H 75 17.12 -41.93 19.52
CA ILE H 75 17.97 -41.81 20.70
C ILE H 75 18.93 -43.01 20.52
N SER H 76 20.23 -42.75 20.32
CA SER H 76 21.23 -43.82 20.08
C SER H 76 21.37 -44.77 21.28
N SER H 77 21.35 -44.23 22.49
CA SER H 77 21.46 -44.99 23.73
C SER H 77 20.58 -44.36 24.81
N LEU H 78 19.42 -44.99 25.08
CA LEU H 78 18.45 -44.50 26.07
C LEU H 78 19.06 -44.42 27.47
N GLN H 79 18.83 -43.30 28.15
CA GLN H 79 19.37 -43.04 29.49
C GLN H 79 18.25 -42.98 30.53
N PRO H 80 18.52 -43.19 31.85
CA PRO H 80 17.43 -43.10 32.83
C PRO H 80 16.83 -41.70 32.97
N GLU H 81 17.53 -40.67 32.47
CA GLU H 81 17.14 -39.26 32.47
C GLU H 81 16.27 -38.88 31.26
N ASP H 82 16.13 -39.81 30.29
CA ASP H 82 15.34 -39.64 29.06
C ASP H 82 13.85 -39.95 29.22
N ILE H 83 13.39 -40.15 30.47
CA ILE H 83 11.97 -40.41 30.78
C ILE H 83 11.17 -39.16 30.48
N ALA H 84 10.34 -39.22 29.43
CA ALA H 84 9.55 -38.08 28.97
C ALA H 84 8.48 -38.48 27.94
N THR H 85 7.70 -37.49 27.53
CA THR H 85 6.67 -37.60 26.50
C THR H 85 7.24 -36.78 25.35
N TYR H 86 7.60 -37.46 24.25
CA TYR H 86 8.20 -36.81 23.09
C TYR H 86 7.19 -36.46 22.04
N TYR H 87 7.28 -35.25 21.47
CA TYR H 87 6.33 -34.75 20.48
C TYR H 87 7.02 -34.24 19.21
N CYS H 88 6.35 -34.41 18.05
CA CYS H 88 6.80 -33.92 16.75
C CYS H 88 5.98 -32.70 16.34
N LEU H 89 6.63 -31.66 15.80
CA LEU H 89 5.96 -30.43 15.39
C LEU H 89 6.23 -30.09 13.93
N GLN H 90 5.18 -29.77 13.18
CA GLN H 90 5.31 -29.31 11.80
C GLN H 90 5.16 -27.79 11.78
N TYR H 91 5.99 -27.10 10.98
CA TYR H 91 5.91 -25.65 10.91
C TYR H 91 6.13 -25.11 9.48
N ASP H 92 5.63 -25.88 8.48
CA ASP H 92 5.67 -25.50 7.06
C ASP H 92 4.55 -24.49 6.80
N ASN H 93 3.29 -24.93 6.95
CA ASN H 93 2.08 -24.13 6.84
C ASN H 93 1.32 -24.36 8.14
N LEU H 94 1.14 -23.29 8.93
CA LEU H 94 0.51 -23.32 10.25
C LEU H 94 1.37 -24.13 11.23
N TRP H 95 0.79 -24.63 12.35
CA TRP H 95 1.54 -25.32 13.40
C TRP H 95 0.73 -26.48 13.99
N THR H 96 1.24 -27.71 13.86
CA THR H 96 0.56 -28.91 14.39
C THR H 96 1.52 -29.80 15.15
N PHE H 97 1.11 -30.25 16.34
CA PHE H 97 1.88 -31.14 17.20
C PHE H 97 1.33 -32.58 17.10
N GLY H 98 2.21 -33.55 17.31
CA GLY H 98 1.87 -34.97 17.27
C GLY H 98 1.14 -35.44 18.51
N GLN H 99 0.60 -36.68 18.44
CA GLN H 99 -0.15 -37.35 19.50
C GLN H 99 0.69 -37.55 20.77
N GLY H 100 1.99 -37.79 20.59
CA GLY H 100 2.95 -38.02 21.66
C GLY H 100 3.44 -39.44 21.74
N THR H 101 4.58 -39.64 22.43
CA THR H 101 5.20 -40.96 22.63
C THR H 101 5.63 -41.05 24.10
N LYS H 102 5.03 -41.99 24.87
CA LYS H 102 5.35 -42.20 26.27
C LYS H 102 6.61 -43.07 26.35
N VAL H 103 7.76 -42.43 26.64
CA VAL H 103 9.04 -43.14 26.73
C VAL H 103 9.37 -43.45 28.18
N GLU H 104 9.36 -44.76 28.50
CA GLU H 104 9.68 -45.31 29.82
C GLU H 104 10.87 -46.28 29.71
N ILE H 105 11.62 -46.44 30.81
CA ILE H 105 12.77 -47.32 30.86
C ILE H 105 12.36 -48.72 31.33
N LYS H 106 12.78 -49.76 30.57
CA LYS H 106 12.52 -51.16 30.90
C LYS H 106 13.68 -51.66 31.77
N ARG H 107 13.38 -52.09 33.01
CA ARG H 107 14.40 -52.54 33.96
C ARG H 107 13.99 -53.78 34.73
N THR H 108 14.94 -54.36 35.48
CA THR H 108 14.73 -55.55 36.32
C THR H 108 13.81 -55.22 37.51
N VAL H 109 13.04 -56.22 37.94
CA VAL H 109 12.04 -56.16 39.01
C VAL H 109 12.64 -55.63 40.35
N ALA H 110 11.96 -54.62 40.93
CA ALA H 110 12.29 -53.99 42.21
C ALA H 110 11.09 -54.09 43.16
N ALA H 111 11.30 -54.70 44.32
CA ALA H 111 10.26 -54.89 45.34
C ALA H 111 9.82 -53.56 45.98
N PRO H 112 8.50 -53.38 46.28
CA PRO H 112 8.07 -52.12 46.92
C PRO H 112 8.36 -52.08 48.42
N SER H 113 8.79 -50.92 48.92
CA SER H 113 9.04 -50.69 50.35
C SER H 113 7.73 -50.17 50.93
N VAL H 114 6.96 -51.06 51.60
CA VAL H 114 5.63 -50.79 52.16
C VAL H 114 5.72 -50.07 53.54
N PHE H 115 4.81 -49.08 53.76
CA PHE H 115 4.67 -48.28 54.99
C PHE H 115 3.19 -47.93 55.25
N ILE H 116 2.70 -48.21 56.47
CA ILE H 116 1.32 -47.92 56.87
C ILE H 116 1.28 -46.70 57.81
N PHE H 117 0.46 -45.71 57.47
CA PHE H 117 0.32 -44.47 58.23
C PHE H 117 -1.08 -44.35 58.85
N PRO H 118 -1.16 -44.18 60.19
CA PRO H 118 -2.49 -44.04 60.82
C PRO H 118 -3.06 -42.62 60.69
N PRO H 119 -4.39 -42.41 60.88
CA PRO H 119 -4.92 -41.03 60.85
C PRO H 119 -4.44 -40.28 62.08
N SER H 120 -3.89 -39.06 61.88
CA SER H 120 -3.37 -38.20 62.96
C SER H 120 -4.48 -37.77 63.93
N ASP H 121 -4.09 -37.41 65.17
CA ASP H 121 -5.04 -36.97 66.20
C ASP H 121 -5.75 -35.65 65.84
N GLU H 122 -5.10 -34.81 65.01
CA GLU H 122 -5.63 -33.52 64.55
C GLU H 122 -6.74 -33.72 63.52
N GLN H 123 -6.61 -34.76 62.68
CA GLN H 123 -7.58 -35.14 61.65
C GLN H 123 -8.84 -35.75 62.29
N LEU H 124 -8.65 -36.56 63.34
CA LEU H 124 -9.75 -37.21 64.07
C LEU H 124 -10.65 -36.18 64.76
N LYS H 125 -10.07 -35.06 65.24
CA LYS H 125 -10.76 -33.93 65.87
C LYS H 125 -11.86 -33.38 64.96
N SER H 126 -11.57 -33.32 63.64
CA SER H 126 -12.51 -32.82 62.61
C SER H 126 -13.65 -33.83 62.29
N GLY H 127 -13.54 -35.05 62.82
CA GLY H 127 -14.54 -36.11 62.65
C GLY H 127 -14.36 -36.99 61.43
N THR H 128 -13.13 -37.06 60.89
CA THR H 128 -12.79 -37.89 59.73
C THR H 128 -11.46 -38.62 59.94
N ALA H 129 -11.28 -39.78 59.29
CA ALA H 129 -10.07 -40.61 59.38
C ALA H 129 -9.55 -41.06 58.01
N SER H 130 -8.27 -40.77 57.72
CA SER H 130 -7.61 -41.16 56.48
C SER H 130 -6.35 -41.99 56.76
N VAL H 131 -6.42 -43.28 56.40
CA VAL H 131 -5.33 -44.25 56.57
C VAL H 131 -4.57 -44.33 55.23
N VAL H 132 -3.26 -44.05 55.25
CA VAL H 132 -2.44 -44.03 54.04
C VAL H 132 -1.45 -45.20 53.99
N CYS H 133 -1.38 -45.89 52.84
CA CYS H 133 -0.43 -46.97 52.57
C CYS H 133 0.56 -46.45 51.52
N LEU H 134 1.84 -46.78 51.67
CA LEU H 134 2.91 -46.35 50.77
C LEU H 134 3.65 -47.53 50.13
N LEU H 135 3.97 -47.43 48.84
CA LEU H 135 4.71 -48.44 48.06
C LEU H 135 5.90 -47.71 47.42
N ASN H 136 6.90 -47.36 48.23
CA ASN H 136 8.08 -46.61 47.85
C ASN H 136 9.11 -47.40 47.00
N ASN H 137 9.39 -46.86 45.79
CA ASN H 137 10.35 -47.32 44.76
C ASN H 137 10.19 -48.79 44.31
N PHE H 138 9.40 -49.02 43.25
CA PHE H 138 9.13 -50.36 42.70
C PHE H 138 9.04 -50.40 41.17
N TYR H 139 9.27 -51.57 40.57
CA TYR H 139 9.16 -51.82 39.12
C TYR H 139 8.75 -53.29 38.88
N PRO H 140 7.81 -53.62 37.95
CA PRO H 140 7.04 -52.74 37.03
C PRO H 140 5.95 -51.92 37.72
N ARG H 141 5.25 -51.06 36.95
CA ARG H 141 4.16 -50.18 37.42
C ARG H 141 3.00 -50.94 38.10
N GLU H 142 2.70 -52.17 37.63
CA GLU H 142 1.64 -53.05 38.14
C GLU H 142 1.86 -53.41 39.61
N ALA H 143 0.88 -53.03 40.47
CA ALA H 143 0.87 -53.27 41.92
C ALA H 143 -0.56 -53.34 42.45
N LYS H 144 -0.87 -54.35 43.30
CA LYS H 144 -2.18 -54.59 43.91
C LYS H 144 -2.18 -54.25 45.41
N VAL H 145 -3.09 -53.36 45.82
CA VAL H 145 -3.25 -52.95 47.22
C VAL H 145 -4.61 -53.43 47.75
N GLN H 146 -4.57 -54.36 48.70
CA GLN H 146 -5.74 -54.93 49.33
C GLN H 146 -5.85 -54.44 50.78
N TRP H 147 -6.78 -53.51 51.03
CA TRP H 147 -7.00 -52.97 52.37
C TRP H 147 -7.82 -53.95 53.20
N LYS H 148 -7.43 -54.17 54.47
CA LYS H 148 -8.11 -55.09 55.37
C LYS H 148 -8.26 -54.51 56.78
N VAL H 149 -9.50 -54.20 57.17
CA VAL H 149 -9.82 -53.68 58.50
C VAL H 149 -10.42 -54.85 59.32
N ASP H 150 -9.58 -55.46 60.20
CA ASP H 150 -9.91 -56.61 61.05
C ASP H 150 -10.38 -57.81 60.21
N ASN H 151 -9.45 -58.37 59.40
CA ASN H 151 -9.63 -59.52 58.49
C ASN H 151 -10.71 -59.29 57.41
N ALA H 152 -11.36 -58.12 57.42
CA ALA H 152 -12.38 -57.74 56.47
C ALA H 152 -11.79 -56.90 55.36
N LEU H 153 -11.86 -57.43 54.13
CA LEU H 153 -11.36 -56.82 52.91
C LEU H 153 -12.19 -55.58 52.58
N GLN H 154 -11.52 -54.44 52.32
CA GLN H 154 -12.15 -53.16 52.02
C GLN H 154 -12.06 -52.80 50.54
N SER H 155 -13.23 -52.69 49.89
CA SER H 155 -13.38 -52.35 48.48
C SER H 155 -14.29 -51.10 48.33
N GLY H 156 -13.81 -50.10 47.61
CA GLY H 156 -14.53 -48.84 47.38
C GLY H 156 -14.14 -47.72 48.33
N ASN H 157 -13.75 -48.06 49.57
CA ASN H 157 -13.35 -47.12 50.62
C ASN H 157 -11.98 -46.48 50.33
N SER H 158 -11.17 -47.15 49.48
CA SER H 158 -9.81 -46.79 49.09
C SER H 158 -9.74 -45.96 47.79
N GLN H 159 -8.64 -45.16 47.65
CA GLN H 159 -8.34 -44.30 46.50
C GLN H 159 -6.80 -44.17 46.35
N GLU H 160 -6.22 -44.75 45.26
CA GLU H 160 -4.77 -44.75 45.05
C GLU H 160 -4.26 -43.77 43.97
N SER H 161 -3.01 -43.31 44.14
CA SER H 161 -2.30 -42.36 43.29
C SER H 161 -0.82 -42.76 43.12
N VAL H 162 -0.41 -43.09 41.87
CA VAL H 162 0.96 -43.50 41.53
C VAL H 162 1.77 -42.33 40.92
N THR H 163 3.09 -42.29 41.19
CA THR H 163 3.97 -41.25 40.62
C THR H 163 4.45 -41.68 39.23
N GLU H 164 5.05 -40.72 38.54
CA GLU H 164 5.72 -40.85 37.25
C GLU H 164 6.97 -41.74 37.48
N GLN H 165 7.60 -42.23 36.42
CA GLN H 165 8.83 -43.01 36.57
C GLN H 165 9.95 -42.08 37.09
N ASP H 166 10.71 -42.50 38.10
CA ASP H 166 11.79 -41.72 38.71
C ASP H 166 12.89 -41.36 37.72
N SER H 167 13.48 -40.16 37.90
CA SER H 167 14.55 -39.62 37.06
C SER H 167 15.88 -40.36 37.24
N LYS H 168 16.13 -40.90 38.44
CA LYS H 168 17.38 -41.58 38.79
C LYS H 168 17.30 -43.11 38.73
N ASP H 169 16.59 -43.76 39.69
CA ASP H 169 16.49 -45.23 39.78
C ASP H 169 15.38 -45.84 38.90
N SER H 170 14.67 -45.02 38.11
CA SER H 170 13.60 -45.43 37.19
C SER H 170 12.55 -46.39 37.79
N THR H 171 12.05 -46.05 38.99
CA THR H 171 11.00 -46.81 39.68
C THR H 171 9.76 -45.95 39.96
N TYR H 172 8.64 -46.60 40.34
CA TYR H 172 7.36 -45.96 40.65
C TYR H 172 7.09 -45.96 42.15
N SER H 173 6.16 -45.10 42.61
CA SER H 173 5.75 -44.99 44.00
C SER H 173 4.23 -44.79 44.05
N LEU H 174 3.52 -45.75 44.67
CA LEU H 174 2.06 -45.76 44.79
C LEU H 174 1.61 -45.43 46.21
N SER H 175 0.47 -44.73 46.34
CA SER H 175 -0.11 -44.35 47.63
C SER H 175 -1.63 -44.54 47.64
N SER H 176 -2.10 -45.58 48.34
CA SER H 176 -3.52 -45.89 48.48
C SER H 176 -4.02 -45.31 49.79
N THR H 177 -5.10 -44.50 49.71
CA THR H 177 -5.68 -43.82 50.85
C THR H 177 -7.09 -44.35 51.16
N LEU H 178 -7.23 -44.98 52.33
CA LEU H 178 -8.49 -45.52 52.84
C LEU H 178 -9.13 -44.47 53.73
N THR H 179 -10.42 -44.18 53.51
CA THR H 179 -11.12 -43.17 54.29
C THR H 179 -12.34 -43.78 55.01
N LEU H 180 -12.51 -43.37 56.29
CA LEU H 180 -13.59 -43.75 57.20
C LEU H 180 -13.91 -42.58 58.15
N SER H 181 -15.09 -42.59 58.76
CA SER H 181 -15.49 -41.55 59.74
C SER H 181 -14.81 -41.84 61.08
N LYS H 182 -14.72 -40.82 61.98
CA LYS H 182 -14.13 -40.98 63.32
C LYS H 182 -14.89 -42.04 64.14
N ALA H 183 -16.18 -42.24 63.82
CA ALA H 183 -17.07 -43.22 64.45
C ALA H 183 -16.77 -44.64 63.98
N ASP H 184 -16.70 -44.87 62.65
CA ASP H 184 -16.41 -46.18 62.05
C ASP H 184 -14.99 -46.62 62.34
N TYR H 185 -14.05 -45.66 62.48
CA TYR H 185 -12.65 -45.89 62.80
C TYR H 185 -12.48 -46.37 64.24
N GLU H 186 -13.28 -45.82 65.16
CA GLU H 186 -13.24 -46.17 66.59
C GLU H 186 -13.90 -47.53 66.89
N LYS H 187 -14.66 -48.09 65.94
CA LYS H 187 -15.36 -49.38 66.08
C LYS H 187 -14.47 -50.60 65.76
N HIS H 188 -13.25 -50.37 65.21
CA HIS H 188 -12.32 -51.45 64.82
C HIS H 188 -10.90 -51.26 65.34
N LYS H 189 -10.12 -52.36 65.42
CA LYS H 189 -8.77 -52.36 65.98
C LYS H 189 -7.60 -52.44 64.97
N VAL H 190 -7.50 -53.55 64.21
CA VAL H 190 -6.38 -53.83 63.30
C VAL H 190 -6.66 -53.35 61.86
N TYR H 191 -5.78 -52.45 61.36
CA TYR H 191 -5.82 -51.86 60.02
C TYR H 191 -4.63 -52.33 59.22
N ALA H 192 -4.88 -53.26 58.27
CA ALA H 192 -3.88 -53.91 57.42
C ALA H 192 -3.84 -53.40 55.98
N CYS H 193 -2.71 -53.68 55.27
CA CYS H 193 -2.47 -53.29 53.88
C CYS H 193 -1.71 -54.43 53.17
N GLU H 194 -2.42 -55.22 52.33
CA GLU H 194 -1.83 -56.37 51.62
C GLU H 194 -1.31 -56.00 50.22
N VAL H 195 0.02 -55.86 50.10
CA VAL H 195 0.69 -55.50 48.87
C VAL H 195 1.10 -56.76 48.07
N THR H 196 0.55 -56.87 46.86
CA THR H 196 0.84 -57.97 45.92
C THR H 196 1.67 -57.35 44.79
N HIS H 197 2.91 -57.80 44.63
CA HIS H 197 3.81 -57.30 43.59
C HIS H 197 4.69 -58.43 43.05
N GLN H 198 5.24 -58.24 41.84
CA GLN H 198 6.14 -59.17 41.14
C GLN H 198 7.48 -59.33 41.89
N GLY H 199 7.93 -58.25 42.54
CA GLY H 199 9.16 -58.20 43.33
C GLY H 199 9.09 -58.96 44.63
N LEU H 200 7.87 -59.23 45.12
CA LEU H 200 7.62 -59.96 46.37
C LEU H 200 7.13 -61.37 46.08
N SER H 201 7.69 -62.35 46.81
CA SER H 201 7.38 -63.78 46.70
C SER H 201 5.94 -64.07 47.13
N SER H 202 5.58 -63.64 48.36
CA SER H 202 4.25 -63.79 48.98
C SER H 202 3.66 -62.38 49.20
N PRO H 203 2.30 -62.20 49.18
CA PRO H 203 1.74 -60.85 49.39
C PRO H 203 2.05 -60.28 50.79
N VAL H 204 2.99 -59.31 50.82
CA VAL H 204 3.47 -58.64 52.03
C VAL H 204 2.40 -57.76 52.67
N THR H 205 2.20 -57.91 53.99
CA THR H 205 1.22 -57.14 54.75
C THR H 205 1.91 -56.30 55.84
N LYS H 206 1.55 -55.00 55.89
CA LYS H 206 2.06 -54.04 56.88
C LYS H 206 0.86 -53.41 57.58
N SER H 207 0.61 -53.82 58.84
CA SER H 207 -0.55 -53.36 59.62
C SER H 207 -0.20 -52.54 60.86
N PHE H 208 -1.24 -52.17 61.62
CA PHE H 208 -1.16 -51.46 62.90
C PHE H 208 -2.46 -51.64 63.70
N ASN H 209 -2.32 -51.76 65.02
CA ASN H 209 -3.44 -51.88 65.93
C ASN H 209 -3.70 -50.49 66.52
N ARG H 210 -4.97 -50.06 66.57
CA ARG H 210 -5.36 -48.75 67.11
C ARG H 210 -4.96 -48.65 68.59
N GLY H 211 -3.96 -47.80 68.85
CA GLY H 211 -3.38 -47.56 70.17
C GLY H 211 -2.01 -48.18 70.33
#